data_7F0K
# 
_entry.id   7F0K 
# 
_audit_conform.dict_name       mmcif_pdbx.dic 
_audit_conform.dict_version    5.398 
_audit_conform.dict_location   http://mmcif.pdb.org/dictionaries/ascii/mmcif_pdbx.dic 
# 
loop_
_database_2.database_id 
_database_2.database_code 
_database_2.pdbx_database_accession 
_database_2.pdbx_DOI 
PDB   7F0K         pdb_00007f0k 10.2210/pdb7f0k/pdb 
WWPDB D_1300022626 ?            ?                   
# 
loop_
_pdbx_audit_revision_history.ordinal 
_pdbx_audit_revision_history.data_content_type 
_pdbx_audit_revision_history.major_revision 
_pdbx_audit_revision_history.minor_revision 
_pdbx_audit_revision_history.revision_date 
1 'Structure model' 1 0 2021-08-11 
2 'Structure model' 1 1 2024-11-06 
# 
_pdbx_audit_revision_details.ordinal             1 
_pdbx_audit_revision_details.revision_ordinal    1 
_pdbx_audit_revision_details.data_content_type   'Structure model' 
_pdbx_audit_revision_details.provider            repository 
_pdbx_audit_revision_details.type                'Initial release' 
_pdbx_audit_revision_details.description         ? 
_pdbx_audit_revision_details.details             ? 
# 
loop_
_pdbx_audit_revision_group.ordinal 
_pdbx_audit_revision_group.revision_ordinal 
_pdbx_audit_revision_group.data_content_type 
_pdbx_audit_revision_group.group 
1 2 'Structure model' 'Data collection'        
2 2 'Structure model' 'Refinement description' 
3 2 'Structure model' 'Structure summary'      
# 
loop_
_pdbx_audit_revision_category.ordinal 
_pdbx_audit_revision_category.revision_ordinal 
_pdbx_audit_revision_category.data_content_type 
_pdbx_audit_revision_category.category 
1 2 'Structure model' chem_comp_atom            
2 2 'Structure model' chem_comp_bond            
3 2 'Structure model' pdbx_entry_details        
4 2 'Structure model' pdbx_modification_feature 
5 2 'Structure model' struct_ncs_dom_lim        
# 
loop_
_pdbx_audit_revision_item.ordinal 
_pdbx_audit_revision_item.revision_ordinal 
_pdbx_audit_revision_item.data_content_type 
_pdbx_audit_revision_item.item 
1 2 'Structure model' '_pdbx_entry_details.has_protein_modification' 
2 2 'Structure model' '_struct_ncs_dom_lim.beg_auth_comp_id'         
3 2 'Structure model' '_struct_ncs_dom_lim.beg_label_asym_id'        
4 2 'Structure model' '_struct_ncs_dom_lim.beg_label_comp_id'        
5 2 'Structure model' '_struct_ncs_dom_lim.beg_label_seq_id'         
6 2 'Structure model' '_struct_ncs_dom_lim.end_auth_comp_id'         
7 2 'Structure model' '_struct_ncs_dom_lim.end_label_asym_id'        
8 2 'Structure model' '_struct_ncs_dom_lim.end_label_comp_id'        
9 2 'Structure model' '_struct_ncs_dom_lim.end_label_seq_id'         
# 
_pdbx_database_status.status_code                     REL 
_pdbx_database_status.status_code_sf                  REL 
_pdbx_database_status.status_code_mr                  ? 
_pdbx_database_status.entry_id                        7F0K 
_pdbx_database_status.recvd_initial_deposition_date   2021-06-05 
_pdbx_database_status.SG_entry                        N 
_pdbx_database_status.deposit_site                    PDBJ 
_pdbx_database_status.process_site                    PDBJ 
_pdbx_database_status.status_code_cs                  ? 
_pdbx_database_status.status_code_nmr_data            ? 
_pdbx_database_status.methods_development_category    ? 
_pdbx_database_status.pdb_format_compatible           Y 
# 
_audit_author.name               'Mo, X.' 
_audit_author.pdbx_ordinal       1 
_audit_author.identifier_ORCID   0000-0001-9580-6178 
# 
_citation.abstract                  ? 
_citation.abstract_id_CAS           ? 
_citation.book_id_ISBN              ? 
_citation.book_publisher            ? 
_citation.book_publisher_city       ? 
_citation.book_title                ? 
_citation.coordinate_linkage        ? 
_citation.country                   ? 
_citation.database_id_Medline       ? 
_citation.details                   ? 
_citation.id                        primary 
_citation.journal_abbrev            'To be published' 
_citation.journal_id_ASTM           ? 
_citation.journal_id_CSD            0353 
_citation.journal_id_ISSN           ? 
_citation.journal_full              ? 
_citation.journal_issue             ? 
_citation.journal_volume            ? 
_citation.language                  ? 
_citation.page_first                ? 
_citation.page_last                 ? 
_citation.title                     
'Structural insight into dynamic characteristic of the polymerized forms of kinetoplastid membrane protein-11' 
_citation.year                      ? 
_citation.database_id_CSD           ? 
_citation.pdbx_database_id_DOI      ? 
_citation.pdbx_database_id_PubMed   ? 
_citation.pdbx_database_id_patent   ? 
_citation.unpublished_flag          ? 
# 
_citation_author.citation_id        primary 
_citation_author.name               'Mo, X.' 
_citation_author.ordinal            1 
_citation_author.identifier_ORCID   0000-0001-9580-6178 
# 
_entity.id                         1 
_entity.type                       polymer 
_entity.src_method                 man 
_entity.pdbx_description           'Kinetoplastid membrane protein KMP-11' 
_entity.formula_weight             11333.037 
_entity.pdbx_number_of_molecules   2 
_entity.pdbx_ec                    ? 
_entity.pdbx_mutation              ? 
_entity.pdbx_fragment              ? 
_entity.details                    ? 
# 
_entity_poly.entity_id                      1 
_entity_poly.type                           'polypeptide(L)' 
_entity_poly.nstd_linkage                   no 
_entity_poly.nstd_monomer                   yes 
_entity_poly.pdbx_seq_one_letter_code       
;(MSE)ATTYEEFAAKLDRLDAEFAKK(MSE)EEQNKRFFADKPDEATLSPE(MSE)KEHYEKFEK(MSE)IQEHTDKFNK
K(MSE)REHSEHFKAKFAELLEQQKNAQFPGK
;
_entity_poly.pdbx_seq_one_letter_code_can   
;MATTYEEFAAKLDRLDAEFAKKMEEQNKRFFADKPDEATLSPEMKEHYEKFEKMIQEHTDKFNKKMREHSEHFKAKFAEL
LEQQKNAQFPGK
;
_entity_poly.pdbx_strand_id                 A,B 
_entity_poly.pdbx_target_identifier         ? 
# 
loop_
_entity_poly_seq.entity_id 
_entity_poly_seq.num 
_entity_poly_seq.mon_id 
_entity_poly_seq.hetero 
1 1  MSE n 
1 2  ALA n 
1 3  THR n 
1 4  THR n 
1 5  TYR n 
1 6  GLU n 
1 7  GLU n 
1 8  PHE n 
1 9  ALA n 
1 10 ALA n 
1 11 LYS n 
1 12 LEU n 
1 13 ASP n 
1 14 ARG n 
1 15 LEU n 
1 16 ASP n 
1 17 ALA n 
1 18 GLU n 
1 19 PHE n 
1 20 ALA n 
1 21 LYS n 
1 22 LYS n 
1 23 MSE n 
1 24 GLU n 
1 25 GLU n 
1 26 GLN n 
1 27 ASN n 
1 28 LYS n 
1 29 ARG n 
1 30 PHE n 
1 31 PHE n 
1 32 ALA n 
1 33 ASP n 
1 34 LYS n 
1 35 PRO n 
1 36 ASP n 
1 37 GLU n 
1 38 ALA n 
1 39 THR n 
1 40 LEU n 
1 41 SER n 
1 42 PRO n 
1 43 GLU n 
1 44 MSE n 
1 45 LYS n 
1 46 GLU n 
1 47 HIS n 
1 48 TYR n 
1 49 GLU n 
1 50 LYS n 
1 51 PHE n 
1 52 GLU n 
1 53 LYS n 
1 54 MSE n 
1 55 ILE n 
1 56 GLN n 
1 57 GLU n 
1 58 HIS n 
1 59 THR n 
1 60 ASP n 
1 61 LYS n 
1 62 PHE n 
1 63 ASN n 
1 64 LYS n 
1 65 LYS n 
1 66 MSE n 
1 67 ARG n 
1 68 GLU n 
1 69 HIS n 
1 70 SER n 
1 71 GLU n 
1 72 HIS n 
1 73 PHE n 
1 74 LYS n 
1 75 ALA n 
1 76 LYS n 
1 77 PHE n 
1 78 ALA n 
1 79 GLU n 
1 80 LEU n 
1 81 LEU n 
1 82 GLU n 
1 83 GLN n 
1 84 GLN n 
1 85 LYS n 
1 86 ASN n 
1 87 ALA n 
1 88 GLN n 
1 89 PHE n 
1 90 PRO n 
1 91 GLY n 
1 92 LYS n 
# 
_entity_src_gen.entity_id                          1 
_entity_src_gen.pdbx_src_id                        1 
_entity_src_gen.pdbx_alt_source_flag               sample 
_entity_src_gen.pdbx_seq_type                      'Biological sequence' 
_entity_src_gen.pdbx_beg_seq_num                   1 
_entity_src_gen.pdbx_end_seq_num                   92 
_entity_src_gen.gene_src_common_name               ? 
_entity_src_gen.gene_src_genus                     ? 
_entity_src_gen.pdbx_gene_src_gene                 'TbgDal_IX8640, TbgDal_IX8650, TbgDal_IX8660, TbgDal_IX8670' 
_entity_src_gen.gene_src_species                   ? 
_entity_src_gen.gene_src_strain                    MHOM/CI/86/DAL972 
_entity_src_gen.gene_src_tissue                    ? 
_entity_src_gen.gene_src_tissue_fraction           ? 
_entity_src_gen.gene_src_details                   ? 
_entity_src_gen.pdbx_gene_src_fragment             ? 
_entity_src_gen.pdbx_gene_src_scientific_name      'Trypanosoma brucei gambiense (strain MHOM/CI/86/DAL972)' 
_entity_src_gen.pdbx_gene_src_ncbi_taxonomy_id     679716 
_entity_src_gen.pdbx_gene_src_variant              ? 
_entity_src_gen.pdbx_gene_src_cell_line            ? 
_entity_src_gen.pdbx_gene_src_atcc                 ? 
_entity_src_gen.pdbx_gene_src_organ                ? 
_entity_src_gen.pdbx_gene_src_organelle            ? 
_entity_src_gen.pdbx_gene_src_cell                 ? 
_entity_src_gen.pdbx_gene_src_cellular_location    ? 
_entity_src_gen.host_org_common_name               ? 
_entity_src_gen.pdbx_host_org_scientific_name      'Escherichia coli' 
_entity_src_gen.pdbx_host_org_ncbi_taxonomy_id     562 
_entity_src_gen.host_org_genus                     ? 
_entity_src_gen.pdbx_host_org_gene                 ? 
_entity_src_gen.pdbx_host_org_organ                ? 
_entity_src_gen.host_org_species                   ? 
_entity_src_gen.pdbx_host_org_tissue               ? 
_entity_src_gen.pdbx_host_org_tissue_fraction      ? 
_entity_src_gen.pdbx_host_org_strain               ? 
_entity_src_gen.pdbx_host_org_variant              ? 
_entity_src_gen.pdbx_host_org_cell_line            ? 
_entity_src_gen.pdbx_host_org_atcc                 ? 
_entity_src_gen.pdbx_host_org_culture_collection   ? 
_entity_src_gen.pdbx_host_org_cell                 ? 
_entity_src_gen.pdbx_host_org_organelle            ? 
_entity_src_gen.pdbx_host_org_cellular_location    ? 
_entity_src_gen.pdbx_host_org_vector_type          ? 
_entity_src_gen.pdbx_host_org_vector               ? 
_entity_src_gen.host_org_details                   ? 
_entity_src_gen.expression_system_id               ? 
_entity_src_gen.plasmid_name                       ? 
_entity_src_gen.plasmid_details                    ? 
_entity_src_gen.pdbx_description                   ? 
# 
loop_
_chem_comp.id 
_chem_comp.type 
_chem_comp.mon_nstd_flag 
_chem_comp.name 
_chem_comp.pdbx_synonyms 
_chem_comp.formula 
_chem_comp.formula_weight 
ALA 'L-peptide linking' y ALANINE          ? 'C3 H7 N O2'     89.093  
ARG 'L-peptide linking' y ARGININE         ? 'C6 H15 N4 O2 1' 175.209 
ASN 'L-peptide linking' y ASPARAGINE       ? 'C4 H8 N2 O3'    132.118 
ASP 'L-peptide linking' y 'ASPARTIC ACID'  ? 'C4 H7 N O4'     133.103 
GLN 'L-peptide linking' y GLUTAMINE        ? 'C5 H10 N2 O3'   146.144 
GLU 'L-peptide linking' y 'GLUTAMIC ACID'  ? 'C5 H9 N O4'     147.129 
GLY 'peptide linking'   y GLYCINE          ? 'C2 H5 N O2'     75.067  
HIS 'L-peptide linking' y HISTIDINE        ? 'C6 H10 N3 O2 1' 156.162 
ILE 'L-peptide linking' y ISOLEUCINE       ? 'C6 H13 N O2'    131.173 
LEU 'L-peptide linking' y LEUCINE          ? 'C6 H13 N O2'    131.173 
LYS 'L-peptide linking' y LYSINE           ? 'C6 H15 N2 O2 1' 147.195 
MSE 'L-peptide linking' n SELENOMETHIONINE ? 'C5 H11 N O2 Se' 196.106 
PHE 'L-peptide linking' y PHENYLALANINE    ? 'C9 H11 N O2'    165.189 
PRO 'L-peptide linking' y PROLINE          ? 'C5 H9 N O2'     115.130 
SER 'L-peptide linking' y SERINE           ? 'C3 H7 N O3'     105.093 
THR 'L-peptide linking' y THREONINE        ? 'C4 H9 N O3'     119.119 
TYR 'L-peptide linking' y TYROSINE         ? 'C9 H11 N O3'    181.189 
# 
loop_
_pdbx_poly_seq_scheme.asym_id 
_pdbx_poly_seq_scheme.entity_id 
_pdbx_poly_seq_scheme.seq_id 
_pdbx_poly_seq_scheme.mon_id 
_pdbx_poly_seq_scheme.ndb_seq_num 
_pdbx_poly_seq_scheme.pdb_seq_num 
_pdbx_poly_seq_scheme.auth_seq_num 
_pdbx_poly_seq_scheme.pdb_mon_id 
_pdbx_poly_seq_scheme.auth_mon_id 
_pdbx_poly_seq_scheme.pdb_strand_id 
_pdbx_poly_seq_scheme.pdb_ins_code 
_pdbx_poly_seq_scheme.hetero 
A 1 1  MSE 1  1  1  MSE MSE A . n 
A 1 2  ALA 2  2  2  ALA ALA A . n 
A 1 3  THR 3  3  3  THR THR A . n 
A 1 4  THR 4  4  4  THR THR A . n 
A 1 5  TYR 5  5  5  TYR TYR A . n 
A 1 6  GLU 6  6  6  GLU GLU A . n 
A 1 7  GLU 7  7  7  GLU GLU A . n 
A 1 8  PHE 8  8  8  PHE PHE A . n 
A 1 9  ALA 9  9  9  ALA ALA A . n 
A 1 10 ALA 10 10 10 ALA ALA A . n 
A 1 11 LYS 11 11 11 LYS LYS A . n 
A 1 12 LEU 12 12 12 LEU LEU A . n 
A 1 13 ASP 13 13 13 ASP ASP A . n 
A 1 14 ARG 14 14 14 ARG ARG A . n 
A 1 15 LEU 15 15 15 LEU LEU A . n 
A 1 16 ASP 16 16 16 ASP ASP A . n 
A 1 17 ALA 17 17 17 ALA ALA A . n 
A 1 18 GLU 18 18 18 GLU GLU A . n 
A 1 19 PHE 19 19 19 PHE PHE A . n 
A 1 20 ALA 20 20 20 ALA ALA A . n 
A 1 21 LYS 21 21 21 LYS LYS A . n 
A 1 22 LYS 22 22 22 LYS LYS A . n 
A 1 23 MSE 23 23 23 MSE MSE A . n 
A 1 24 GLU 24 24 24 GLU GLU A . n 
A 1 25 GLU 25 25 25 GLU GLU A . n 
A 1 26 GLN 26 26 26 GLN GLN A . n 
A 1 27 ASN 27 27 27 ASN ASN A . n 
A 1 28 LYS 28 28 28 LYS LYS A . n 
A 1 29 ARG 29 29 29 ARG ARG A . n 
A 1 30 PHE 30 30 30 PHE PHE A . n 
A 1 31 PHE 31 31 31 PHE PHE A . n 
A 1 32 ALA 32 32 32 ALA ALA A . n 
A 1 33 ASP 33 33 33 ASP ASP A . n 
A 1 34 LYS 34 34 34 LYS LYS A . n 
A 1 35 PRO 35 35 35 PRO PRO A . n 
A 1 36 ASP 36 36 36 ASP ASP A . n 
A 1 37 GLU 37 37 37 GLU GLU A . n 
A 1 38 ALA 38 38 38 ALA ALA A . n 
A 1 39 THR 39 39 39 THR THR A . n 
A 1 40 LEU 40 40 40 LEU LEU A . n 
A 1 41 SER 41 41 41 SER SER A . n 
A 1 42 PRO 42 42 42 PRO PRO A . n 
A 1 43 GLU 43 43 43 GLU GLU A . n 
A 1 44 MSE 44 44 44 MSE MSE A . n 
A 1 45 LYS 45 45 45 LYS LYS A . n 
A 1 46 GLU 46 46 46 GLU GLU A . n 
A 1 47 HIS 47 47 47 HIS HIS A . n 
A 1 48 TYR 48 48 48 TYR TYR A . n 
A 1 49 GLU 49 49 49 GLU GLU A . n 
A 1 50 LYS 50 50 50 LYS LYS A . n 
A 1 51 PHE 51 51 51 PHE PHE A . n 
A 1 52 GLU 52 52 52 GLU GLU A . n 
A 1 53 LYS 53 53 53 LYS LYS A . n 
A 1 54 MSE 54 54 54 MSE MSE A . n 
A 1 55 ILE 55 55 55 ILE ILE A . n 
A 1 56 GLN 56 56 56 GLN GLN A . n 
A 1 57 GLU 57 57 57 GLU GLU A . n 
A 1 58 HIS 58 58 58 HIS HIS A . n 
A 1 59 THR 59 59 59 THR THR A . n 
A 1 60 ASP 60 60 60 ASP ASP A . n 
A 1 61 LYS 61 61 61 LYS LYS A . n 
A 1 62 PHE 62 62 62 PHE PHE A . n 
A 1 63 ASN 63 63 63 ASN ASN A . n 
A 1 64 LYS 64 64 64 LYS LYS A . n 
A 1 65 LYS 65 65 65 LYS LYS A . n 
A 1 66 MSE 66 66 66 MSE MSE A . n 
A 1 67 ARG 67 67 67 ARG ARG A . n 
A 1 68 GLU 68 68 68 GLU GLU A . n 
A 1 69 HIS 69 69 69 HIS HIS A . n 
A 1 70 SER 70 70 70 SER SER A . n 
A 1 71 GLU 71 71 71 GLU GLU A . n 
A 1 72 HIS 72 72 72 HIS HIS A . n 
A 1 73 PHE 73 73 73 PHE PHE A . n 
A 1 74 LYS 74 74 74 LYS LYS A . n 
A 1 75 ALA 75 75 75 ALA ALA A . n 
A 1 76 LYS 76 76 76 LYS LYS A . n 
A 1 77 PHE 77 77 77 PHE PHE A . n 
A 1 78 ALA 78 78 78 ALA ALA A . n 
A 1 79 GLU 79 79 79 GLU GLU A . n 
A 1 80 LEU 80 80 80 LEU LEU A . n 
A 1 81 LEU 81 81 81 LEU LEU A . n 
A 1 82 GLU 82 82 82 GLU GLU A . n 
A 1 83 GLN 83 83 83 GLN GLN A . n 
A 1 84 GLN 84 84 84 GLN GLN A . n 
A 1 85 LYS 85 85 85 LYS LYS A . n 
A 1 86 ASN 86 86 86 ASN ASN A . n 
A 1 87 ALA 87 87 ?  ?   ?   A . n 
A 1 88 GLN 88 88 ?  ?   ?   A . n 
A 1 89 PHE 89 89 ?  ?   ?   A . n 
A 1 90 PRO 90 90 ?  ?   ?   A . n 
A 1 91 GLY 91 91 ?  ?   ?   A . n 
A 1 92 LYS 92 92 ?  ?   ?   A . n 
B 1 1  MSE 1  1  ?  ?   ?   B . n 
B 1 2  ALA 2  2  ?  ?   ?   B . n 
B 1 3  THR 3  3  ?  ?   ?   B . n 
B 1 4  THR 4  4  4  THR THR B . n 
B 1 5  TYR 5  5  5  TYR TYR B . n 
B 1 6  GLU 6  6  6  GLU GLU B . n 
B 1 7  GLU 7  7  7  GLU GLU B . n 
B 1 8  PHE 8  8  8  PHE PHE B . n 
B 1 9  ALA 9  9  9  ALA ALA B . n 
B 1 10 ALA 10 10 10 ALA ALA B . n 
B 1 11 LYS 11 11 11 LYS LYS B . n 
B 1 12 LEU 12 12 12 LEU LEU B . n 
B 1 13 ASP 13 13 13 ASP ASP B . n 
B 1 14 ARG 14 14 14 ARG ARG B . n 
B 1 15 LEU 15 15 15 LEU LEU B . n 
B 1 16 ASP 16 16 16 ASP ASP B . n 
B 1 17 ALA 17 17 17 ALA ALA B . n 
B 1 18 GLU 18 18 18 GLU GLU B . n 
B 1 19 PHE 19 19 19 PHE PHE B . n 
B 1 20 ALA 20 20 20 ALA ALA B . n 
B 1 21 LYS 21 21 21 LYS LYS B . n 
B 1 22 LYS 22 22 22 LYS LYS B . n 
B 1 23 MSE 23 23 23 MSE MSE B . n 
B 1 24 GLU 24 24 24 GLU GLU B . n 
B 1 25 GLU 25 25 25 GLU GLU B . n 
B 1 26 GLN 26 26 26 GLN GLN B . n 
B 1 27 ASN 27 27 27 ASN ASN B . n 
B 1 28 LYS 28 28 28 LYS LYS B . n 
B 1 29 ARG 29 29 29 ARG ARG B . n 
B 1 30 PHE 30 30 30 PHE PHE B . n 
B 1 31 PHE 31 31 31 PHE PHE B . n 
B 1 32 ALA 32 32 32 ALA ALA B . n 
B 1 33 ASP 33 33 33 ASP ASP B . n 
B 1 34 LYS 34 34 34 LYS LYS B . n 
B 1 35 PRO 35 35 35 PRO PRO B . n 
B 1 36 ASP 36 36 36 ASP ASP B . n 
B 1 37 GLU 37 37 37 GLU GLU B . n 
B 1 38 ALA 38 38 38 ALA ALA B . n 
B 1 39 THR 39 39 39 THR THR B . n 
B 1 40 LEU 40 40 40 LEU LEU B . n 
B 1 41 SER 41 41 41 SER SER B . n 
B 1 42 PRO 42 42 42 PRO PRO B . n 
B 1 43 GLU 43 43 43 GLU GLU B . n 
B 1 44 MSE 44 44 44 MSE MSE B . n 
B 1 45 LYS 45 45 45 LYS LYS B . n 
B 1 46 GLU 46 46 46 GLU GLU B . n 
B 1 47 HIS 47 47 47 HIS HIS B . n 
B 1 48 TYR 48 48 48 TYR TYR B . n 
B 1 49 GLU 49 49 49 GLU GLU B . n 
B 1 50 LYS 50 50 50 LYS LYS B . n 
B 1 51 PHE 51 51 51 PHE PHE B . n 
B 1 52 GLU 52 52 52 GLU GLU B . n 
B 1 53 LYS 53 53 53 LYS LYS B . n 
B 1 54 MSE 54 54 54 MSE MSE B . n 
B 1 55 ILE 55 55 55 ILE ILE B . n 
B 1 56 GLN 56 56 56 GLN GLN B . n 
B 1 57 GLU 57 57 57 GLU GLU B . n 
B 1 58 HIS 58 58 58 HIS HIS B . n 
B 1 59 THR 59 59 59 THR THR B . n 
B 1 60 ASP 60 60 60 ASP ASP B . n 
B 1 61 LYS 61 61 61 LYS LYS B . n 
B 1 62 PHE 62 62 62 PHE PHE B . n 
B 1 63 ASN 63 63 63 ASN ASN B . n 
B 1 64 LYS 64 64 64 LYS LYS B . n 
B 1 65 LYS 65 65 65 LYS LYS B . n 
B 1 66 MSE 66 66 66 MSE MSE B . n 
B 1 67 ARG 67 67 67 ARG ARG B . n 
B 1 68 GLU 68 68 68 GLU GLU B . n 
B 1 69 HIS 69 69 69 HIS HIS B . n 
B 1 70 SER 70 70 70 SER SER B . n 
B 1 71 GLU 71 71 71 GLU GLU B . n 
B 1 72 HIS 72 72 72 HIS HIS B . n 
B 1 73 PHE 73 73 73 PHE PHE B . n 
B 1 74 LYS 74 74 74 LYS LYS B . n 
B 1 75 ALA 75 75 75 ALA ALA B . n 
B 1 76 LYS 76 76 76 LYS LYS B . n 
B 1 77 PHE 77 77 77 PHE PHE B . n 
B 1 78 ALA 78 78 78 ALA ALA B . n 
B 1 79 GLU 79 79 79 GLU GLU B . n 
B 1 80 LEU 80 80 80 LEU LEU B . n 
B 1 81 LEU 81 81 ?  ?   ?   B . n 
B 1 82 GLU 82 82 ?  ?   ?   B . n 
B 1 83 GLN 83 83 ?  ?   ?   B . n 
B 1 84 GLN 84 84 ?  ?   ?   B . n 
B 1 85 LYS 85 85 ?  ?   ?   B . n 
B 1 86 ASN 86 86 ?  ?   ?   B . n 
B 1 87 ALA 87 87 ?  ?   ?   B . n 
B 1 88 GLN 88 88 ?  ?   ?   B . n 
B 1 89 PHE 89 89 ?  ?   ?   B . n 
B 1 90 PRO 90 90 ?  ?   ?   B . n 
B 1 91 GLY 91 91 ?  ?   ?   B . n 
B 1 92 LYS 92 92 ?  ?   ?   B . n 
# 
loop_
_software.citation_id 
_software.classification 
_software.compiler_name 
_software.compiler_version 
_software.contact_author 
_software.contact_author_email 
_software.date 
_software.description 
_software.dependencies 
_software.hardware 
_software.language 
_software.location 
_software.mods 
_software.name 
_software.os 
_software.os_version 
_software.type 
_software.version 
_software.pdbx_ordinal 
? refinement        ? ? ? ? ? ? ? ? ? ? ? PHENIX      ? ? ? 1.17.1_3660 1 
? refinement        ? ? ? ? ? ? ? ? ? ? ? PHENIX      ? ? ? 1.17.1_3660 2 
? 'data scaling'    ? ? ? ? ? ? ? ? ? ? ? HKL-2000    ? ? ? .           3 
? 'data extraction' ? ? ? ? ? ? ? ? ? ? ? PDB_EXTRACT ? ? ? 3.27        4 
? 'data reduction'  ? ? ? ? ? ? ? ? ? ? ? HKL-2000    ? ? ? .           5 
? phasing           ? ? ? ? ? ? ? ? ? ? ? PHENIX      ? ? ? 1.14_3260   6 
# 
_cell.angle_alpha                  90.000 
_cell.angle_alpha_esd              ? 
_cell.angle_beta                   90.000 
_cell.angle_beta_esd               ? 
_cell.angle_gamma                  90.000 
_cell.angle_gamma_esd              ? 
_cell.entry_id                     7F0K 
_cell.details                      ? 
_cell.formula_units_Z              ? 
_cell.length_a                     34.899 
_cell.length_a_esd                 ? 
_cell.length_b                     38.544 
_cell.length_b_esd                 ? 
_cell.length_c                     142.095 
_cell.length_c_esd                 ? 
_cell.volume                       191138.671 
_cell.volume_esd                   ? 
_cell.Z_PDB                        8 
_cell.reciprocal_angle_alpha       ? 
_cell.reciprocal_angle_beta        ? 
_cell.reciprocal_angle_gamma       ? 
_cell.reciprocal_angle_alpha_esd   ? 
_cell.reciprocal_angle_beta_esd    ? 
_cell.reciprocal_angle_gamma_esd   ? 
_cell.reciprocal_length_a          ? 
_cell.reciprocal_length_b          ? 
_cell.reciprocal_length_c          ? 
_cell.reciprocal_length_a_esd      ? 
_cell.reciprocal_length_b_esd      ? 
_cell.reciprocal_length_c_esd      ? 
_cell.pdbx_unique_axis             ? 
# 
_symmetry.entry_id                         7F0K 
_symmetry.cell_setting                     ? 
_symmetry.Int_Tables_number                19 
_symmetry.space_group_name_Hall            'P 2ac 2ab' 
_symmetry.space_group_name_H-M             'P 21 21 21' 
_symmetry.pdbx_full_space_group_name_H-M   ? 
# 
_exptl.absorpt_coefficient_mu     ? 
_exptl.absorpt_correction_T_max   ? 
_exptl.absorpt_correction_T_min   ? 
_exptl.absorpt_correction_type    ? 
_exptl.absorpt_process_details    ? 
_exptl.entry_id                   7F0K 
_exptl.crystals_number            1 
_exptl.details                    ? 
_exptl.method                     'X-RAY DIFFRACTION' 
_exptl.method_details             ? 
# 
_exptl_crystal.colour                      ? 
_exptl_crystal.density_diffrn              ? 
_exptl_crystal.density_Matthews            2.15 
_exptl_crystal.density_method              ? 
_exptl_crystal.density_percent_sol         42.86 
_exptl_crystal.description                 ? 
_exptl_crystal.F_000                       ? 
_exptl_crystal.id                          1 
_exptl_crystal.preparation                 ? 
_exptl_crystal.size_max                    ? 
_exptl_crystal.size_mid                    ? 
_exptl_crystal.size_min                    ? 
_exptl_crystal.size_rad                    ? 
_exptl_crystal.colour_lustre               ? 
_exptl_crystal.colour_modifier             ? 
_exptl_crystal.colour_primary              ? 
_exptl_crystal.density_meas                ? 
_exptl_crystal.density_meas_esd            ? 
_exptl_crystal.density_meas_gt             ? 
_exptl_crystal.density_meas_lt             ? 
_exptl_crystal.density_meas_temp           ? 
_exptl_crystal.density_meas_temp_esd       ? 
_exptl_crystal.density_meas_temp_gt        ? 
_exptl_crystal.density_meas_temp_lt        ? 
_exptl_crystal.pdbx_crystal_image_url      ? 
_exptl_crystal.pdbx_crystal_image_format   ? 
_exptl_crystal.pdbx_mosaicity              ? 
_exptl_crystal.pdbx_mosaicity_esd          ? 
# 
_exptl_crystal_grow.apparatus       ? 
_exptl_crystal_grow.atmosphere      ? 
_exptl_crystal_grow.crystal_id      1 
_exptl_crystal_grow.details         ? 
_exptl_crystal_grow.method          'VAPOR DIFFUSION, HANGING DROP' 
_exptl_crystal_grow.method_ref      ? 
_exptl_crystal_grow.pH              ? 
_exptl_crystal_grow.pressure        ? 
_exptl_crystal_grow.pressure_esd    ? 
_exptl_crystal_grow.seeding         ? 
_exptl_crystal_grow.seeding_ref     ? 
_exptl_crystal_grow.temp            280 
_exptl_crystal_grow.temp_details    ? 
_exptl_crystal_grow.temp_esd        ? 
_exptl_crystal_grow.time            ? 
_exptl_crystal_grow.pdbx_details    'Ammonium Sulfate, Polyethylene glycol 4000' 
_exptl_crystal_grow.pdbx_pH_range   ? 
# 
_diffrn.ambient_environment              ? 
_diffrn.ambient_temp                     100 
_diffrn.ambient_temp_details             ? 
_diffrn.ambient_temp_esd                 ? 
_diffrn.crystal_id                       1 
_diffrn.crystal_support                  ? 
_diffrn.crystal_treatment                ? 
_diffrn.details                          ? 
_diffrn.id                               1 
_diffrn.ambient_pressure                 ? 
_diffrn.ambient_pressure_esd             ? 
_diffrn.ambient_pressure_gt              ? 
_diffrn.ambient_pressure_lt              ? 
_diffrn.ambient_temp_gt                  ? 
_diffrn.ambient_temp_lt                  ? 
_diffrn.pdbx_serial_crystal_experiment   N 
# 
_diffrn_detector.details                      ? 
_diffrn_detector.detector                     CCD 
_diffrn_detector.diffrn_id                    1 
_diffrn_detector.type                         'MAR CCD 130 mm' 
_diffrn_detector.area_resol_mean              ? 
_diffrn_detector.dtime                        ? 
_diffrn_detector.pdbx_frames_total            ? 
_diffrn_detector.pdbx_collection_time_total   ? 
_diffrn_detector.pdbx_collection_date         2019-05-14 
_diffrn_detector.pdbx_frequency               ? 
# 
_diffrn_radiation.collimation                      ? 
_diffrn_radiation.diffrn_id                        1 
_diffrn_radiation.filter_edge                      ? 
_diffrn_radiation.inhomogeneity                    ? 
_diffrn_radiation.monochromator                    ? 
_diffrn_radiation.polarisn_norm                    ? 
_diffrn_radiation.polarisn_ratio                   ? 
_diffrn_radiation.probe                            ? 
_diffrn_radiation.type                             ? 
_diffrn_radiation.xray_symbol                      ? 
_diffrn_radiation.wavelength_id                    1 
_diffrn_radiation.pdbx_monochromatic_or_laue_m_l   M 
_diffrn_radiation.pdbx_wavelength_list             ? 
_diffrn_radiation.pdbx_wavelength                  ? 
_diffrn_radiation.pdbx_diffrn_protocol             'SINGLE WAVELENGTH' 
_diffrn_radiation.pdbx_analyzer                    ? 
_diffrn_radiation.pdbx_scattering_type             x-ray 
# 
_diffrn_radiation_wavelength.id           1 
_diffrn_radiation_wavelength.wavelength   0.9790 
_diffrn_radiation_wavelength.wt           1.0 
# 
_diffrn_source.current                     ? 
_diffrn_source.details                     ? 
_diffrn_source.diffrn_id                   1 
_diffrn_source.power                       ? 
_diffrn_source.size                        ? 
_diffrn_source.source                      SYNCHROTRON 
_diffrn_source.target                      ? 
_diffrn_source.type                        'NSRRC BEAMLINE TPS 05A' 
_diffrn_source.voltage                     ? 
_diffrn_source.take-off_angle              ? 
_diffrn_source.pdbx_wavelength_list        0.9790 
_diffrn_source.pdbx_wavelength             ? 
_diffrn_source.pdbx_synchrotron_beamline   'TPS 05A' 
_diffrn_source.pdbx_synchrotron_site       NSRRC 
# 
_reflns.B_iso_Wilson_estimate                          47.80 
_reflns.entry_id                                       7F0K 
_reflns.data_reduction_details                         ? 
_reflns.data_reduction_method                          ? 
_reflns.d_resolution_high                              3.5 
_reflns.d_resolution_low                               50 
_reflns.details                                        ? 
_reflns.limit_h_max                                    ? 
_reflns.limit_h_min                                    ? 
_reflns.limit_k_max                                    ? 
_reflns.limit_k_min                                    ? 
_reflns.limit_l_max                                    ? 
_reflns.limit_l_min                                    ? 
_reflns.number_all                                     ? 
_reflns.number_obs                                     2583 
_reflns.observed_criterion                             ? 
_reflns.observed_criterion_F_max                       ? 
_reflns.observed_criterion_F_min                       ? 
_reflns.observed_criterion_I_max                       ? 
_reflns.observed_criterion_I_min                       ? 
_reflns.observed_criterion_sigma_F                     ? 
_reflns.observed_criterion_sigma_I                     ? 
_reflns.percent_possible_obs                           99.16 
_reflns.R_free_details                                 ? 
_reflns.Rmerge_F_all                                   ? 
_reflns.Rmerge_F_obs                                   ? 
_reflns.Friedel_coverage                               ? 
_reflns.number_gt                                      ? 
_reflns.threshold_expression                           ? 
_reflns.pdbx_redundancy                                3.1 
_reflns.pdbx_Rmerge_I_obs                              ? 
_reflns.pdbx_Rmerge_I_all                              ? 
_reflns.pdbx_Rsym_value                                ? 
_reflns.pdbx_netI_over_av_sigmaI                       ? 
_reflns.pdbx_netI_over_sigmaI                          9 
_reflns.pdbx_res_netI_over_av_sigmaI_2                 ? 
_reflns.pdbx_res_netI_over_sigmaI_2                    ? 
_reflns.pdbx_chi_squared                               ? 
_reflns.pdbx_scaling_rejects                           ? 
_reflns.pdbx_d_res_high_opt                            ? 
_reflns.pdbx_d_res_low_opt                             ? 
_reflns.pdbx_d_res_opt_method                          ? 
_reflns.phase_calculation_details                      ? 
_reflns.pdbx_Rrim_I_all                                ? 
_reflns.pdbx_Rpim_I_all                                ? 
_reflns.pdbx_d_opt                                     ? 
_reflns.pdbx_number_measured_all                       ? 
_reflns.pdbx_diffrn_id                                 1 
_reflns.pdbx_ordinal                                   1 
_reflns.pdbx_CC_half                                   0.8 
_reflns.pdbx_CC_star                                   ? 
_reflns.pdbx_R_split                                   ? 
_reflns.pdbx_aniso_diffraction_limit_axis_1_ortho[1]   ? 
_reflns.pdbx_aniso_diffraction_limit_axis_1_ortho[2]   ? 
_reflns.pdbx_aniso_diffraction_limit_axis_1_ortho[3]   ? 
_reflns.pdbx_aniso_diffraction_limit_axis_2_ortho[1]   ? 
_reflns.pdbx_aniso_diffraction_limit_axis_2_ortho[2]   ? 
_reflns.pdbx_aniso_diffraction_limit_axis_2_ortho[3]   ? 
_reflns.pdbx_aniso_diffraction_limit_axis_3_ortho[1]   ? 
_reflns.pdbx_aniso_diffraction_limit_axis_3_ortho[2]   ? 
_reflns.pdbx_aniso_diffraction_limit_axis_3_ortho[3]   ? 
_reflns.pdbx_aniso_diffraction_limit_1                 ? 
_reflns.pdbx_aniso_diffraction_limit_2                 ? 
_reflns.pdbx_aniso_diffraction_limit_3                 ? 
_reflns.pdbx_aniso_B_tensor_eigenvector_1_ortho[1]     ? 
_reflns.pdbx_aniso_B_tensor_eigenvector_1_ortho[2]     ? 
_reflns.pdbx_aniso_B_tensor_eigenvector_1_ortho[3]     ? 
_reflns.pdbx_aniso_B_tensor_eigenvector_2_ortho[1]     ? 
_reflns.pdbx_aniso_B_tensor_eigenvector_2_ortho[2]     ? 
_reflns.pdbx_aniso_B_tensor_eigenvector_2_ortho[3]     ? 
_reflns.pdbx_aniso_B_tensor_eigenvector_3_ortho[1]     ? 
_reflns.pdbx_aniso_B_tensor_eigenvector_3_ortho[2]     ? 
_reflns.pdbx_aniso_B_tensor_eigenvector_3_ortho[3]     ? 
_reflns.pdbx_aniso_B_tensor_eigenvalue_1               ? 
_reflns.pdbx_aniso_B_tensor_eigenvalue_2               ? 
_reflns.pdbx_aniso_B_tensor_eigenvalue_3               ? 
_reflns.pdbx_orthogonalization_convention              ? 
_reflns.pdbx_percent_possible_ellipsoidal              ? 
_reflns.pdbx_percent_possible_spherical                ? 
_reflns.pdbx_percent_possible_ellipsoidal_anomalous    ? 
_reflns.pdbx_percent_possible_spherical_anomalous      ? 
_reflns.pdbx_redundancy_anomalous                      ? 
_reflns.pdbx_CC_half_anomalous                         ? 
_reflns.pdbx_absDiff_over_sigma_anomalous              ? 
_reflns.pdbx_percent_possible_anomalous                ? 
_reflns.pdbx_observed_signal_threshold                 ? 
_reflns.pdbx_signal_type                               ? 
_reflns.pdbx_signal_details                            ? 
_reflns.pdbx_signal_software_id                        ? 
# 
_reflns_shell.d_res_high                                    3.5 
_reflns_shell.d_res_low                                     3.625 
_reflns_shell.meanI_over_sigI_all                           ? 
_reflns_shell.meanI_over_sigI_obs                           ? 
_reflns_shell.number_measured_all                           ? 
_reflns_shell.number_measured_obs                           ? 
_reflns_shell.number_possible                               ? 
_reflns_shell.number_unique_all                             ? 
_reflns_shell.number_unique_obs                             236 
_reflns_shell.percent_possible_all                          ? 
_reflns_shell.percent_possible_obs                          ? 
_reflns_shell.Rmerge_F_all                                  ? 
_reflns_shell.Rmerge_F_obs                                  ? 
_reflns_shell.Rmerge_I_all                                  ? 
_reflns_shell.Rmerge_I_obs                                  ? 
_reflns_shell.meanI_over_sigI_gt                            ? 
_reflns_shell.meanI_over_uI_all                             ? 
_reflns_shell.meanI_over_uI_gt                              ? 
_reflns_shell.number_measured_gt                            ? 
_reflns_shell.number_unique_gt                              ? 
_reflns_shell.percent_possible_gt                           ? 
_reflns_shell.Rmerge_F_gt                                   ? 
_reflns_shell.Rmerge_I_gt                                   ? 
_reflns_shell.pdbx_redundancy                               ? 
_reflns_shell.pdbx_Rsym_value                               ? 
_reflns_shell.pdbx_chi_squared                              ? 
_reflns_shell.pdbx_netI_over_sigmaI_all                     ? 
_reflns_shell.pdbx_netI_over_sigmaI_obs                     ? 
_reflns_shell.pdbx_Rrim_I_all                               ? 
_reflns_shell.pdbx_Rpim_I_all                               ? 
_reflns_shell.pdbx_rejects                                  ? 
_reflns_shell.pdbx_ordinal                                  1 
_reflns_shell.pdbx_diffrn_id                                1 
_reflns_shell.pdbx_CC_half                                  0.8 
_reflns_shell.pdbx_CC_star                                  ? 
_reflns_shell.pdbx_R_split                                  ? 
_reflns_shell.pdbx_percent_possible_ellipsoidal             ? 
_reflns_shell.pdbx_percent_possible_spherical               ? 
_reflns_shell.pdbx_percent_possible_ellipsoidal_anomalous   ? 
_reflns_shell.pdbx_percent_possible_spherical_anomalous     ? 
_reflns_shell.pdbx_redundancy_anomalous                     ? 
_reflns_shell.pdbx_CC_half_anomalous                        ? 
_reflns_shell.pdbx_absDiff_over_sigma_anomalous             ? 
_reflns_shell.pdbx_percent_possible_anomalous               ? 
# 
_refine.aniso_B[1][1]                            ? 
_refine.aniso_B[1][2]                            ? 
_refine.aniso_B[1][3]                            ? 
_refine.aniso_B[2][2]                            ? 
_refine.aniso_B[2][3]                            ? 
_refine.aniso_B[3][3]                            ? 
_refine.B_iso_max                                ? 
_refine.B_iso_mean                               46.87 
_refine.B_iso_min                                ? 
_refine.correlation_coeff_Fo_to_Fc               ? 
_refine.correlation_coeff_Fo_to_Fc_free          ? 
_refine.details                                  ? 
_refine.diff_density_max                         ? 
_refine.diff_density_max_esd                     ? 
_refine.diff_density_min                         ? 
_refine.diff_density_min_esd                     ? 
_refine.diff_density_rms                         ? 
_refine.diff_density_rms_esd                     ? 
_refine.entry_id                                 7F0K 
_refine.pdbx_refine_id                           'X-RAY DIFFRACTION' 
_refine.ls_abs_structure_details                 ? 
_refine.ls_abs_structure_Flack                   ? 
_refine.ls_abs_structure_Flack_esd               ? 
_refine.ls_abs_structure_Rogers                  ? 
_refine.ls_abs_structure_Rogers_esd              ? 
_refine.ls_d_res_high                            3.50 
_refine.ls_d_res_low                             31.32 
_refine.ls_extinction_coef                       ? 
_refine.ls_extinction_coef_esd                   ? 
_refine.ls_extinction_expression                 ? 
_refine.ls_extinction_method                     ? 
_refine.ls_goodness_of_fit_all                   ? 
_refine.ls_goodness_of_fit_all_esd               ? 
_refine.ls_goodness_of_fit_obs                   ? 
_refine.ls_goodness_of_fit_obs_esd               ? 
_refine.ls_hydrogen_treatment                    ? 
_refine.ls_matrix_type                           ? 
_refine.ls_number_constraints                    ? 
_refine.ls_number_parameters                     ? 
_refine.ls_number_reflns_all                     ? 
_refine.ls_number_reflns_obs                     2581 
_refine.ls_number_reflns_R_free                  128 
_refine.ls_number_reflns_R_work                  2453 
_refine.ls_number_restraints                     ? 
_refine.ls_percent_reflns_obs                    96.52 
_refine.ls_percent_reflns_R_free                 4.96 
_refine.ls_R_factor_all                          ? 
_refine.ls_R_factor_obs                          0.2594 
_refine.ls_R_factor_R_free                       0.2984 
_refine.ls_R_factor_R_free_error                 ? 
_refine.ls_R_factor_R_free_error_details         ? 
_refine.ls_R_factor_R_work                       0.2574 
_refine.ls_R_Fsqd_factor_obs                     ? 
_refine.ls_R_I_factor_obs                        ? 
_refine.ls_redundancy_reflns_all                 ? 
_refine.ls_redundancy_reflns_obs                 ? 
_refine.ls_restrained_S_all                      ? 
_refine.ls_restrained_S_obs                      ? 
_refine.ls_shift_over_esd_max                    ? 
_refine.ls_shift_over_esd_mean                   ? 
_refine.ls_structure_factor_coef                 ? 
_refine.ls_weighting_details                     ? 
_refine.ls_weighting_scheme                      ? 
_refine.ls_wR_factor_all                         ? 
_refine.ls_wR_factor_obs                         ? 
_refine.ls_wR_factor_R_free                      ? 
_refine.ls_wR_factor_R_work                      ? 
_refine.occupancy_max                            ? 
_refine.occupancy_min                            ? 
_refine.solvent_model_details                    'FLAT BULK SOLVENT MODEL' 
_refine.solvent_model_param_bsol                 ? 
_refine.solvent_model_param_ksol                 ? 
_refine.pdbx_R_complete                          ? 
_refine.ls_R_factor_gt                           ? 
_refine.ls_goodness_of_fit_gt                    ? 
_refine.ls_goodness_of_fit_ref                   ? 
_refine.ls_shift_over_su_max                     ? 
_refine.ls_shift_over_su_max_lt                  ? 
_refine.ls_shift_over_su_mean                    ? 
_refine.ls_shift_over_su_mean_lt                 ? 
_refine.pdbx_ls_sigma_I                          ? 
_refine.pdbx_ls_sigma_F                          1.35 
_refine.pdbx_ls_sigma_Fsqd                       ? 
_refine.pdbx_data_cutoff_high_absF               ? 
_refine.pdbx_data_cutoff_high_rms_absF           ? 
_refine.pdbx_data_cutoff_low_absF                ? 
_refine.pdbx_isotropic_thermal_model             ? 
_refine.pdbx_ls_cross_valid_method               'FREE R-VALUE' 
_refine.pdbx_method_to_determine_struct          SAD 
_refine.pdbx_starting_model                      ? 
_refine.pdbx_stereochemistry_target_values       'GeoStd + Monomer Library + CDL v1.2' 
_refine.pdbx_R_Free_selection_details            ? 
_refine.pdbx_stereochem_target_val_spec_case     ? 
_refine.pdbx_overall_ESU_R                       ? 
_refine.pdbx_overall_ESU_R_Free                  ? 
_refine.pdbx_solvent_vdw_probe_radii             1.1100 
_refine.pdbx_solvent_ion_probe_radii             ? 
_refine.pdbx_solvent_shrinkage_radii             0.9000 
_refine.pdbx_real_space_R                        ? 
_refine.pdbx_density_correlation                 ? 
_refine.pdbx_pd_number_of_powder_patterns        ? 
_refine.pdbx_pd_number_of_points                 ? 
_refine.pdbx_pd_meas_number_of_points            ? 
_refine.pdbx_pd_proc_ls_prof_R_factor            ? 
_refine.pdbx_pd_proc_ls_prof_wR_factor           ? 
_refine.pdbx_pd_Marquardt_correlation_coeff      ? 
_refine.pdbx_pd_Fsqrd_R_factor                   ? 
_refine.pdbx_pd_ls_matrix_band_width             ? 
_refine.pdbx_overall_phase_error                 21.8121 
_refine.pdbx_overall_SU_R_free_Cruickshank_DPI   ? 
_refine.pdbx_overall_SU_R_free_Blow_DPI          ? 
_refine.pdbx_overall_SU_R_Blow_DPI               ? 
_refine.pdbx_TLS_residual_ADP_flag               ? 
_refine.pdbx_diffrn_id                           1 
_refine.overall_SU_B                             ? 
_refine.overall_SU_ML                            0.4629 
_refine.overall_SU_R_Cruickshank_DPI             ? 
_refine.overall_SU_R_free                        ? 
_refine.overall_FOM_free_R_set                   ? 
_refine.overall_FOM_work_R_set                   ? 
_refine.pdbx_average_fsc_overall                 ? 
_refine.pdbx_average_fsc_work                    ? 
_refine.pdbx_average_fsc_free                    ? 
# 
_refine_hist.pdbx_refine_id                   'X-RAY DIFFRACTION' 
_refine_hist.cycle_id                         LAST 
_refine_hist.details                          ? 
_refine_hist.d_res_high                       3.50 
_refine_hist.d_res_low                        31.32 
_refine_hist.number_atoms_solvent             0 
_refine_hist.number_atoms_total               1394 
_refine_hist.number_reflns_all                ? 
_refine_hist.number_reflns_obs                ? 
_refine_hist.number_reflns_R_free             ? 
_refine_hist.number_reflns_R_work             ? 
_refine_hist.R_factor_all                     ? 
_refine_hist.R_factor_obs                     ? 
_refine_hist.R_factor_R_free                  ? 
_refine_hist.R_factor_R_work                  ? 
_refine_hist.pdbx_number_residues_total       ? 
_refine_hist.pdbx_B_iso_mean_ligand           ? 
_refine_hist.pdbx_B_iso_mean_solvent          ? 
_refine_hist.pdbx_number_atoms_protein        1394 
_refine_hist.pdbx_number_atoms_nucleic_acid   0 
_refine_hist.pdbx_number_atoms_ligand         0 
_refine_hist.pdbx_number_atoms_lipid          ? 
_refine_hist.pdbx_number_atoms_carb           ? 
_refine_hist.pdbx_pseudo_atom_details         ? 
# 
loop_
_refine_ls_restr.pdbx_refine_id 
_refine_ls_restr.criterion 
_refine_ls_restr.dev_ideal 
_refine_ls_restr.dev_ideal_target 
_refine_ls_restr.number 
_refine_ls_restr.rejects 
_refine_ls_restr.type 
_refine_ls_restr.weight 
_refine_ls_restr.pdbx_restraint_function 
'X-RAY DIFFRACTION' ? 0.0015 ? 1424 ? f_bond_d           ? ? 
'X-RAY DIFFRACTION' ? 0.3341 ? 1888 ? f_angle_d          ? ? 
'X-RAY DIFFRACTION' ? 0.0273 ? 181  ? f_chiral_restr     ? ? 
'X-RAY DIFFRACTION' ? 0.0037 ? 249  ? f_plane_restr      ? ? 
'X-RAY DIFFRACTION' ? 3.1653 ? 171  ? f_dihedral_angle_d ? ? 
# 
_refine_ls_shell.pdbx_refine_id                   'X-RAY DIFFRACTION' 
_refine_ls_shell.d_res_high                       3.50 
_refine_ls_shell.d_res_low                        ? 
_refine_ls_shell.number_reflns_all                ? 
_refine_ls_shell.number_reflns_obs                ? 
_refine_ls_shell.number_reflns_R_free             128 
_refine_ls_shell.number_reflns_R_work             2453 
_refine_ls_shell.percent_reflns_obs               96.52 
_refine_ls_shell.percent_reflns_R_free            ? 
_refine_ls_shell.R_factor_all                     ? 
_refine_ls_shell.R_factor_obs                     ? 
_refine_ls_shell.R_factor_R_free                  0.2984 
_refine_ls_shell.R_factor_R_free_error            ? 
_refine_ls_shell.R_factor_R_work                  0.2574 
_refine_ls_shell.redundancy_reflns_all            ? 
_refine_ls_shell.redundancy_reflns_obs            ? 
_refine_ls_shell.wR_factor_all                    ? 
_refine_ls_shell.wR_factor_obs                    ? 
_refine_ls_shell.wR_factor_R_free                 ? 
_refine_ls_shell.wR_factor_R_work                 ? 
_refine_ls_shell.pdbx_R_complete                  ? 
_refine_ls_shell.pdbx_total_number_of_bins_used   ? 
_refine_ls_shell.pdbx_phase_error                 ? 
_refine_ls_shell.pdbx_fsc_work                    ? 
_refine_ls_shell.pdbx_fsc_free                    ? 
# 
loop_
_struct_ncs_dom.id 
_struct_ncs_dom.pdbx_ens_id 
_struct_ncs_dom.details 
1 1 ? 
2 1 ? 
# 
loop_
_struct_ncs_dom_lim.pdbx_ens_id 
_struct_ncs_dom_lim.dom_id 
_struct_ncs_dom_lim.pdbx_component_id 
_struct_ncs_dom_lim.beg_label_asym_id 
_struct_ncs_dom_lim.beg_label_comp_id 
_struct_ncs_dom_lim.beg_label_seq_id 
_struct_ncs_dom_lim.beg_label_alt_id 
_struct_ncs_dom_lim.end_label_asym_id 
_struct_ncs_dom_lim.end_label_comp_id 
_struct_ncs_dom_lim.end_label_seq_id 
_struct_ncs_dom_lim.end_label_alt_id 
_struct_ncs_dom_lim.beg_auth_asym_id 
_struct_ncs_dom_lim.beg_auth_comp_id 
_struct_ncs_dom_lim.beg_auth_seq_id 
_struct_ncs_dom_lim.end_auth_asym_id 
_struct_ncs_dom_lim.end_auth_comp_id 
_struct_ncs_dom_lim.end_auth_seq_id 
_struct_ncs_dom_lim.pdbx_refine_code 
_struct_ncs_dom_lim.selection_details 
1 1 1  A THR 4  . A LYS 21 . A THR 4  A LYS 21 ? 
;(chain 'A' and resid 4 through 80)
;
1 1 2  A GLU 24 . A PRO 42 . A GLU 24 A PRO 42 ? 
;(chain 'A' and resid 4 through 80)
;
1 1 3  A LYS 45 . A GLU 52 . A LYS 45 A GLU 52 ? 
;(chain 'A' and resid 4 through 80)
;
1 1 4  A ILE 55 . A LYS 64 . A ILE 55 A LYS 64 ? 
;(chain 'A' and resid 4 through 80)
;
1 1 5  A ARG 67 . A GLU 79 . A ARG 67 A GLU 79 ? 
;(chain 'A' and resid 4 through 80)
;
1 2 6  B THR 4  . B LYS 21 . B THR 4  B LYS 21 ? 
;chain 'B'
;
1 2 7  B GLU 24 . B PRO 42 . B GLU 24 B PRO 42 ? 
;chain 'B'
;
1 2 8  B LYS 45 . B GLU 52 . B LYS 45 B GLU 52 ? 
;chain 'B'
;
1 2 9  B ILE 55 . B LYS 64 . B ILE 55 B LYS 64 ? 
;chain 'B'
;
1 2 10 B ARG 67 . B GLU 79 . B ARG 67 B GLU 79 ? 
;chain 'B'
;
# 
_struct_ncs_ens.id        1 
_struct_ncs_ens.details   ? 
# 
_struct.entry_id                     7F0K 
_struct.title                        'Crystal structure of Kmp11' 
_struct.pdbx_model_details           ? 
_struct.pdbx_formula_weight          ? 
_struct.pdbx_formula_weight_method   ? 
_struct.pdbx_model_type_details      ? 
_struct.pdbx_CASP_flag               N 
# 
_struct_keywords.entry_id        7F0K 
_struct_keywords.text            'Kmp11, kinetoplastid, membrane BINDING PROTEIN, LIPID BINDING PROTEIN' 
_struct_keywords.pdbx_keywords   'LIPID BINDING PROTEIN' 
# 
loop_
_struct_asym.id 
_struct_asym.pdbx_blank_PDB_chainid_flag 
_struct_asym.pdbx_modified 
_struct_asym.entity_id 
_struct_asym.details 
A N N 1 ? 
B N N 1 ? 
# 
_struct_ref.id                         1 
_struct_ref.db_name                    UNP 
_struct_ref.db_code                    C9ZZD9_TRYB9 
_struct_ref.pdbx_db_accession          C9ZZD9 
_struct_ref.pdbx_db_isoform            ? 
_struct_ref.entity_id                  1 
_struct_ref.pdbx_seq_one_letter_code   
;MATTYEEFAAKLDRLDAEFAKKMEEQNKRFFADKPDEATLSPEMKEHYEKFEKMIQEHTDKFNKKMREHSEHFKAKFAEL
LEQQKNAQFPGK
;
_struct_ref.pdbx_align_begin           1 
# 
loop_
_struct_ref_seq.align_id 
_struct_ref_seq.ref_id 
_struct_ref_seq.pdbx_PDB_id_code 
_struct_ref_seq.pdbx_strand_id 
_struct_ref_seq.seq_align_beg 
_struct_ref_seq.pdbx_seq_align_beg_ins_code 
_struct_ref_seq.seq_align_end 
_struct_ref_seq.pdbx_seq_align_end_ins_code 
_struct_ref_seq.pdbx_db_accession 
_struct_ref_seq.db_align_beg 
_struct_ref_seq.pdbx_db_align_beg_ins_code 
_struct_ref_seq.db_align_end 
_struct_ref_seq.pdbx_db_align_end_ins_code 
_struct_ref_seq.pdbx_auth_seq_align_beg 
_struct_ref_seq.pdbx_auth_seq_align_end 
1 1 7F0K A 1 ? 92 ? C9ZZD9 1 ? 92 ? 1 92 
2 1 7F0K B 1 ? 92 ? C9ZZD9 1 ? 92 ? 1 92 
# 
_pdbx_struct_assembly.id                   1 
_pdbx_struct_assembly.details              author_and_software_defined_assembly 
_pdbx_struct_assembly.method_details       PISA 
_pdbx_struct_assembly.oligomeric_details   dimeric 
_pdbx_struct_assembly.oligomeric_count     2 
# 
loop_
_pdbx_struct_assembly_prop.biol_id 
_pdbx_struct_assembly_prop.type 
_pdbx_struct_assembly_prop.value 
_pdbx_struct_assembly_prop.details 
1 'ABSA (A^2)' 3110  ? 
1 MORE         -31   ? 
1 'SSA (A^2)'  10810 ? 
# 
_pdbx_struct_assembly_gen.assembly_id       1 
_pdbx_struct_assembly_gen.oper_expression   1 
_pdbx_struct_assembly_gen.asym_id_list      A,B 
# 
_pdbx_struct_assembly_auth_evidence.id                     1 
_pdbx_struct_assembly_auth_evidence.assembly_id            1 
_pdbx_struct_assembly_auth_evidence.experimental_support   'native gel electrophoresis' 
_pdbx_struct_assembly_auth_evidence.details                ~Dimer 
# 
_pdbx_struct_oper_list.id                   1 
_pdbx_struct_oper_list.type                 'identity operation' 
_pdbx_struct_oper_list.name                 1_555 
_pdbx_struct_oper_list.symmetry_operation   x,y,z 
_pdbx_struct_oper_list.matrix[1][1]         1.0000000000 
_pdbx_struct_oper_list.matrix[1][2]         0.0000000000 
_pdbx_struct_oper_list.matrix[1][3]         0.0000000000 
_pdbx_struct_oper_list.vector[1]            0.0000000000 
_pdbx_struct_oper_list.matrix[2][1]         0.0000000000 
_pdbx_struct_oper_list.matrix[2][2]         1.0000000000 
_pdbx_struct_oper_list.matrix[2][3]         0.0000000000 
_pdbx_struct_oper_list.vector[2]            0.0000000000 
_pdbx_struct_oper_list.matrix[3][1]         0.0000000000 
_pdbx_struct_oper_list.matrix[3][2]         0.0000000000 
_pdbx_struct_oper_list.matrix[3][3]         1.0000000000 
_pdbx_struct_oper_list.vector[3]            0.0000000000 
# 
loop_
_struct_conf.conf_type_id 
_struct_conf.id 
_struct_conf.pdbx_PDB_helix_id 
_struct_conf.beg_label_comp_id 
_struct_conf.beg_label_asym_id 
_struct_conf.beg_label_seq_id 
_struct_conf.pdbx_beg_PDB_ins_code 
_struct_conf.end_label_comp_id 
_struct_conf.end_label_asym_id 
_struct_conf.end_label_seq_id 
_struct_conf.pdbx_end_PDB_ins_code 
_struct_conf.beg_auth_comp_id 
_struct_conf.beg_auth_asym_id 
_struct_conf.beg_auth_seq_id 
_struct_conf.end_auth_comp_id 
_struct_conf.end_auth_asym_id 
_struct_conf.end_auth_seq_id 
_struct_conf.pdbx_PDB_helix_class 
_struct_conf.details 
_struct_conf.pdbx_PDB_helix_length 
HELX_P HELX_P1 AA1 MSE A 1  ? ALA A 32 ? MSE A 1  ALA A 32 1 ? 32 
HELX_P HELX_P2 AA2 SER A 41 ? ASN A 86 ? SER A 41 ASN A 86 1 ? 46 
HELX_P HELX_P3 AA3 TYR B 5  ? PHE B 31 ? TYR B 5  PHE B 31 1 ? 27 
HELX_P HELX_P4 AA4 ALA B 32 ? LYS B 34 ? ALA B 32 LYS B 34 5 ? 3  
HELX_P HELX_P5 AA5 SER B 41 ? LEU B 80 ? SER B 41 LEU B 80 1 ? 40 
# 
_struct_conf_type.id          HELX_P 
_struct_conf_type.criteria    ? 
_struct_conf_type.reference   ? 
# 
loop_
_struct_conn.id 
_struct_conn.conn_type_id 
_struct_conn.pdbx_leaving_atom_flag 
_struct_conn.pdbx_PDB_id 
_struct_conn.ptnr1_label_asym_id 
_struct_conn.ptnr1_label_comp_id 
_struct_conn.ptnr1_label_seq_id 
_struct_conn.ptnr1_label_atom_id 
_struct_conn.pdbx_ptnr1_label_alt_id 
_struct_conn.pdbx_ptnr1_PDB_ins_code 
_struct_conn.pdbx_ptnr1_standard_comp_id 
_struct_conn.ptnr1_symmetry 
_struct_conn.ptnr2_label_asym_id 
_struct_conn.ptnr2_label_comp_id 
_struct_conn.ptnr2_label_seq_id 
_struct_conn.ptnr2_label_atom_id 
_struct_conn.pdbx_ptnr2_label_alt_id 
_struct_conn.pdbx_ptnr2_PDB_ins_code 
_struct_conn.ptnr1_auth_asym_id 
_struct_conn.ptnr1_auth_comp_id 
_struct_conn.ptnr1_auth_seq_id 
_struct_conn.ptnr2_auth_asym_id 
_struct_conn.ptnr2_auth_comp_id 
_struct_conn.ptnr2_auth_seq_id 
_struct_conn.ptnr2_symmetry 
_struct_conn.pdbx_ptnr3_label_atom_id 
_struct_conn.pdbx_ptnr3_label_seq_id 
_struct_conn.pdbx_ptnr3_label_comp_id 
_struct_conn.pdbx_ptnr3_label_asym_id 
_struct_conn.pdbx_ptnr3_label_alt_id 
_struct_conn.pdbx_ptnr3_PDB_ins_code 
_struct_conn.details 
_struct_conn.pdbx_dist_value 
_struct_conn.pdbx_value_order 
_struct_conn.pdbx_role 
covale1  covale both ? A MSE 1  C ? ? ? 1_555 A ALA 2  N ? ? A MSE 1  A ALA 2  1_555 ? ? ? ? ? ? ? 1.335 ? ? 
covale2  covale both ? A LYS 22 C ? ? ? 1_555 A MSE 23 N ? ? A LYS 22 A MSE 23 1_555 ? ? ? ? ? ? ? 1.328 ? ? 
covale3  covale both ? A MSE 23 C ? ? ? 1_555 A GLU 24 N ? ? A MSE 23 A GLU 24 1_555 ? ? ? ? ? ? ? 1.335 ? ? 
covale4  covale both ? A GLU 43 C ? ? ? 1_555 A MSE 44 N ? ? A GLU 43 A MSE 44 1_555 ? ? ? ? ? ? ? 1.330 ? ? 
covale5  covale both ? A MSE 44 C ? ? ? 1_555 A LYS 45 N ? ? A MSE 44 A LYS 45 1_555 ? ? ? ? ? ? ? 1.336 ? ? 
covale6  covale both ? A LYS 53 C ? ? ? 1_555 A MSE 54 N ? ? A LYS 53 A MSE 54 1_555 ? ? ? ? ? ? ? 1.330 ? ? 
covale7  covale both ? A MSE 54 C ? ? ? 1_555 A ILE 55 N ? ? A MSE 54 A ILE 55 1_555 ? ? ? ? ? ? ? 1.335 ? ? 
covale8  covale both ? A LYS 65 C ? ? ? 1_555 A MSE 66 N ? ? A LYS 65 A MSE 66 1_555 ? ? ? ? ? ? ? 1.329 ? ? 
covale9  covale both ? A MSE 66 C ? ? ? 1_555 A ARG 67 N ? ? A MSE 66 A ARG 67 1_555 ? ? ? ? ? ? ? 1.337 ? ? 
covale10 covale both ? B LYS 22 C ? ? ? 1_555 B MSE 23 N ? ? B LYS 22 B MSE 23 1_555 ? ? ? ? ? ? ? 1.327 ? ? 
covale11 covale both ? B MSE 23 C ? ? ? 1_555 B GLU 24 N ? ? B MSE 23 B GLU 24 1_555 ? ? ? ? ? ? ? 1.334 ? ? 
covale12 covale both ? B GLU 43 C ? ? ? 1_555 B MSE 44 N ? ? B GLU 43 B MSE 44 1_555 ? ? ? ? ? ? ? 1.331 ? ? 
covale13 covale both ? B MSE 44 C ? ? ? 1_555 B LYS 45 N ? ? B MSE 44 B LYS 45 1_555 ? ? ? ? ? ? ? 1.334 ? ? 
covale14 covale both ? B LYS 53 C ? ? ? 1_555 B MSE 54 N ? ? B LYS 53 B MSE 54 1_555 ? ? ? ? ? ? ? 1.329 ? ? 
covale15 covale both ? B MSE 54 C ? ? ? 1_555 B ILE 55 N ? ? B MSE 54 B ILE 55 1_555 ? ? ? ? ? ? ? 1.335 ? ? 
covale16 covale both ? B LYS 65 C ? ? ? 1_555 B MSE 66 N ? ? B LYS 65 B MSE 66 1_555 ? ? ? ? ? ? ? 1.330 ? ? 
covale17 covale both ? B MSE 66 C ? ? ? 1_555 B ARG 67 N ? ? B MSE 66 B ARG 67 1_555 ? ? ? ? ? ? ? 1.334 ? ? 
# 
_struct_conn_type.id          covale 
_struct_conn_type.criteria    ? 
_struct_conn_type.reference   ? 
# 
loop_
_pdbx_modification_feature.ordinal 
_pdbx_modification_feature.label_comp_id 
_pdbx_modification_feature.label_asym_id 
_pdbx_modification_feature.label_seq_id 
_pdbx_modification_feature.label_alt_id 
_pdbx_modification_feature.modified_residue_label_comp_id 
_pdbx_modification_feature.modified_residue_label_asym_id 
_pdbx_modification_feature.modified_residue_label_seq_id 
_pdbx_modification_feature.modified_residue_label_alt_id 
_pdbx_modification_feature.auth_comp_id 
_pdbx_modification_feature.auth_asym_id 
_pdbx_modification_feature.auth_seq_id 
_pdbx_modification_feature.PDB_ins_code 
_pdbx_modification_feature.symmetry 
_pdbx_modification_feature.modified_residue_auth_comp_id 
_pdbx_modification_feature.modified_residue_auth_asym_id 
_pdbx_modification_feature.modified_residue_auth_seq_id 
_pdbx_modification_feature.modified_residue_PDB_ins_code 
_pdbx_modification_feature.modified_residue_symmetry 
_pdbx_modification_feature.comp_id_linking_atom 
_pdbx_modification_feature.modified_residue_id_linking_atom 
_pdbx_modification_feature.modified_residue_id 
_pdbx_modification_feature.ref_pcm_id 
_pdbx_modification_feature.ref_comp_id 
_pdbx_modification_feature.type 
_pdbx_modification_feature.category 
1 MSE A 1  ? . . . . MSE A 1  ? 1_555 . . . . . . . MET 1 MSE Selenomethionine 'Named protein modification' 
2 MSE A 23 ? . . . . MSE A 23 ? 1_555 . . . . . . . MET 1 MSE Selenomethionine 'Named protein modification' 
3 MSE A 44 ? . . . . MSE A 44 ? 1_555 . . . . . . . MET 1 MSE Selenomethionine 'Named protein modification' 
4 MSE A 54 ? . . . . MSE A 54 ? 1_555 . . . . . . . MET 1 MSE Selenomethionine 'Named protein modification' 
5 MSE A 66 ? . . . . MSE A 66 ? 1_555 . . . . . . . MET 1 MSE Selenomethionine 'Named protein modification' 
6 MSE B 23 ? . . . . MSE B 23 ? 1_555 . . . . . . . MET 1 MSE Selenomethionine 'Named protein modification' 
7 MSE B 44 ? . . . . MSE B 44 ? 1_555 . . . . . . . MET 1 MSE Selenomethionine 'Named protein modification' 
8 MSE B 54 ? . . . . MSE B 54 ? 1_555 . . . . . . . MET 1 MSE Selenomethionine 'Named protein modification' 
9 MSE B 66 ? . . . . MSE B 66 ? 1_555 . . . . . . . MET 1 MSE Selenomethionine 'Named protein modification' 
# 
_pdbx_entry_details.entry_id                   7F0K 
_pdbx_entry_details.nonpolymer_details         ? 
_pdbx_entry_details.sequence_details           ? 
_pdbx_entry_details.compound_details           ? 
_pdbx_entry_details.source_details             ? 
_pdbx_entry_details.has_ligand_of_interest     N 
_pdbx_entry_details.has_protein_modification   Y 
# 
loop_
_pdbx_struct_mod_residue.id 
_pdbx_struct_mod_residue.label_asym_id 
_pdbx_struct_mod_residue.label_comp_id 
_pdbx_struct_mod_residue.label_seq_id 
_pdbx_struct_mod_residue.auth_asym_id 
_pdbx_struct_mod_residue.auth_comp_id 
_pdbx_struct_mod_residue.auth_seq_id 
_pdbx_struct_mod_residue.PDB_ins_code 
_pdbx_struct_mod_residue.parent_comp_id 
_pdbx_struct_mod_residue.details 
1 A MSE 1  A MSE 1  ? MET 'modified residue' 
2 A MSE 23 A MSE 23 ? MET 'modified residue' 
3 A MSE 44 A MSE 44 ? MET 'modified residue' 
4 A MSE 54 A MSE 54 ? MET 'modified residue' 
5 A MSE 66 A MSE 66 ? MET 'modified residue' 
6 B MSE 23 B MSE 23 ? MET 'modified residue' 
7 B MSE 44 B MSE 44 ? MET 'modified residue' 
8 B MSE 54 B MSE 54 ? MET 'modified residue' 
9 B MSE 66 B MSE 66 ? MET 'modified residue' 
# 
loop_
_pdbx_unobs_or_zero_occ_residues.id 
_pdbx_unobs_or_zero_occ_residues.PDB_model_num 
_pdbx_unobs_or_zero_occ_residues.polymer_flag 
_pdbx_unobs_or_zero_occ_residues.occupancy_flag 
_pdbx_unobs_or_zero_occ_residues.auth_asym_id 
_pdbx_unobs_or_zero_occ_residues.auth_comp_id 
_pdbx_unobs_or_zero_occ_residues.auth_seq_id 
_pdbx_unobs_or_zero_occ_residues.PDB_ins_code 
_pdbx_unobs_or_zero_occ_residues.label_asym_id 
_pdbx_unobs_or_zero_occ_residues.label_comp_id 
_pdbx_unobs_or_zero_occ_residues.label_seq_id 
1  1 Y 1 A ALA 87 ? A ALA 87 
2  1 Y 1 A GLN 88 ? A GLN 88 
3  1 Y 1 A PHE 89 ? A PHE 89 
4  1 Y 1 A PRO 90 ? A PRO 90 
5  1 Y 1 A GLY 91 ? A GLY 91 
6  1 Y 1 A LYS 92 ? A LYS 92 
7  1 Y 1 B MSE 1  ? B MSE 1  
8  1 Y 1 B ALA 2  ? B ALA 2  
9  1 Y 1 B THR 3  ? B THR 3  
10 1 Y 1 B LEU 81 ? B LEU 81 
11 1 Y 1 B GLU 82 ? B GLU 82 
12 1 Y 1 B GLN 83 ? B GLN 83 
13 1 Y 1 B GLN 84 ? B GLN 84 
14 1 Y 1 B LYS 85 ? B LYS 85 
15 1 Y 1 B ASN 86 ? B ASN 86 
16 1 Y 1 B ALA 87 ? B ALA 87 
17 1 Y 1 B GLN 88 ? B GLN 88 
18 1 Y 1 B PHE 89 ? B PHE 89 
19 1 Y 1 B PRO 90 ? B PRO 90 
20 1 Y 1 B GLY 91 ? B GLY 91 
21 1 Y 1 B LYS 92 ? B LYS 92 
# 
loop_
_chem_comp_atom.comp_id 
_chem_comp_atom.atom_id 
_chem_comp_atom.type_symbol 
_chem_comp_atom.pdbx_aromatic_flag 
_chem_comp_atom.pdbx_stereo_config 
_chem_comp_atom.pdbx_ordinal 
ALA N    N  N N 1   
ALA CA   C  N S 2   
ALA C    C  N N 3   
ALA O    O  N N 4   
ALA CB   C  N N 5   
ALA OXT  O  N N 6   
ALA H    H  N N 7   
ALA H2   H  N N 8   
ALA HA   H  N N 9   
ALA HB1  H  N N 10  
ALA HB2  H  N N 11  
ALA HB3  H  N N 12  
ALA HXT  H  N N 13  
ARG N    N  N N 14  
ARG CA   C  N S 15  
ARG C    C  N N 16  
ARG O    O  N N 17  
ARG CB   C  N N 18  
ARG CG   C  N N 19  
ARG CD   C  N N 20  
ARG NE   N  N N 21  
ARG CZ   C  N N 22  
ARG NH1  N  N N 23  
ARG NH2  N  N N 24  
ARG OXT  O  N N 25  
ARG H    H  N N 26  
ARG H2   H  N N 27  
ARG HA   H  N N 28  
ARG HB2  H  N N 29  
ARG HB3  H  N N 30  
ARG HG2  H  N N 31  
ARG HG3  H  N N 32  
ARG HD2  H  N N 33  
ARG HD3  H  N N 34  
ARG HE   H  N N 35  
ARG HH11 H  N N 36  
ARG HH12 H  N N 37  
ARG HH21 H  N N 38  
ARG HH22 H  N N 39  
ARG HXT  H  N N 40  
ASN N    N  N N 41  
ASN CA   C  N S 42  
ASN C    C  N N 43  
ASN O    O  N N 44  
ASN CB   C  N N 45  
ASN CG   C  N N 46  
ASN OD1  O  N N 47  
ASN ND2  N  N N 48  
ASN OXT  O  N N 49  
ASN H    H  N N 50  
ASN H2   H  N N 51  
ASN HA   H  N N 52  
ASN HB2  H  N N 53  
ASN HB3  H  N N 54  
ASN HD21 H  N N 55  
ASN HD22 H  N N 56  
ASN HXT  H  N N 57  
ASP N    N  N N 58  
ASP CA   C  N S 59  
ASP C    C  N N 60  
ASP O    O  N N 61  
ASP CB   C  N N 62  
ASP CG   C  N N 63  
ASP OD1  O  N N 64  
ASP OD2  O  N N 65  
ASP OXT  O  N N 66  
ASP H    H  N N 67  
ASP H2   H  N N 68  
ASP HA   H  N N 69  
ASP HB2  H  N N 70  
ASP HB3  H  N N 71  
ASP HD2  H  N N 72  
ASP HXT  H  N N 73  
GLN N    N  N N 74  
GLN CA   C  N S 75  
GLN C    C  N N 76  
GLN O    O  N N 77  
GLN CB   C  N N 78  
GLN CG   C  N N 79  
GLN CD   C  N N 80  
GLN OE1  O  N N 81  
GLN NE2  N  N N 82  
GLN OXT  O  N N 83  
GLN H    H  N N 84  
GLN H2   H  N N 85  
GLN HA   H  N N 86  
GLN HB2  H  N N 87  
GLN HB3  H  N N 88  
GLN HG2  H  N N 89  
GLN HG3  H  N N 90  
GLN HE21 H  N N 91  
GLN HE22 H  N N 92  
GLN HXT  H  N N 93  
GLU N    N  N N 94  
GLU CA   C  N S 95  
GLU C    C  N N 96  
GLU O    O  N N 97  
GLU CB   C  N N 98  
GLU CG   C  N N 99  
GLU CD   C  N N 100 
GLU OE1  O  N N 101 
GLU OE2  O  N N 102 
GLU OXT  O  N N 103 
GLU H    H  N N 104 
GLU H2   H  N N 105 
GLU HA   H  N N 106 
GLU HB2  H  N N 107 
GLU HB3  H  N N 108 
GLU HG2  H  N N 109 
GLU HG3  H  N N 110 
GLU HE2  H  N N 111 
GLU HXT  H  N N 112 
GLY N    N  N N 113 
GLY CA   C  N N 114 
GLY C    C  N N 115 
GLY O    O  N N 116 
GLY OXT  O  N N 117 
GLY H    H  N N 118 
GLY H2   H  N N 119 
GLY HA2  H  N N 120 
GLY HA3  H  N N 121 
GLY HXT  H  N N 122 
HIS N    N  N N 123 
HIS CA   C  N S 124 
HIS C    C  N N 125 
HIS O    O  N N 126 
HIS CB   C  N N 127 
HIS CG   C  Y N 128 
HIS ND1  N  Y N 129 
HIS CD2  C  Y N 130 
HIS CE1  C  Y N 131 
HIS NE2  N  Y N 132 
HIS OXT  O  N N 133 
HIS H    H  N N 134 
HIS H2   H  N N 135 
HIS HA   H  N N 136 
HIS HB2  H  N N 137 
HIS HB3  H  N N 138 
HIS HD1  H  N N 139 
HIS HD2  H  N N 140 
HIS HE1  H  N N 141 
HIS HE2  H  N N 142 
HIS HXT  H  N N 143 
ILE N    N  N N 144 
ILE CA   C  N S 145 
ILE C    C  N N 146 
ILE O    O  N N 147 
ILE CB   C  N S 148 
ILE CG1  C  N N 149 
ILE CG2  C  N N 150 
ILE CD1  C  N N 151 
ILE OXT  O  N N 152 
ILE H    H  N N 153 
ILE H2   H  N N 154 
ILE HA   H  N N 155 
ILE HB   H  N N 156 
ILE HG12 H  N N 157 
ILE HG13 H  N N 158 
ILE HG21 H  N N 159 
ILE HG22 H  N N 160 
ILE HG23 H  N N 161 
ILE HD11 H  N N 162 
ILE HD12 H  N N 163 
ILE HD13 H  N N 164 
ILE HXT  H  N N 165 
LEU N    N  N N 166 
LEU CA   C  N S 167 
LEU C    C  N N 168 
LEU O    O  N N 169 
LEU CB   C  N N 170 
LEU CG   C  N N 171 
LEU CD1  C  N N 172 
LEU CD2  C  N N 173 
LEU OXT  O  N N 174 
LEU H    H  N N 175 
LEU H2   H  N N 176 
LEU HA   H  N N 177 
LEU HB2  H  N N 178 
LEU HB3  H  N N 179 
LEU HG   H  N N 180 
LEU HD11 H  N N 181 
LEU HD12 H  N N 182 
LEU HD13 H  N N 183 
LEU HD21 H  N N 184 
LEU HD22 H  N N 185 
LEU HD23 H  N N 186 
LEU HXT  H  N N 187 
LYS N    N  N N 188 
LYS CA   C  N S 189 
LYS C    C  N N 190 
LYS O    O  N N 191 
LYS CB   C  N N 192 
LYS CG   C  N N 193 
LYS CD   C  N N 194 
LYS CE   C  N N 195 
LYS NZ   N  N N 196 
LYS OXT  O  N N 197 
LYS H    H  N N 198 
LYS H2   H  N N 199 
LYS HA   H  N N 200 
LYS HB2  H  N N 201 
LYS HB3  H  N N 202 
LYS HG2  H  N N 203 
LYS HG3  H  N N 204 
LYS HD2  H  N N 205 
LYS HD3  H  N N 206 
LYS HE2  H  N N 207 
LYS HE3  H  N N 208 
LYS HZ1  H  N N 209 
LYS HZ2  H  N N 210 
LYS HZ3  H  N N 211 
LYS HXT  H  N N 212 
MSE N    N  N N 213 
MSE CA   C  N S 214 
MSE C    C  N N 215 
MSE O    O  N N 216 
MSE OXT  O  N N 217 
MSE CB   C  N N 218 
MSE CG   C  N N 219 
MSE SE   SE N N 220 
MSE CE   C  N N 221 
MSE H    H  N N 222 
MSE H2   H  N N 223 
MSE HA   H  N N 224 
MSE HXT  H  N N 225 
MSE HB2  H  N N 226 
MSE HB3  H  N N 227 
MSE HG2  H  N N 228 
MSE HG3  H  N N 229 
MSE HE1  H  N N 230 
MSE HE2  H  N N 231 
MSE HE3  H  N N 232 
PHE N    N  N N 233 
PHE CA   C  N S 234 
PHE C    C  N N 235 
PHE O    O  N N 236 
PHE CB   C  N N 237 
PHE CG   C  Y N 238 
PHE CD1  C  Y N 239 
PHE CD2  C  Y N 240 
PHE CE1  C  Y N 241 
PHE CE2  C  Y N 242 
PHE CZ   C  Y N 243 
PHE OXT  O  N N 244 
PHE H    H  N N 245 
PHE H2   H  N N 246 
PHE HA   H  N N 247 
PHE HB2  H  N N 248 
PHE HB3  H  N N 249 
PHE HD1  H  N N 250 
PHE HD2  H  N N 251 
PHE HE1  H  N N 252 
PHE HE2  H  N N 253 
PHE HZ   H  N N 254 
PHE HXT  H  N N 255 
PRO N    N  N N 256 
PRO CA   C  N S 257 
PRO C    C  N N 258 
PRO O    O  N N 259 
PRO CB   C  N N 260 
PRO CG   C  N N 261 
PRO CD   C  N N 262 
PRO OXT  O  N N 263 
PRO H    H  N N 264 
PRO HA   H  N N 265 
PRO HB2  H  N N 266 
PRO HB3  H  N N 267 
PRO HG2  H  N N 268 
PRO HG3  H  N N 269 
PRO HD2  H  N N 270 
PRO HD3  H  N N 271 
PRO HXT  H  N N 272 
SER N    N  N N 273 
SER CA   C  N S 274 
SER C    C  N N 275 
SER O    O  N N 276 
SER CB   C  N N 277 
SER OG   O  N N 278 
SER OXT  O  N N 279 
SER H    H  N N 280 
SER H2   H  N N 281 
SER HA   H  N N 282 
SER HB2  H  N N 283 
SER HB3  H  N N 284 
SER HG   H  N N 285 
SER HXT  H  N N 286 
THR N    N  N N 287 
THR CA   C  N S 288 
THR C    C  N N 289 
THR O    O  N N 290 
THR CB   C  N R 291 
THR OG1  O  N N 292 
THR CG2  C  N N 293 
THR OXT  O  N N 294 
THR H    H  N N 295 
THR H2   H  N N 296 
THR HA   H  N N 297 
THR HB   H  N N 298 
THR HG1  H  N N 299 
THR HG21 H  N N 300 
THR HG22 H  N N 301 
THR HG23 H  N N 302 
THR HXT  H  N N 303 
TYR N    N  N N 304 
TYR CA   C  N S 305 
TYR C    C  N N 306 
TYR O    O  N N 307 
TYR CB   C  N N 308 
TYR CG   C  Y N 309 
TYR CD1  C  Y N 310 
TYR CD2  C  Y N 311 
TYR CE1  C  Y N 312 
TYR CE2  C  Y N 313 
TYR CZ   C  Y N 314 
TYR OH   O  N N 315 
TYR OXT  O  N N 316 
TYR H    H  N N 317 
TYR H2   H  N N 318 
TYR HA   H  N N 319 
TYR HB2  H  N N 320 
TYR HB3  H  N N 321 
TYR HD1  H  N N 322 
TYR HD2  H  N N 323 
TYR HE1  H  N N 324 
TYR HE2  H  N N 325 
TYR HH   H  N N 326 
TYR HXT  H  N N 327 
# 
loop_
_chem_comp_bond.comp_id 
_chem_comp_bond.atom_id_1 
_chem_comp_bond.atom_id_2 
_chem_comp_bond.value_order 
_chem_comp_bond.pdbx_aromatic_flag 
_chem_comp_bond.pdbx_stereo_config 
_chem_comp_bond.pdbx_ordinal 
ALA N   CA   sing N N 1   
ALA N   H    sing N N 2   
ALA N   H2   sing N N 3   
ALA CA  C    sing N N 4   
ALA CA  CB   sing N N 5   
ALA CA  HA   sing N N 6   
ALA C   O    doub N N 7   
ALA C   OXT  sing N N 8   
ALA CB  HB1  sing N N 9   
ALA CB  HB2  sing N N 10  
ALA CB  HB3  sing N N 11  
ALA OXT HXT  sing N N 12  
ARG N   CA   sing N N 13  
ARG N   H    sing N N 14  
ARG N   H2   sing N N 15  
ARG CA  C    sing N N 16  
ARG CA  CB   sing N N 17  
ARG CA  HA   sing N N 18  
ARG C   O    doub N N 19  
ARG C   OXT  sing N N 20  
ARG CB  CG   sing N N 21  
ARG CB  HB2  sing N N 22  
ARG CB  HB3  sing N N 23  
ARG CG  CD   sing N N 24  
ARG CG  HG2  sing N N 25  
ARG CG  HG3  sing N N 26  
ARG CD  NE   sing N N 27  
ARG CD  HD2  sing N N 28  
ARG CD  HD3  sing N N 29  
ARG NE  CZ   sing N N 30  
ARG NE  HE   sing N N 31  
ARG CZ  NH1  sing N N 32  
ARG CZ  NH2  doub N N 33  
ARG NH1 HH11 sing N N 34  
ARG NH1 HH12 sing N N 35  
ARG NH2 HH21 sing N N 36  
ARG NH2 HH22 sing N N 37  
ARG OXT HXT  sing N N 38  
ASN N   CA   sing N N 39  
ASN N   H    sing N N 40  
ASN N   H2   sing N N 41  
ASN CA  C    sing N N 42  
ASN CA  CB   sing N N 43  
ASN CA  HA   sing N N 44  
ASN C   O    doub N N 45  
ASN C   OXT  sing N N 46  
ASN CB  CG   sing N N 47  
ASN CB  HB2  sing N N 48  
ASN CB  HB3  sing N N 49  
ASN CG  OD1  doub N N 50  
ASN CG  ND2  sing N N 51  
ASN ND2 HD21 sing N N 52  
ASN ND2 HD22 sing N N 53  
ASN OXT HXT  sing N N 54  
ASP N   CA   sing N N 55  
ASP N   H    sing N N 56  
ASP N   H2   sing N N 57  
ASP CA  C    sing N N 58  
ASP CA  CB   sing N N 59  
ASP CA  HA   sing N N 60  
ASP C   O    doub N N 61  
ASP C   OXT  sing N N 62  
ASP CB  CG   sing N N 63  
ASP CB  HB2  sing N N 64  
ASP CB  HB3  sing N N 65  
ASP CG  OD1  doub N N 66  
ASP CG  OD2  sing N N 67  
ASP OD2 HD2  sing N N 68  
ASP OXT HXT  sing N N 69  
GLN N   CA   sing N N 70  
GLN N   H    sing N N 71  
GLN N   H2   sing N N 72  
GLN CA  C    sing N N 73  
GLN CA  CB   sing N N 74  
GLN CA  HA   sing N N 75  
GLN C   O    doub N N 76  
GLN C   OXT  sing N N 77  
GLN CB  CG   sing N N 78  
GLN CB  HB2  sing N N 79  
GLN CB  HB3  sing N N 80  
GLN CG  CD   sing N N 81  
GLN CG  HG2  sing N N 82  
GLN CG  HG3  sing N N 83  
GLN CD  OE1  doub N N 84  
GLN CD  NE2  sing N N 85  
GLN NE2 HE21 sing N N 86  
GLN NE2 HE22 sing N N 87  
GLN OXT HXT  sing N N 88  
GLU N   CA   sing N N 89  
GLU N   H    sing N N 90  
GLU N   H2   sing N N 91  
GLU CA  C    sing N N 92  
GLU CA  CB   sing N N 93  
GLU CA  HA   sing N N 94  
GLU C   O    doub N N 95  
GLU C   OXT  sing N N 96  
GLU CB  CG   sing N N 97  
GLU CB  HB2  sing N N 98  
GLU CB  HB3  sing N N 99  
GLU CG  CD   sing N N 100 
GLU CG  HG2  sing N N 101 
GLU CG  HG3  sing N N 102 
GLU CD  OE1  doub N N 103 
GLU CD  OE2  sing N N 104 
GLU OE2 HE2  sing N N 105 
GLU OXT HXT  sing N N 106 
GLY N   CA   sing N N 107 
GLY N   H    sing N N 108 
GLY N   H2   sing N N 109 
GLY CA  C    sing N N 110 
GLY CA  HA2  sing N N 111 
GLY CA  HA3  sing N N 112 
GLY C   O    doub N N 113 
GLY C   OXT  sing N N 114 
GLY OXT HXT  sing N N 115 
HIS N   CA   sing N N 116 
HIS N   H    sing N N 117 
HIS N   H2   sing N N 118 
HIS CA  C    sing N N 119 
HIS CA  CB   sing N N 120 
HIS CA  HA   sing N N 121 
HIS C   O    doub N N 122 
HIS C   OXT  sing N N 123 
HIS CB  CG   sing N N 124 
HIS CB  HB2  sing N N 125 
HIS CB  HB3  sing N N 126 
HIS CG  ND1  sing Y N 127 
HIS CG  CD2  doub Y N 128 
HIS ND1 CE1  doub Y N 129 
HIS ND1 HD1  sing N N 130 
HIS CD2 NE2  sing Y N 131 
HIS CD2 HD2  sing N N 132 
HIS CE1 NE2  sing Y N 133 
HIS CE1 HE1  sing N N 134 
HIS NE2 HE2  sing N N 135 
HIS OXT HXT  sing N N 136 
ILE N   CA   sing N N 137 
ILE N   H    sing N N 138 
ILE N   H2   sing N N 139 
ILE CA  C    sing N N 140 
ILE CA  CB   sing N N 141 
ILE CA  HA   sing N N 142 
ILE C   O    doub N N 143 
ILE C   OXT  sing N N 144 
ILE CB  CG1  sing N N 145 
ILE CB  CG2  sing N N 146 
ILE CB  HB   sing N N 147 
ILE CG1 CD1  sing N N 148 
ILE CG1 HG12 sing N N 149 
ILE CG1 HG13 sing N N 150 
ILE CG2 HG21 sing N N 151 
ILE CG2 HG22 sing N N 152 
ILE CG2 HG23 sing N N 153 
ILE CD1 HD11 sing N N 154 
ILE CD1 HD12 sing N N 155 
ILE CD1 HD13 sing N N 156 
ILE OXT HXT  sing N N 157 
LEU N   CA   sing N N 158 
LEU N   H    sing N N 159 
LEU N   H2   sing N N 160 
LEU CA  C    sing N N 161 
LEU CA  CB   sing N N 162 
LEU CA  HA   sing N N 163 
LEU C   O    doub N N 164 
LEU C   OXT  sing N N 165 
LEU CB  CG   sing N N 166 
LEU CB  HB2  sing N N 167 
LEU CB  HB3  sing N N 168 
LEU CG  CD1  sing N N 169 
LEU CG  CD2  sing N N 170 
LEU CG  HG   sing N N 171 
LEU CD1 HD11 sing N N 172 
LEU CD1 HD12 sing N N 173 
LEU CD1 HD13 sing N N 174 
LEU CD2 HD21 sing N N 175 
LEU CD2 HD22 sing N N 176 
LEU CD2 HD23 sing N N 177 
LEU OXT HXT  sing N N 178 
LYS N   CA   sing N N 179 
LYS N   H    sing N N 180 
LYS N   H2   sing N N 181 
LYS CA  C    sing N N 182 
LYS CA  CB   sing N N 183 
LYS CA  HA   sing N N 184 
LYS C   O    doub N N 185 
LYS C   OXT  sing N N 186 
LYS CB  CG   sing N N 187 
LYS CB  HB2  sing N N 188 
LYS CB  HB3  sing N N 189 
LYS CG  CD   sing N N 190 
LYS CG  HG2  sing N N 191 
LYS CG  HG3  sing N N 192 
LYS CD  CE   sing N N 193 
LYS CD  HD2  sing N N 194 
LYS CD  HD3  sing N N 195 
LYS CE  NZ   sing N N 196 
LYS CE  HE2  sing N N 197 
LYS CE  HE3  sing N N 198 
LYS NZ  HZ1  sing N N 199 
LYS NZ  HZ2  sing N N 200 
LYS NZ  HZ3  sing N N 201 
LYS OXT HXT  sing N N 202 
MSE N   CA   sing N N 203 
MSE N   H    sing N N 204 
MSE N   H2   sing N N 205 
MSE CA  C    sing N N 206 
MSE CA  CB   sing N N 207 
MSE CA  HA   sing N N 208 
MSE C   O    doub N N 209 
MSE C   OXT  sing N N 210 
MSE OXT HXT  sing N N 211 
MSE CB  CG   sing N N 212 
MSE CB  HB2  sing N N 213 
MSE CB  HB3  sing N N 214 
MSE CG  SE   sing N N 215 
MSE CG  HG2  sing N N 216 
MSE CG  HG3  sing N N 217 
MSE SE  CE   sing N N 218 
MSE CE  HE1  sing N N 219 
MSE CE  HE2  sing N N 220 
MSE CE  HE3  sing N N 221 
PHE N   CA   sing N N 222 
PHE N   H    sing N N 223 
PHE N   H2   sing N N 224 
PHE CA  C    sing N N 225 
PHE CA  CB   sing N N 226 
PHE CA  HA   sing N N 227 
PHE C   O    doub N N 228 
PHE C   OXT  sing N N 229 
PHE CB  CG   sing N N 230 
PHE CB  HB2  sing N N 231 
PHE CB  HB3  sing N N 232 
PHE CG  CD1  doub Y N 233 
PHE CG  CD2  sing Y N 234 
PHE CD1 CE1  sing Y N 235 
PHE CD1 HD1  sing N N 236 
PHE CD2 CE2  doub Y N 237 
PHE CD2 HD2  sing N N 238 
PHE CE1 CZ   doub Y N 239 
PHE CE1 HE1  sing N N 240 
PHE CE2 CZ   sing Y N 241 
PHE CE2 HE2  sing N N 242 
PHE CZ  HZ   sing N N 243 
PHE OXT HXT  sing N N 244 
PRO N   CA   sing N N 245 
PRO N   CD   sing N N 246 
PRO N   H    sing N N 247 
PRO CA  C    sing N N 248 
PRO CA  CB   sing N N 249 
PRO CA  HA   sing N N 250 
PRO C   O    doub N N 251 
PRO C   OXT  sing N N 252 
PRO CB  CG   sing N N 253 
PRO CB  HB2  sing N N 254 
PRO CB  HB3  sing N N 255 
PRO CG  CD   sing N N 256 
PRO CG  HG2  sing N N 257 
PRO CG  HG3  sing N N 258 
PRO CD  HD2  sing N N 259 
PRO CD  HD3  sing N N 260 
PRO OXT HXT  sing N N 261 
SER N   CA   sing N N 262 
SER N   H    sing N N 263 
SER N   H2   sing N N 264 
SER CA  C    sing N N 265 
SER CA  CB   sing N N 266 
SER CA  HA   sing N N 267 
SER C   O    doub N N 268 
SER C   OXT  sing N N 269 
SER CB  OG   sing N N 270 
SER CB  HB2  sing N N 271 
SER CB  HB3  sing N N 272 
SER OG  HG   sing N N 273 
SER OXT HXT  sing N N 274 
THR N   CA   sing N N 275 
THR N   H    sing N N 276 
THR N   H2   sing N N 277 
THR CA  C    sing N N 278 
THR CA  CB   sing N N 279 
THR CA  HA   sing N N 280 
THR C   O    doub N N 281 
THR C   OXT  sing N N 282 
THR CB  OG1  sing N N 283 
THR CB  CG2  sing N N 284 
THR CB  HB   sing N N 285 
THR OG1 HG1  sing N N 286 
THR CG2 HG21 sing N N 287 
THR CG2 HG22 sing N N 288 
THR CG2 HG23 sing N N 289 
THR OXT HXT  sing N N 290 
TYR N   CA   sing N N 291 
TYR N   H    sing N N 292 
TYR N   H2   sing N N 293 
TYR CA  C    sing N N 294 
TYR CA  CB   sing N N 295 
TYR CA  HA   sing N N 296 
TYR C   O    doub N N 297 
TYR C   OXT  sing N N 298 
TYR CB  CG   sing N N 299 
TYR CB  HB2  sing N N 300 
TYR CB  HB3  sing N N 301 
TYR CG  CD1  doub Y N 302 
TYR CG  CD2  sing Y N 303 
TYR CD1 CE1  sing Y N 304 
TYR CD1 HD1  sing N N 305 
TYR CD2 CE2  doub Y N 306 
TYR CD2 HD2  sing N N 307 
TYR CE1 CZ   doub Y N 308 
TYR CE1 HE1  sing N N 309 
TYR CE2 CZ   sing Y N 310 
TYR CE2 HE2  sing N N 311 
TYR CZ  OH   sing N N 312 
TYR OH  HH   sing N N 313 
TYR OXT HXT  sing N N 314 
# 
_pdbx_audit_support.funding_organization   'National Natural Science Foundation of China (NSFC)' 
_pdbx_audit_support.country                China 
_pdbx_audit_support.grant_number           32071476 
_pdbx_audit_support.ordinal                1 
# 
_atom_sites.entry_id                    7F0K 
_atom_sites.Cartn_transf_matrix[1][1]   ? 
_atom_sites.Cartn_transf_matrix[1][2]   ? 
_atom_sites.Cartn_transf_matrix[1][3]   ? 
_atom_sites.Cartn_transf_matrix[2][1]   ? 
_atom_sites.Cartn_transf_matrix[2][2]   ? 
_atom_sites.Cartn_transf_matrix[2][3]   ? 
_atom_sites.Cartn_transf_matrix[3][1]   ? 
_atom_sites.Cartn_transf_matrix[3][2]   ? 
_atom_sites.Cartn_transf_matrix[3][3]   ? 
_atom_sites.Cartn_transf_vector[1]      ? 
_atom_sites.Cartn_transf_vector[2]      ? 
_atom_sites.Cartn_transf_vector[3]      ? 
_atom_sites.fract_transf_matrix[1][1]   0.01078110 
_atom_sites.fract_transf_matrix[1][2]   -0.02589921 
_atom_sites.fract_transf_matrix[1][3]   0.00583528 
_atom_sites.fract_transf_matrix[2][1]   0.02163374 
_atom_sites.fract_transf_matrix[2][2]   0.01105611 
_atom_sites.fract_transf_matrix[2][3]   0.00910137 
_atom_sites.fract_transf_matrix[3][1]   -0.00284241 
_atom_sites.fract_transf_matrix[3][2]   0.00026619 
_atom_sites.fract_transf_matrix[3][3]   0.00643299 
_atom_sites.fract_transf_vector[1]      0.243392 
_atom_sites.fract_transf_vector[2]      0.042502 
_atom_sites.fract_transf_vector[3]      0.234287 
_atom_sites.solution_primary            ? 
_atom_sites.solution_secondary          ? 
_atom_sites.solution_hydrogens          ? 
_atom_sites.special_details             ? 
# 
loop_
_atom_type.symbol 
C  
N  
O  
SE 
# 
loop_
_atom_site.group_PDB 
_atom_site.id 
_atom_site.type_symbol 
_atom_site.label_atom_id 
_atom_site.label_alt_id 
_atom_site.label_comp_id 
_atom_site.label_asym_id 
_atom_site.label_entity_id 
_atom_site.label_seq_id 
_atom_site.pdbx_PDB_ins_code 
_atom_site.Cartn_x 
_atom_site.Cartn_y 
_atom_site.Cartn_z 
_atom_site.occupancy 
_atom_site.B_iso_or_equiv 
_atom_site.pdbx_formal_charge 
_atom_site.auth_seq_id 
_atom_site.auth_comp_id 
_atom_site.auth_asym_id 
_atom_site.auth_atom_id 
_atom_site.pdbx_PDB_model_num 
HETATM 1    N  N   . MSE A 1 1  ? -0.42834  -5.52157  27.76680  1.000 20.30710  ? 1  MSE A N   1 
HETATM 2    C  CA  . MSE A 1 1  ? -0.59367  -4.22422  27.11979  1.000 34.21388  ? 1  MSE A CA  1 
HETATM 3    C  C   . MSE A 1 1  ? 0.61567   -3.90919  26.24772  1.000 34.00922  ? 1  MSE A C   1 
HETATM 4    O  O   . MSE A 1 1  ? 0.47620   -3.59213  25.06609  1.000 29.60842  ? 1  MSE A O   1 
HETATM 5    C  CB  . MSE A 1 1  ? -0.80193  -3.12278  28.16474  1.000 60.09414  ? 1  MSE A CB  1 
HETATM 6    C  CG  . MSE A 1 1  ? -1.47175  -1.85104  27.63841  1.000 76.08836  ? 1  MSE A CG  1 
HETATM 7    SE SE  . MSE A 1 1  ? -0.24615  -0.60042  26.76712  1.000 83.21742  ? 1  MSE A SE  1 
HETATM 8    C  CE  . MSE A 1 1  ? -1.31506  1.02781   26.86965  1.000 23.42384  ? 1  MSE A CE  1 
ATOM   9    N  N   . ALA A 1 2  ? 1.80764   -3.99967  26.84292  1.000 44.69601  ? 2  ALA A N   1 
ATOM   10   C  CA  . ALA A 1 2  ? 3.03183   -3.77357  26.08154  1.000 33.65596  ? 2  ALA A CA  1 
ATOM   11   C  C   . ALA A 1 2  ? 3.28602   -4.90976  25.10094  1.000 31.05852  ? 2  ALA A C   1 
ATOM   12   O  O   . ALA A 1 2  ? 3.72364   -4.67416  23.96863  1.000 28.28636  ? 2  ALA A O   1 
ATOM   13   C  CB  . ALA A 1 2  ? 4.21916   -3.60850  27.02756  1.000 35.95793  ? 2  ALA A CB  1 
ATOM   14   N  N   . THR A 1 3  ? 3.02551   -6.15037  25.52145  1.000 35.19078  ? 3  THR A N   1 
ATOM   15   C  CA  . THR A 1 3  ? 3.15260   -7.28339  24.61163  1.000 36.89997  ? 3  THR A CA  1 
ATOM   16   C  C   . THR A 1 3  ? 2.08777   -7.24232  23.52160  1.000 37.33019  ? 3  THR A C   1 
ATOM   17   O  O   . THR A 1 3  ? 2.32758   -7.71022  22.40241  1.000 36.07550  ? 3  THR A O   1 
ATOM   18   C  CB  . THR A 1 3  ? 3.07136   -8.59530  25.39566  1.000 39.97425  ? 3  THR A CB  1 
ATOM   19   O  OG1 . THR A 1 3  ? 4.03068   -8.57621  26.46111  1.000 38.05606  ? 3  THR A OG1 1 
ATOM   20   C  CG2 . THR A 1 3  ? 3.35799   -9.78679  24.49038  1.000 34.11774  ? 3  THR A CG2 1 
ATOM   21   N  N   . THR A 1 4  ? 0.91490   -6.67856  23.82298  1.000 38.52898  ? 4  THR A N   1 
ATOM   22   C  CA  . THR A 1 4  ? -0.13357  -6.56786  22.81348  1.000 37.22017  ? 4  THR A CA  1 
ATOM   23   C  C   . THR A 1 4  ? 0.27369   -5.61893  21.69309  1.000 39.51401  ? 4  THR A C   1 
ATOM   24   O  O   . THR A 1 4  ? 0.08800   -5.93059  20.51078  1.000 51.13319  ? 4  THR A O   1 
ATOM   25   C  CB  . THR A 1 4  ? -1.43954  -6.09936  23.45569  1.000 28.83277  ? 4  THR A CB  1 
ATOM   26   O  OG1 . THR A 1 4  ? -1.83724  -7.02937  24.47103  1.000 34.90354  ? 4  THR A OG1 1 
ATOM   27   C  CG2 . THR A 1 4  ? -2.53997  -5.99163  22.40864  1.000 21.05533  ? 4  THR A CG2 1 
ATOM   28   N  N   . TYR A 1 5  ? 0.83998   -4.46112  22.04211  1.000 32.92773  ? 5  TYR A N   1 
ATOM   29   C  CA  . TYR A 1 5  ? 1.25482   -3.51188  21.01513  1.000 21.91132  ? 5  TYR A CA  1 
ATOM   30   C  C   . TYR A 1 5  ? 2.43188   -4.04516  20.20999  1.000 22.61601  ? 5  TYR A C   1 
ATOM   31   O  O   . TYR A 1 5  ? 2.47428   -3.88267  18.98524  1.000 33.49549  ? 5  TYR A O   1 
ATOM   32   C  CB  . TYR A 1 5  ? 1.60918   -2.16825  21.65035  1.000 20.42889  ? 5  TYR A CB  1 
ATOM   33   C  CG  . TYR A 1 5  ? 2.18759   -1.16973  20.67286  1.000 21.68842  ? 5  TYR A CG  1 
ATOM   34   C  CD1 . TYR A 1 5  ? 1.36238   -0.44320  19.82492  1.000 26.10823  ? 5  TYR A CD1 1 
ATOM   35   C  CD2 . TYR A 1 5  ? 3.55727   -0.94800  20.60224  1.000 32.37372  ? 5  TYR A CD2 1 
ATOM   36   C  CE1 . TYR A 1 5  ? 1.88479   0.46950   18.92822  1.000 31.10728  ? 5  TYR A CE1 1 
ATOM   37   C  CE2 . TYR A 1 5  ? 4.08887   -0.03523  19.70966  1.000 41.11804  ? 5  TYR A CE2 1 
ATOM   38   C  CZ  . TYR A 1 5  ? 3.24768   0.67091   18.87606  1.000 29.52213  ? 5  TYR A CZ  1 
ATOM   39   O  OH  . TYR A 1 5  ? 3.76691   1.58302   17.98587  1.000 17.54670  ? 5  TYR A OH  1 
ATOM   40   N  N   . GLU A 1 6  ? 3.39907   -4.68075  20.87604  1.000 23.62504  ? 6  GLU A N   1 
ATOM   41   C  CA  . GLU A 1 6  ? 4.55006   -5.21453  20.15511  1.000 32.92176  ? 6  GLU A CA  1 
ATOM   42   C  C   . GLU A 1 6  ? 4.14379   -6.35823  19.23571  1.000 36.63098  ? 6  GLU A C   1 
ATOM   43   O  O   . GLU A 1 6  ? 4.69977   -6.50851  18.14166  1.000 37.97551  ? 6  GLU A O   1 
ATOM   44   C  CB  . GLU A 1 6  ? 5.63151   -5.66446  21.13537  1.000 34.73155  ? 6  GLU A CB  1 
ATOM   45   C  CG  . GLU A 1 6  ? 6.24564   -4.52630  21.93018  1.000 39.24890  ? 6  GLU A CG  1 
ATOM   46   C  CD  . GLU A 1 6  ? 7.47132   -4.95561  22.70688  1.000 42.44866  ? 6  GLU A CD  1 
ATOM   47   O  OE1 . GLU A 1 6  ? 7.95020   -6.08766  22.48496  1.000 35.70994  ? 6  GLU A OE1 1 
ATOM   48   O  OE2 . GLU A 1 6  ? 7.95637   -4.16068  23.53800  1.000 50.37285  ? 6  GLU A OE2 1 
ATOM   49   N  N   . GLU A 1 7  ? 3.17816   -7.17715  19.66038  1.000 32.88472  ? 7  GLU A N   1 
ATOM   50   C  CA  . GLU A 1 7  ? 2.65680   -8.20594  18.76859  1.000 41.12557  ? 7  GLU A CA  1 
ATOM   51   C  C   . GLU A 1 7  ? 1.88951   -7.58904  17.60671  1.000 45.78747  ? 7  GLU A C   1 
ATOM   52   O  O   . GLU A 1 7  ? 1.89347   -8.13822  16.49902  1.000 54.87521  ? 7  GLU A O   1 
ATOM   53   C  CB  . GLU A 1 7  ? 1.76437   -9.17523  19.54646  1.000 50.13257  ? 7  GLU A CB  1 
ATOM   54   C  CG  . GLU A 1 7  ? 2.52663   -10.20786 20.36955  1.000 58.90811  ? 7  GLU A CG  1 
ATOM   55   C  CD  . GLU A 1 7  ? 1.62753   -10.98051 21.32061  1.000 58.80858  ? 7  GLU A CD  1 
ATOM   56   O  OE1 . GLU A 1 7  ? 0.44561   -10.60277 21.46472  1.000 50.01321  ? 7  GLU A OE1 1 
ATOM   57   O  OE2 . GLU A 1 7  ? 2.10205   -11.96619 21.92440  1.000 48.18908  ? 7  GLU A OE2 1 
ATOM   58   N  N   . PHE A 1 8  ? 1.24619   -6.44227  17.83541  1.000 38.64168  ? 8  PHE A N   1 
ATOM   59   C  CA  . PHE A 1 8  ? 0.53731   -5.75310  16.76221  1.000 33.12356  ? 8  PHE A CA  1 
ATOM   60   C  C   . PHE A 1 8  ? 1.51459   -5.13876  15.76648  1.000 36.32709  ? 8  PHE A C   1 
ATOM   61   O  O   . PHE A 1 8  ? 1.34373   -5.27307  14.54913  1.000 33.95901  ? 8  PHE A O   1 
ATOM   62   C  CB  . PHE A 1 8  ? -0.38453  -4.68432  17.35204  1.000 27.87412  ? 8  PHE A CB  1 
ATOM   63   C  CG  . PHE A 1 8  ? -1.16726  -3.91901  16.32366  1.000 27.77054  ? 8  PHE A CG  1 
ATOM   64   C  CD1 . PHE A 1 8  ? -2.35045  -4.42911  15.81731  1.000 25.80993  ? 8  PHE A CD1 1 
ATOM   65   C  CD2 . PHE A 1 8  ? -0.72739  -2.68529  15.87227  1.000 31.06741  ? 8  PHE A CD2 1 
ATOM   66   C  CE1 . PHE A 1 8  ? -3.07620  -3.72919  14.87455  1.000 29.27764  ? 8  PHE A CE1 1 
ATOM   67   C  CE2 . PHE A 1 8  ? -1.44980  -1.97922  14.92964  1.000 35.15450  ? 8  PHE A CE2 1 
ATOM   68   C  CZ  . PHE A 1 8  ? -2.62617  -2.50241  14.43026  1.000 31.12212  ? 8  PHE A CZ  1 
ATOM   69   N  N   . ALA A 1 9  ? 2.55247   -4.46368  16.26875  1.000 35.24418  ? 9  ALA A N   1 
ATOM   70   C  CA  . ALA A 1 9  ? 3.52786   -3.83547  15.38352  1.000 28.36709  ? 9  ALA A CA  1 
ATOM   71   C  C   . ALA A 1 9  ? 4.31792   -4.87788  14.60435  1.000 34.55926  ? 9  ALA A C   1 
ATOM   72   O  O   . ALA A 1 9  ? 4.66261   -4.65889  13.43712  1.000 42.33345  ? 9  ALA A O   1 
ATOM   73   C  CB  . ALA A 1 9  ? 4.46741   -2.93911  16.18922  1.000 28.70003  ? 9  ALA A CB  1 
ATOM   74   N  N   . ALA A 1 10 ? 4.61388   -6.01777  15.23182  1.000 32.65867  ? 10 ALA A N   1 
ATOM   75   C  CA  . ALA A 1 10 ? 5.30727   -7.08781  14.52349  1.000 39.55434  ? 10 ALA A CA  1 
ATOM   76   C  C   . ALA A 1 10 ? 4.42027   -7.69075  13.44280  1.000 43.26206  ? 10 ALA A C   1 
ATOM   77   O  O   . ALA A 1 10 ? 4.90978   -8.09004  12.37923  1.000 41.48788  ? 10 ALA A O   1 
ATOM   78   C  CB  . ALA A 1 10 ? 5.76358   -8.16329  15.50819  1.000 66.39223  ? 10 ALA A CB  1 
ATOM   79   N  N   . LYS A 1 11 ? 3.11232   -7.76828  13.70166  1.000 41.64069  ? 11 LYS A N   1 
ATOM   80   C  CA  . LYS A 1 11 ? 2.18275   -8.27720  12.69860  1.000 48.70160  ? 11 LYS A CA  1 
ATOM   81   C  C   . LYS A 1 11 ? 2.14473   -7.37165  11.47339  1.000 40.52886  ? 11 LYS A C   1 
ATOM   82   O  O   . LYS A 1 11 ? 2.17722   -7.85328  10.33454  1.000 38.21516  ? 11 LYS A O   1 
ATOM   83   C  CB  . LYS A 1 11 ? 0.78746   -8.41428  13.31093  1.000 41.03859  ? 11 LYS A CB  1 
ATOM   84   C  CG  . LYS A 1 11 ? -0.27783  -8.95274  12.36929  1.000 30.69945  ? 11 LYS A CG  1 
ATOM   85   C  CD  . LYS A 1 11 ? -0.09888  -10.44267 12.12416  1.000 42.34379  ? 11 LYS A CD  1 
ATOM   86   C  CE  . LYS A 1 11 ? -1.23212  -10.99906 11.27370  1.000 59.65751  ? 11 LYS A CE  1 
ATOM   87   N  NZ  . LYS A 1 11 ? -1.11027  -12.46844 11.05861  1.000 51.26255  ? 11 LYS A NZ  1 
ATOM   88   N  N   . LEU A 1 12 ? 2.09086   -6.05412  11.68712  1.000 32.38017  ? 12 LEU A N   1 
ATOM   89   C  CA  . LEU A 1 12 ? 2.07512   -5.12176  10.56427  1.000 30.94522  ? 12 LEU A CA  1 
ATOM   90   C  C   . LEU A 1 12 ? 3.36752   -5.19414  9.76187   1.000 38.61744  ? 12 LEU A C   1 
ATOM   91   O  O   . LEU A 1 12 ? 3.34131   -5.16586  8.52611   1.000 42.26306  ? 12 LEU A O   1 
ATOM   92   C  CB  . LEU A 1 12 ? 1.83467   -3.69518  11.06011  1.000 29.84128  ? 12 LEU A CB  1 
ATOM   93   C  CG  . LEU A 1 12 ? 0.38518   -3.21656  11.19050  1.000 49.38203  ? 12 LEU A CG  1 
ATOM   94   C  CD1 . LEU A 1 12 ? -0.43104  -4.11095  12.11098  1.000 50.96018  ? 12 LEU A CD1 1 
ATOM   95   C  CD2 . LEU A 1 12 ? 0.34530   -1.77314  11.67241  1.000 38.11238  ? 12 LEU A CD2 1 
ATOM   96   N  N   . ASP A 1 13 ? 4.51027   -5.29540  10.44522  1.000 47.46062  ? 13 ASP A N   1 
ATOM   97   C  CA  . ASP A 1 13 ? 5.78258   -5.34719  9.73357   1.000 50.33099  ? 13 ASP A CA  1 
ATOM   98   C  C   . ASP A 1 13 ? 5.93218   -6.63334  8.93304   1.000 47.64782  ? 13 ASP A C   1 
ATOM   99   O  O   . ASP A 1 13 ? 6.52760   -6.61790  7.84982   1.000 44.16418  ? 13 ASP A O   1 
ATOM   100  C  CB  . ASP A 1 13 ? 6.94489   -5.19710  10.71542  1.000 56.16945  ? 13 ASP A CB  1 
ATOM   101  C  CG  . ASP A 1 13 ? 7.05688   -3.79247  11.27719  1.000 54.36667  ? 13 ASP A CG  1 
ATOM   102  O  OD1 . ASP A 1 13 ? 6.53015   -2.85285  10.64392  1.000 47.06927  ? 13 ASP A OD1 1 
ATOM   103  O  OD2 . ASP A 1 13 ? 7.67519   -3.62688  12.35030  1.000 53.54502  ? 13 ASP A OD2 1 
ATOM   104  N  N   . ARG A 1 14 ? 5.40121   -7.74980  9.43710   1.000 46.91796  ? 14 ARG A N   1 
ATOM   105  C  CA  . ARG A 1 14 ? 5.48410   -8.99515  8.68121   1.000 55.16818  ? 14 ARG A CA  1 
ATOM   106  C  C   . ARG A 1 14 ? 4.57503   -8.95933  7.46018   1.000 41.52052  ? 14 ARG A C   1 
ATOM   107  O  O   . ARG A 1 14 ? 4.95886   -9.42364  6.38010   1.000 39.26248  ? 14 ARG A O   1 
ATOM   108  C  CB  . ARG A 1 14 ? 5.13414   -10.18370 9.57647   1.000 64.31632  ? 14 ARG A CB  1 
ATOM   109  C  CG  . ARG A 1 14 ? 5.70452   -11.51060 9.09180   1.000 55.78026  ? 14 ARG A CG  1 
ATOM   110  C  CD  . ARG A 1 14 ? 5.04155   -12.69119 9.78418   1.000 56.20238  ? 14 ARG A CD  1 
ATOM   111  N  NE  . ARG A 1 14 ? 3.67919   -12.91221 9.30902   1.000 65.74336  ? 14 ARG A NE  1 
ATOM   112  C  CZ  . ARG A 1 14 ? 2.58712   -12.56072 9.98010   1.000 55.68383  ? 14 ARG A CZ  1 
ATOM   113  N  NH1 . ARG A 1 14 ? 2.69375   -11.97030 11.16270  1.000 42.51581  ? 14 ARG A NH1 1 
ATOM   114  N  NH2 . ARG A 1 14 ? 1.38744   -12.80078 9.46913   1.000 41.93599  ? 14 ARG A NH2 1 
ATOM   115  N  N   . LEU A 1 15 ? 3.37267   -8.39824  7.60718   1.000 36.39192  ? 15 LEU A N   1 
ATOM   116  C  CA  . LEU A 1 15 ? 2.47733   -8.26644  6.46284   1.000 38.16002  ? 15 LEU A CA  1 
ATOM   117  C  C   . LEU A 1 15 ? 3.03549   -7.28868  5.43683   1.000 29.47472  ? 15 LEU A C   1 
ATOM   118  O  O   . LEU A 1 15 ? 2.90954   -7.51231  4.22719   1.000 38.16089  ? 15 LEU A O   1 
ATOM   119  C  CB  . LEU A 1 15 ? 1.08699   -7.83782  6.93042   1.000 39.05211  ? 15 LEU A CB  1 
ATOM   120  C  CG  . LEU A 1 15 ? 0.34246   -8.87864  7.77276   1.000 31.41682  ? 15 LEU A CG  1 
ATOM   121  C  CD1 . LEU A 1 15 ? -0.99667  -8.34016  8.24892   1.000 28.19146  ? 15 LEU A CD1 1 
ATOM   122  C  CD2 . LEU A 1 15 ? 0.15921   -10.17596 6.99720   1.000 30.77221  ? 15 LEU A CD2 1 
ATOM   123  N  N   . ASP A 1 16 ? 3.64521   -6.19370  5.89924   1.000 29.55752  ? 16 ASP A N   1 
ATOM   124  C  CA  . ASP A 1 16 ? 4.25427   -5.24341  4.97326   1.000 44.61787  ? 16 ASP A CA  1 
ATOM   125  C  C   . ASP A 1 16 ? 5.43208   -5.86871  4.23635   1.000 32.03620  ? 16 ASP A C   1 
ATOM   126  O  O   . ASP A 1 16 ? 5.64070   -5.60062  3.04714   1.000 21.38652  ? 16 ASP A O   1 
ATOM   127  C  CB  . ASP A 1 16 ? 4.69578   -3.98247  5.71626   1.000 47.73833  ? 16 ASP A CB  1 
ATOM   128  C  CG  . ASP A 1 16 ? 3.52563   -3.14423  6.19099   1.000 39.47993  ? 16 ASP A CG  1 
ATOM   129  O  OD1 . ASP A 1 16 ? 2.36791   -3.58748  6.03187   1.000 38.55559  ? 16 ASP A OD1 1 
ATOM   130  O  OD2 . ASP A 1 16 ? 3.76546   -2.03702  6.71752   1.000 39.36804  ? 16 ASP A OD2 1 
ATOM   131  N  N   . ALA A 1 17 ? 6.22072   -6.69462  4.92765   1.000 29.02932  ? 17 ALA A N   1 
ATOM   132  C  CA  . ALA A 1 17 ? 7.35679   -7.33645  4.27601   1.000 31.62749  ? 17 ALA A CA  1 
ATOM   133  C  C   . ALA A 1 17 ? 6.89337   -8.34511  3.23341   1.000 37.85331  ? 17 ALA A C   1 
ATOM   134  O  O   . ALA A 1 17 ? 7.51213   -8.47663  2.17049   1.000 40.25893  ? 17 ALA A O   1 
ATOM   135  C  CB  . ALA A 1 17 ? 8.25188   -8.00958  5.31592   1.000 48.15612  ? 17 ALA A CB  1 
ATOM   136  N  N   . GLU A 1 18 ? 5.80154   -9.06096  3.51360   1.000 31.76722  ? 18 GLU A N   1 
ATOM   137  C  CA  . GLU A 1 18 ? 5.29300   -10.02428 2.54343   1.000 33.73283  ? 18 GLU A CA  1 
ATOM   138  C  C   . GLU A 1 18 ? 4.69001   -9.31846  1.33684   1.000 29.02530  ? 18 GLU A C   1 
ATOM   139  O  O   . GLU A 1 18 ? 4.86352   -9.76603  0.19745   1.000 34.32556  ? 18 GLU A O   1 
ATOM   140  C  CB  . GLU A 1 18 ? 4.25833   -10.93982 3.19706   1.000 28.00687  ? 18 GLU A CB  1 
ATOM   141  C  CG  . GLU A 1 18 ? 4.84003   -11.93648 4.18328   1.000 41.52017  ? 18 GLU A CG  1 
ATOM   142  C  CD  . GLU A 1 18 ? 3.76878   -12.67032 4.96530   1.000 67.15091  ? 18 GLU A CD  1 
ATOM   143  O  OE1 . GLU A 1 18 ? 2.59939   -12.22898 4.93399   1.000 43.72414  ? 18 GLU A OE1 1 
ATOM   144  O  OE2 . GLU A 1 18 ? 4.09809   -13.68418 5.61668   1.000 66.54184  ? 18 GLU A OE2 1 
ATOM   145  N  N   . PHE A 1 19 ? 3.98795   -8.20712  1.56798   1.000 19.99555  ? 19 PHE A N   1 
ATOM   146  C  CA  . PHE A 1 19 ? 3.42787   -7.43700  0.46299   1.000 17.74674  ? 19 PHE A CA  1 
ATOM   147  C  C   . PHE A 1 19 ? 4.52526   -6.83319  -0.40397  1.000 31.88703  ? 19 PHE A C   1 
ATOM   148  O  O   . PHE A 1 19 ? 4.38649   -6.76508  -1.63109  1.000 34.36442  ? 19 PHE A O   1 
ATOM   149  C  CB  . PHE A 1 19 ? 2.50340   -6.34675  1.00489   1.000 18.78379  ? 19 PHE A CB  1 
ATOM   150  C  CG  . PHE A 1 19 ? 1.87939   -5.49156  -0.06079  1.000 18.76193  ? 19 PHE A CG  1 
ATOM   151  C  CD1 . PHE A 1 19 ? 0.70193   -5.87764  -0.67622  1.000 19.69593  ? 19 PHE A CD1 1 
ATOM   152  C  CD2 . PHE A 1 19 ? 2.46033   -4.29027  -0.43212  1.000 25.82936  ? 19 PHE A CD2 1 
ATOM   153  C  CE1 . PHE A 1 19 ? 0.12372   -5.09001  -1.65238  1.000 22.15339  ? 19 PHE A CE1 1 
ATOM   154  C  CE2 . PHE A 1 19 ? 1.88725   -3.49935  -1.40750  1.000 28.91023  ? 19 PHE A CE2 1 
ATOM   155  C  CZ  . PHE A 1 19 ? 0.71736   -3.89935  -2.01746  1.000 27.66854  ? 19 PHE A CZ  1 
ATOM   156  N  N   . ALA A 1 20 ? 5.61738   -6.37759  0.21486   1.000 32.16743  ? 20 ALA A N   1 
ATOM   157  C  CA  . ALA A 1 20 ? 6.71195   -5.80074  -0.55819  1.000 27.35923  ? 20 ALA A CA  1 
ATOM   158  C  C   . ALA A 1 20 ? 7.40869   -6.85564  -1.40776  1.000 34.74621  ? 20 ALA A C   1 
ATOM   159  O  O   . ALA A 1 20 ? 7.73799   -6.60158  -2.57242  1.000 50.33269  ? 20 ALA A O   1 
ATOM   160  C  CB  . ALA A 1 20 ? 7.71037   -5.11617  0.37412   1.000 43.91367  ? 20 ALA A CB  1 
ATOM   161  N  N   . LYS A 1 21 ? 7.64738   -8.04401  -0.84614  1.000 30.62316  ? 21 LYS A N   1 
ATOM   162  C  CA  . LYS A 1 21 ? 8.26831   -9.10438  -1.63352  1.000 42.47103  ? 21 LYS A CA  1 
ATOM   163  C  C   . LYS A 1 21 ? 7.33187   -9.59113  -2.73128  1.000 41.32711  ? 21 LYS A C   1 
ATOM   164  O  O   . LYS A 1 21 ? 7.77215   -9.86990  -3.85290  1.000 49.85796  ? 21 LYS A O   1 
ATOM   165  C  CB  . LYS A 1 21 ? 8.68459   -10.26544 -0.73165  1.000 45.09116  ? 21 LYS A CB  1 
ATOM   166  C  CG  . LYS A 1 21 ? 9.33605   -11.42034 -1.48075  1.000 58.69474  ? 21 LYS A CG  1 
ATOM   167  C  CD  . LYS A 1 21 ? 10.49241  -10.93113 -2.34553  1.000 71.02778  ? 21 LYS A CD  1 
ATOM   168  C  CE  . LYS A 1 21 ? 11.35346  -12.08657 -2.83212  1.000 85.99424  ? 21 LYS A CE  1 
ATOM   169  N  NZ  . LYS A 1 21 ? 12.59305  -11.61182 -3.50786  1.000 87.09089  ? 21 LYS A NZ  1 
ATOM   170  N  N   . LYS A 1 22 ? 6.03666   -9.70232  -2.42449  1.000 32.92587  ? 22 LYS A N   1 
ATOM   171  C  CA  . LYS A 1 22 ? 5.06567   -10.09949 -3.43755  1.000 33.43027  ? 22 LYS A CA  1 
ATOM   172  C  C   . LYS A 1 22 ? 5.04328   -9.11036  -4.59454  1.000 38.19223  ? 22 LYS A C   1 
ATOM   173  O  O   . LYS A 1 22 ? 4.86459   -9.50734  -5.75218  1.000 50.36402  ? 22 LYS A O   1 
ATOM   174  C  CB  . LYS A 1 22 ? 3.67961   -10.23435 -2.80074  1.000 29.62024  ? 22 LYS A CB  1 
ATOM   175  C  CG  . LYS A 1 22 ? 2.51934   -10.30518 -3.78073  1.000 32.67069  ? 22 LYS A CG  1 
ATOM   176  C  CD  . LYS A 1 22 ? 1.19753   -10.50225 -3.05043  1.000 26.31627  ? 22 LYS A CD  1 
ATOM   177  C  CE  . LYS A 1 22 ? 0.04653   -10.67547 -4.02950  1.000 57.74074  ? 22 LYS A CE  1 
ATOM   178  N  NZ  . LYS A 1 22 ? -1.25047  -10.93249 -3.34071  1.000 40.07714  ? 22 LYS A NZ  1 
HETATM 179  N  N   . MSE A 1 23 ? 5.24803   -7.83065  -4.30436  1.000 30.98925  ? 23 MSE A N   1 
HETATM 180  C  CA  . MSE A 1 23 ? 5.27471   -6.79341  -5.32335  1.000 32.07041  ? 23 MSE A CA  1 
HETATM 181  C  C   . MSE A 1 23 ? 6.55430   -6.87233  -6.14571  1.000 37.02578  ? 23 MSE A C   1 
HETATM 182  O  O   . MSE A 1 23 ? 6.53904   -6.66623  -7.35879  1.000 40.39412  ? 23 MSE A O   1 
HETATM 183  C  CB  . MSE A 1 23 ? 5.14357   -5.41575  -4.67026  1.000 36.20065  ? 23 MSE A CB  1 
HETATM 184  C  CG  . MSE A 1 23 ? 4.11288   -4.50904  -5.31227  1.000 31.52546  ? 23 MSE A CG  1 
HETATM 185  SE SE  . MSE A 1 23 ? 2.48523   -5.43940  -5.84926  1.000 78.60086  ? 23 MSE A SE  1 
HETATM 186  C  CE  . MSE A 1 23 ? 2.01750   -6.32740  -4.17861  1.000 35.70744  ? 23 MSE A CE  1 
ATOM   187  N  N   . GLU A 1 24 ? 7.66619   -7.17646  -5.47227  1.000 39.30994  ? 24 GLU A N   1 
ATOM   188  C  CA  . GLU A 1 24 ? 8.94577   -7.26140  -6.16628  1.000 49.57981  ? 24 GLU A CA  1 
ATOM   189  C  C   . GLU A 1 24 ? 9.01406   -8.48528  -7.06912  1.000 47.72566  ? 24 GLU A C   1 
ATOM   190  O  O   . GLU A 1 24 ? 9.65755   -8.43945  -8.12324  1.000 43.05122  ? 24 GLU A O   1 
ATOM   191  C  CB  . GLU A 1 24 ? 10.09325  -7.28143  -5.15607  1.000 56.44703  ? 24 GLU A CB  1 
ATOM   192  C  CG  . GLU A 1 24 ? 11.47081  -7.08300  -5.77299  1.000 71.76775  ? 24 GLU A CG  1 
ATOM   193  C  CD  . GLU A 1 24 ? 12.22625  -8.38564  -5.95898  1.000 86.86553  ? 24 GLU A CD  1 
ATOM   194  O  OE1 . GLU A 1 24 ? 13.38882  -8.34033  -6.41519  1.000 85.87399  ? 24 GLU A OE1 1 
ATOM   195  O  OE2 . GLU A 1 24 ? 11.65672  -9.45493  -5.65485  1.000 93.62691  ? 24 GLU A OE2 1 
ATOM   196  N  N   . GLU A 1 25 ? 8.35340   -9.57912  -6.68532  1.000 50.19138  ? 25 GLU A N   1 
ATOM   197  C  CA  . GLU A 1 25 ? 8.38512   -10.78065 -7.51052  1.000 52.43298  ? 25 GLU A CA  1 
ATOM   198  C  C   . GLU A 1 25 ? 7.49235   -10.64318 -8.73590  1.000 41.94895  ? 25 GLU A C   1 
ATOM   199  O  O   . GLU A 1 25 ? 7.87274   -11.06823 -9.83259  1.000 37.73229  ? 25 GLU A O   1 
ATOM   200  C  CB  . GLU A 1 25 ? 7.96279   -11.99928 -6.68939  1.000 59.80248  ? 25 GLU A CB  1 
ATOM   201  C  CG  . GLU A 1 25 ? 8.98234   -12.44945 -5.66066  1.000 73.44154  ? 25 GLU A CG  1 
ATOM   202  C  CD  . GLU A 1 25 ? 8.65722   -13.81341 -5.08531  1.000 86.16865  ? 25 GLU A CD  1 
ATOM   203  O  OE1 . GLU A 1 25 ? 7.77229   -14.49716 -5.64139  1.000 94.32939  ? 25 GLU A OE1 1 
ATOM   204  O  OE2 . GLU A 1 25 ? 9.28532   -14.20236 -4.07847  1.000 85.86270  ? 25 GLU A OE2 1 
ATOM   205  N  N   . GLN A 1 26 ? 6.30585   -10.05367 -8.57504  1.000 37.25819  ? 26 GLN A N   1 
ATOM   206  C  CA  . GLN A 1 26 ? 5.42201   -9.88909  -9.72338  1.000 38.08533  ? 26 GLN A CA  1 
ATOM   207  C  C   . GLN A 1 26 ? 5.98943   -8.87610  -10.71164 1.000 36.93716  ? 26 GLN A C   1 
ATOM   208  O  O   . GLN A 1 26 ? 5.88303   -9.06591  -11.92846 1.000 51.80820  ? 26 GLN A O   1 
ATOM   209  C  CB  . GLN A 1 26 ? 4.01454   -9.50501  -9.26568  1.000 36.52670  ? 26 GLN A CB  1 
ATOM   210  C  CG  . GLN A 1 26 ? 3.84957   -8.10360  -8.73078  1.000 50.98269  ? 26 GLN A CG  1 
ATOM   211  C  CD  . GLN A 1 26 ? 2.39154   -7.72109  -8.62511  1.000 65.06973  ? 26 GLN A CD  1 
ATOM   212  O  OE1 . GLN A 1 26 ? 1.62655   -8.35127  -7.89507  1.000 59.00693  ? 26 GLN A OE1 1 
ATOM   213  N  NE2 . GLN A 1 26 ? 1.98878   -6.70659  -9.37952  1.000 53.54120  ? 26 GLN A NE2 1 
ATOM   214  N  N   . ASN A 1 27 ? 6.59989   -7.79645  -10.21242 1.000 35.97901  ? 27 ASN A N   1 
ATOM   215  C  CA  . ASN A 1 27 ? 7.29309   -6.87480  -11.10616 1.000 30.77169  ? 27 ASN A CA  1 
ATOM   216  C  C   . ASN A 1 27 ? 8.50470   -7.53970  -11.74290 1.000 29.63291  ? 27 ASN A C   1 
ATOM   217  O  O   . ASN A 1 27 ? 8.90222   -7.17073  -12.85333 1.000 30.23590  ? 27 ASN A O   1 
ATOM   218  C  CB  . ASN A 1 27 ? 7.71145   -5.61237  -10.35088 1.000 38.85912  ? 27 ASN A CB  1 
ATOM   219  C  CG  . ASN A 1 27 ? 6.52462   -4.81007  -9.84940  1.000 35.17055  ? 27 ASN A CG  1 
ATOM   220  O  OD1 . ASN A 1 27 ? 5.37160   -5.19238  -10.05021 1.000 25.44415  ? 27 ASN A OD1 1 
ATOM   221  N  ND2 . ASN A 1 27 ? 6.80334   -3.69449  -9.18380  1.000 29.13720  ? 27 ASN A ND2 1 
ATOM   222  N  N   . LYS A 1 28 ? 9.09409   -8.52440  -11.06303 1.000 26.45324  ? 28 LYS A N   1 
ATOM   223  C  CA  . LYS A 1 28 ? 10.22400  -9.24769  -11.63408 1.000 23.30961  ? 28 LYS A CA  1 
ATOM   224  C  C   . LYS A 1 28 ? 9.76709   -10.11648 -12.79827 1.000 31.05013  ? 28 LYS A C   1 
ATOM   225  O  O   . LYS A 1 28 ? 10.38401  -10.11439 -13.87006 1.000 28.22338  ? 28 LYS A O   1 
ATOM   226  C  CB  . LYS A 1 28 ? 10.90929  -10.09349 -10.55957 1.000 31.86865  ? 28 LYS A CB  1 
ATOM   227  C  CG  . LYS A 1 28 ? 12.10454  -10.89102 -11.06103 1.000 43.67553  ? 28 LYS A CG  1 
ATOM   228  C  CD  . LYS A 1 28 ? 12.71809  -11.73042 -9.94984  1.000 47.57216  ? 28 LYS A CD  1 
ATOM   229  C  CE  . LYS A 1 28 ? 13.96874  -12.45132 -10.42642 1.000 54.18026  ? 28 LYS A CE  1 
ATOM   230  N  NZ  . LYS A 1 28 ? 14.62887  -13.21391 -9.33068  1.000 48.75042  ? 28 LYS A NZ  1 
ATOM   231  N  N   . ARG A 1 29 ? 8.67160   -10.85746 -12.60674 1.000 34.14315  ? 29 ARG A N   1 
ATOM   232  C  CA  . ARG A 1 29 ? 8.18007   -11.75015 -13.65039 1.000 38.45660  ? 29 ARG A CA  1 
ATOM   233  C  C   . ARG A 1 29 ? 7.50777   -10.98016 -14.77961 1.000 28.38875  ? 29 ARG A C   1 
ATOM   234  O  O   . ARG A 1 29 ? 7.50759   -11.44115 -15.92700 1.000 32.33542  ? 29 ARG A O   1 
ATOM   235  C  CB  . ARG A 1 29 ? 7.19897   -12.75358 -13.03859 1.000 46.98582  ? 29 ARG A CB  1 
ATOM   236  C  CG  . ARG A 1 29 ? 6.60084   -13.76234 -14.00709 1.000 66.10471  ? 29 ARG A CG  1 
ATOM   237  C  CD  . ARG A 1 29 ? 5.33710   -14.39196 -13.42803 1.000 43.67034  ? 29 ARG A CD  1 
ATOM   238  N  NE  . ARG A 1 29 ? 5.58715   -15.08320 -12.16612 1.000 25.52012  ? 29 ARG A NE  1 
ATOM   239  C  CZ  . ARG A 1 29 ? 6.08348   -16.31237 -12.06852 1.000 40.62433  ? 29 ARG A CZ  1 
ATOM   240  N  NH1 . ARG A 1 29 ? 6.38577   -16.99899 -13.16226 1.000 46.89829  ? 29 ARG A NH1 1 
ATOM   241  N  NH2 . ARG A 1 29 ? 6.27709   -16.85690 -10.87431 1.000 49.83468  ? 29 ARG A NH2 1 
ATOM   242  N  N   . PHE A 1 30 ? 6.94191   -9.80815  -14.48206 1.000 29.86640  ? 30 PHE A N   1 
ATOM   243  C  CA  . PHE A 1 30 ? 6.30697   -9.01250  -15.52727 1.000 23.56896  ? 30 PHE A CA  1 
ATOM   244  C  C   . PHE A 1 30 ? 7.34463   -8.41945  -16.47281 1.000 31.36505  ? 30 PHE A C   1 
ATOM   245  O  O   . PHE A 1 30 ? 7.12386   -8.35755  -17.68815 1.000 30.10851  ? 30 PHE A O   1 
ATOM   246  C  CB  . PHE A 1 30 ? 5.45465   -7.91168  -14.89685 1.000 21.46154  ? 30 PHE A CB  1 
ATOM   247  C  CG  . PHE A 1 30 ? 4.79888   -7.00259  -15.89439 1.000 22.88015  ? 30 PHE A CG  1 
ATOM   248  C  CD1 . PHE A 1 30 ? 3.62352   -7.37400  -16.52534 1.000 31.82431  ? 30 PHE A CD1 1 
ATOM   249  C  CD2 . PHE A 1 30 ? 5.35657   -5.77244  -16.19808 1.000 29.63110  ? 30 PHE A CD2 1 
ATOM   250  C  CE1 . PHE A 1 30 ? 3.01785   -6.53522  -17.44303 1.000 35.60039  ? 30 PHE A CE1 1 
ATOM   251  C  CE2 . PHE A 1 30 ? 4.75788   -4.93055  -17.11458 1.000 33.69144  ? 30 PHE A CE2 1 
ATOM   252  C  CZ  . PHE A 1 30 ? 3.58648   -5.31202  -17.73816 1.000 39.11923  ? 30 PHE A CZ  1 
ATOM   253  N  N   . PHE A 1 31 ? 8.48161   -7.97349  -15.93057 1.000 36.51139  ? 31 PHE A N   1 
ATOM   254  C  CA  . PHE A 1 31 ? 9.54959   -7.42517  -16.75870 1.000 33.22362  ? 31 PHE A CA  1 
ATOM   255  C  C   . PHE A 1 31 ? 10.29742  -8.50351  -17.52968 1.000 47.18376  ? 31 PHE A C   1 
ATOM   256  O  O   . PHE A 1 31 ? 10.89211  -8.20275  -18.57039 1.000 48.48755  ? 31 PHE A O   1 
ATOM   257  C  CB  . PHE A 1 31 ? 10.53666  -6.62470  -15.90604 1.000 30.17560  ? 31 PHE A CB  1 
ATOM   258  C  CG  . PHE A 1 31 ? 9.92646   -5.43834  -15.21374 1.000 29.45194  ? 31 PHE A CG  1 
ATOM   259  C  CD1 . PHE A 1 31 ? 10.55129  -4.86741  -14.11691 1.000 42.95927  ? 31 PHE A CD1 1 
ATOM   260  C  CD2 . PHE A 1 31 ? 8.74052   -4.88332  -15.66689 1.000 26.03712  ? 31 PHE A CD2 1 
ATOM   261  C  CE1 . PHE A 1 31 ? 10.00013  -3.77484  -13.47747 1.000 37.35791  ? 31 PHE A CE1 1 
ATOM   262  C  CE2 . PHE A 1 31 ? 8.18317   -3.78940  -15.03118 1.000 24.81497  ? 31 PHE A CE2 1 
ATOM   263  C  CZ  . PHE A 1 31 ? 8.81446   -3.23469  -13.93503 1.000 28.25827  ? 31 PHE A CZ  1 
ATOM   264  N  N   . ALA A 1 32 ? 10.28865  -9.74441  -17.04421 1.000 44.53138  ? 32 ALA A N   1 
ATOM   265  C  CA  . ALA A 1 32 ? 10.96505  -10.83547 -17.73207 1.000 38.71792  ? 32 ALA A CA  1 
ATOM   266  C  C   . ALA A 1 32 ? 10.16070  -11.38380 -18.90102 1.000 33.27329  ? 32 ALA A C   1 
ATOM   267  O  O   . ALA A 1 32 ? 10.61651  -12.32652 -19.55685 1.000 37.65497  ? 32 ALA A O   1 
ATOM   268  C  CB  . ALA A 1 32 ? 11.27946  -11.96505 -16.74807 1.000 51.87710  ? 32 ALA A CB  1 
ATOM   269  N  N   . ASP A 1 33 ? 8.98935   -10.82056 -19.17817 1.000 32.22333  ? 33 ASP A N   1 
ATOM   270  C  CA  . ASP A 1 33 ? 8.14430   -11.23824 -20.29250 1.000 39.13163  ? 33 ASP A CA  1 
ATOM   271  C  C   . ASP A 1 33 ? 8.15172   -10.09147 -21.30020 1.000 42.83131  ? 33 ASP A C   1 
ATOM   272  O  O   . ASP A 1 33 ? 7.28433   -9.21661  -21.28338 1.000 38.74153  ? 33 ASP A O   1 
ATOM   273  C  CB  . ASP A 1 33 ? 6.73540   -11.58414 -19.82389 1.000 35.12625  ? 33 ASP A CB  1 
ATOM   274  C  CG  . ASP A 1 33 ? 5.94125   -12.33847 -20.87300 1.000 47.68480  ? 33 ASP A CG  1 
ATOM   275  O  OD1 . ASP A 1 33 ? 6.23594   -13.53154 -21.09937 1.000 53.11988  ? 33 ASP A OD1 1 
ATOM   276  O  OD2 . ASP A 1 33 ? 5.01695   -11.74240 -21.46508 1.000 47.62600  ? 33 ASP A OD2 1 
ATOM   277  N  N   . LYS A 1 34 ? 9.14883   -10.10605 -22.17563 1.000 56.25948  ? 34 LYS A N   1 
ATOM   278  C  CA  . LYS A 1 34 ? 9.35942   -9.06792  -23.17135 1.000 54.01525  ? 34 LYS A CA  1 
ATOM   279  C  C   . LYS A 1 34 ? 10.04417  -9.70691  -24.36716 1.000 69.83429  ? 34 LYS A C   1 
ATOM   280  O  O   . LYS A 1 34 ? 10.64138  -10.78252 -24.23894 1.000 70.83113  ? 34 LYS A O   1 
ATOM   281  C  CB  . LYS A 1 34 ? 10.20632  -7.91739  -22.60922 1.000 55.56444  ? 34 LYS A CB  1 
ATOM   282  C  CG  . LYS A 1 34 ? 11.59790  -8.32908  -22.15821 1.000 55.07336  ? 34 LYS A CG  1 
ATOM   283  C  CD  . LYS A 1 34 ? 12.28265  -7.20247  -21.40418 1.000 53.11944  ? 34 LYS A CD  1 
ATOM   284  C  CE  . LYS A 1 34 ? 12.53441  -6.00403  -22.30276 1.000 60.29690  ? 34 LYS A CE  1 
ATOM   285  N  NZ  . LYS A 1 34 ? 13.25485  -4.92352  -21.57615 1.000 72.32206  ? 34 LYS A NZ  1 
ATOM   286  N  N   . PRO A 1 35 ? 9.96100   -9.08767  -25.54574 1.000 61.15084  ? 35 PRO A N   1 
ATOM   287  C  CA  . PRO A 1 35 ? 10.59763  -9.68125  -26.72648 1.000 53.25869  ? 35 PRO A CA  1 
ATOM   288  C  C   . PRO A 1 35 ? 12.09559  -9.86485  -26.52746 1.000 62.36221  ? 35 PRO A C   1 
ATOM   289  O  O   . PRO A 1 35 ? 12.71273  -9.28071  -25.63375 1.000 71.28572  ? 35 PRO A O   1 
ATOM   290  C  CB  . PRO A 1 35 ? 10.30238  -8.66714  -27.83678 1.000 53.28906  ? 35 PRO A CB  1 
ATOM   291  C  CG  . PRO A 1 35 ? 9.06145   -7.97618  -27.38708 1.000 46.79775  ? 35 PRO A CG  1 
ATOM   292  C  CD  . PRO A 1 35 ? 9.15878   -7.90015  -25.89106 1.000 47.02231  ? 35 PRO A CD  1 
ATOM   293  N  N   . ASP A 1 36 ? 12.67855  -10.69498 -27.38881 1.000 66.02343  ? 36 ASP A N   1 
ATOM   294  C  CA  . ASP A 1 36 ? 14.09035  -11.03137 -27.27365 1.000 70.91534  ? 36 ASP A CA  1 
ATOM   295  C  C   . ASP A 1 36 ? 14.95758  -9.79100  -27.46266 1.000 64.97420  ? 36 ASP A C   1 
ATOM   296  O  O   . ASP A 1 36 ? 14.57098  -8.82858  -28.13158 1.000 63.13731  ? 36 ASP A O   1 
ATOM   297  C  CB  . ASP A 1 36 ? 14.46268  -12.10307 -28.30205 1.000 72.52426  ? 36 ASP A CB  1 
ATOM   298  C  CG  . ASP A 1 36 ? 15.87029  -12.63901 -28.10945 1.000 91.44760  ? 36 ASP A CG  1 
ATOM   299  O  OD1 . ASP A 1 36 ? 16.47477  -12.36761 -27.05023 1.000 95.93930  ? 36 ASP A OD1 1 
ATOM   300  O  OD2 . ASP A 1 36 ? 16.37318  -13.33126 -29.02036 1.000 88.58223  ? 36 ASP A OD2 1 
ATOM   301  N  N   . GLU A 1 37 ? 16.14210  -9.81544  -26.84581 1.000 65.63936  ? 37 GLU A N   1 
ATOM   302  C  CA  . GLU A 1 37 ? 17.07574  -8.70534  -26.99078 1.000 60.43236  ? 37 GLU A CA  1 
ATOM   303  C  C   . GLU A 1 37 ? 17.56266  -8.55940  -28.42513 1.000 71.94669  ? 37 GLU A C   1 
ATOM   304  O  O   . GLU A 1 37 ? 17.99400  -7.46892  -28.81612 1.000 69.23133  ? 37 GLU A O   1 
ATOM   305  C  CB  . GLU A 1 37 ? 18.26265  -8.88767  -26.03954 1.000 72.94385  ? 37 GLU A CB  1 
ATOM   306  C  CG  . GLU A 1 37 ? 18.94826  -10.24730 -26.12734 1.000 82.50128  ? 37 GLU A CG  1 
ATOM   307  C  CD  . GLU A 1 37 ? 19.94566  -10.33630 -27.26824 1.000 87.96104  ? 37 GLU A CD  1 
ATOM   308  O  OE1 . GLU A 1 37 ? 20.45788  -9.28021  -27.69618 1.000 83.78891  ? 37 GLU A OE1 1 
ATOM   309  O  OE2 . GLU A 1 37 ? 20.21340  -11.46150 -27.74020 1.000 79.50458  ? 37 GLU A OE2 1 
ATOM   310  N  N   . ALA A 1 38 ? 17.50060  -9.63098  -29.21487 1.000 71.94128  ? 38 ALA A N   1 
ATOM   311  C  CA  . ALA A 1 38 ? 17.90361  -9.59261  -30.61304 1.000 63.97807  ? 38 ALA A CA  1 
ATOM   312  C  C   . ALA A 1 38 ? 16.80226  -9.07714  -31.52882 1.000 58.33393  ? 38 ALA A C   1 
ATOM   313  O  O   . ALA A 1 38 ? 17.02446  -8.97233  -32.73944 1.000 70.18868  ? 38 ALA A O   1 
ATOM   314  C  CB  . ALA A 1 38 ? 18.34733  -10.98428 -31.07052 1.000 48.98783  ? 38 ALA A CB  1 
ATOM   315  N  N   . THR A 1 39 ? 15.62863  -8.75309  -30.98508 1.000 52.56795  ? 39 THR A N   1 
ATOM   316  C  CA  . THR A 1 39 ? 14.52262  -8.22693  -31.76969 1.000 51.72025  ? 39 THR A CA  1 
ATOM   317  C  C   . THR A 1 39 ? 14.21378  -6.76845  -31.46678 1.000 58.30974  ? 39 THR A C   1 
ATOM   318  O  O   . THR A 1 39 ? 13.43098  -6.15412  -32.20021 1.000 58.80307  ? 39 THR A O   1 
ATOM   319  C  CB  . THR A 1 39 ? 13.25426  -9.06098  -31.53608 1.000 50.33715  ? 39 THR A CB  1 
ATOM   320  O  OG1 . THR A 1 39 ? 12.86615  -8.96881  -30.16009 1.000 51.50049  ? 39 THR A OG1 1 
ATOM   321  C  CG2 . THR A 1 39 ? 13.50898  -10.51770 -31.87889 1.000 61.78399  ? 39 THR A CG2 1 
ATOM   322  N  N   . LEU A 1 40 ? 14.79328  -6.20396  -30.41168 1.000 52.43901  ? 40 LEU A N   1 
ATOM   323  C  CA  . LEU A 1 40 ? 14.52876  -4.82954  -30.01123 1.000 50.44234  ? 40 LEU A CA  1 
ATOM   324  C  C   . LEU A 1 40 ? 15.63707  -3.91878  -30.52043 1.000 58.83572  ? 40 LEU A C   1 
ATOM   325  O  O   . LEU A 1 40 ? 16.82185  -4.18927  -30.29794 1.000 57.10087  ? 40 LEU A O   1 
ATOM   326  C  CB  . LEU A 1 40 ? 14.41558  -4.71734  -28.49053 1.000 36.19744  ? 40 LEU A CB  1 
ATOM   327  C  CG  . LEU A 1 40 ? 13.38626  -5.62238  -27.81485 1.000 46.14261  ? 40 LEU A CG  1 
ATOM   328  C  CD1 . LEU A 1 40 ? 13.39124  -5.40366  -26.31078 1.000 59.29067  ? 40 LEU A CD1 1 
ATOM   329  C  CD2 . LEU A 1 40 ? 12.00127  -5.37898  -28.39128 1.000 58.50778  ? 40 LEU A CD2 1 
ATOM   330  N  N   . SER A 1 41 ? 15.24808  -2.84601  -31.20443 1.000 56.44779  ? 41 SER A N   1 
ATOM   331  C  CA  . SER A 1 41 ? 16.20376  -1.84801  -31.64533 1.000 53.71083  ? 41 SER A CA  1 
ATOM   332  C  C   . SER A 1 41 ? 16.71836  -1.05287  -30.44651 1.000 66.92565  ? 41 SER A C   1 
ATOM   333  O  O   . SER A 1 41 ? 16.11617  -1.07771  -29.37005 1.000 72.50698  ? 41 SER A O   1 
ATOM   334  C  CB  . SER A 1 41 ? 15.56091  -0.91256  -32.66805 1.000 66.78496  ? 41 SER A CB  1 
ATOM   335  O  OG  . SER A 1 41 ? 14.51323  -0.15498  -32.08826 1.000 77.45931  ? 41 SER A OG  1 
ATOM   336  N  N   . PRO A 1 42 ? 17.84600  -0.35096  -30.60419 1.000 64.93690  ? 42 PRO A N   1 
ATOM   337  C  CA  . PRO A 1 42 ? 18.31910  0.51967   -29.51433 1.000 58.31509  ? 42 PRO A CA  1 
ATOM   338  C  C   . PRO A 1 42 ? 17.28492  1.53274   -29.05417 1.000 52.56938  ? 42 PRO A C   1 
ATOM   339  O  O   . PRO A 1 42 ? 17.32783  1.96475   -27.89554 1.000 51.85358  ? 42 PRO A O   1 
ATOM   340  C  CB  . PRO A 1 42 ? 19.54722  1.20190   -30.12974 1.000 59.29203  ? 42 PRO A CB  1 
ATOM   341  C  CG  . PRO A 1 42 ? 20.05980  0.20243   -31.10511 1.000 73.92529  ? 42 PRO A CG  1 
ATOM   342  C  CD  . PRO A 1 42 ? 18.83732  -0.45508  -31.69055 1.000 67.95242  ? 42 PRO A CD  1 
ATOM   343  N  N   . GLU A 1 43 ? 16.35778  1.93049   -29.92830 1.000 48.33704  ? 43 GLU A N   1 
ATOM   344  C  CA  . GLU A 1 43 ? 15.26644  2.79916   -29.50102 1.000 58.36639  ? 43 GLU A CA  1 
ATOM   345  C  C   . GLU A 1 43 ? 14.28773  2.05440   -28.60063 1.000 69.53145  ? 43 GLU A C   1 
ATOM   346  O  O   . GLU A 1 43 ? 13.84276  2.59219   -27.57949 1.000 76.38452  ? 43 GLU A O   1 
ATOM   347  C  CB  . GLU A 1 43 ? 14.54389  3.37080   -30.72108 1.000 72.71851  ? 43 GLU A CB  1 
ATOM   348  C  CG  . GLU A 1 43 ? 13.16739  3.94402   -30.41861 1.000 84.93373  ? 43 GLU A CG  1 
ATOM   349  C  CD  . GLU A 1 43 ? 12.45037  4.43023   -31.66293 1.000 89.73769  ? 43 GLU A CD  1 
ATOM   350  O  OE1 . GLU A 1 43 ? 13.11149  5.03005   -32.53653 1.000 87.45160  ? 43 GLU A OE1 1 
ATOM   351  O  OE2 . GLU A 1 43 ? 11.22477  4.21222   -31.76724 1.000 89.51646  ? 43 GLU A OE2 1 
HETATM 352  N  N   . MSE A 1 44 ? 13.94372  0.82059   -28.95711 1.000 57.07504  ? 44 MSE A N   1 
HETATM 353  C  CA  . MSE A 1 44 ? 13.01244  0.02931   -28.16127 1.000 46.96044  ? 44 MSE A CA  1 
HETATM 354  C  C   . MSE A 1 44 ? 13.63043  -0.37663  -26.82751 1.000 52.15852  ? 44 MSE A C   1 
HETATM 355  O  O   . MSE A 1 44 ? 12.93704  -0.44945  -25.81307 1.000 57.67622  ? 44 MSE A O   1 
HETATM 356  C  CB  . MSE A 1 44 ? 12.56499  -1.21346  -28.93228 1.000 47.06300  ? 44 MSE A CB  1 
HETATM 357  C  CG  . MSE A 1 44 ? 11.93965  -0.91125  -30.28353 1.000 72.43169  ? 44 MSE A CG  1 
HETATM 358  SE SE  . MSE A 1 44 ? 11.34808  -2.51622  -31.22109 1.000 112.21265 ? 44 MSE A SE  1 
HETATM 359  C  CE  . MSE A 1 44 ? 9.79712   -2.95751  -30.12290 1.000 72.09013  ? 44 MSE A CE  1 
ATOM   360  N  N   . LYS A 1 45 ? 14.93989  -0.64129  -26.83362 1.000 43.70212  ? 45 LYS A N   1 
ATOM   361  C  CA  . LYS A 1 45 ? 15.62081  -1.00442  -25.59439 1.000 37.88435  ? 45 LYS A CA  1 
ATOM   362  C  C   . LYS A 1 45 ? 15.60114  0.14641   -24.59796 1.000 49.33672  ? 45 LYS A C   1 
ATOM   363  O  O   . LYS A 1 45 ? 15.36940  -0.06201  -23.40128 1.000 60.32466  ? 45 LYS A O   1 
ATOM   364  C  CB  . LYS A 1 45 ? 17.05737  -1.43810  -25.88303 1.000 35.63442  ? 45 LYS A CB  1 
ATOM   365  C  CG  . LYS A 1 45 ? 17.17775  -2.79951  -26.54828 1.000 35.01944  ? 45 LYS A CG  1 
ATOM   366  C  CD  . LYS A 1 45 ? 18.62395  -3.26850  -26.57971 1.000 33.33906  ? 45 LYS A CD  1 
ATOM   367  C  CE  . LYS A 1 45 ? 18.75029  -4.62947  -27.24425 1.000 50.87337  ? 45 LYS A CE  1 
ATOM   368  N  NZ  . LYS A 1 45 ? 20.13782  -5.16481  -27.16288 1.000 51.26342  ? 45 LYS A NZ  1 
ATOM   369  N  N   . GLU A 1 46 ? 15.84651  1.36961   -25.07238 1.000 55.52200  ? 46 GLU A N   1 
ATOM   370  C  CA  . GLU A 1 46 ? 15.76801  2.53130   -24.19426 1.000 58.29518  ? 46 GLU A CA  1 
ATOM   371  C  C   . GLU A 1 46 ? 14.33811  2.79441   -23.74100 1.000 59.51376  ? 46 GLU A C   1 
ATOM   372  O  O   . GLU A 1 46 ? 14.12144  3.27375   -22.62198 1.000 66.55438  ? 46 GLU A O   1 
ATOM   373  C  CB  . GLU A 1 46 ? 16.33418  3.76115   -24.90369 1.000 58.99231  ? 46 GLU A CB  1 
ATOM   374  C  CG  . GLU A 1 46 ? 17.82911  3.69410   -25.16805 1.000 63.69680  ? 46 GLU A CG  1 
ATOM   375  C  CD  . GLU A 1 46 ? 18.28241  4.69686   -26.21125 1.000 64.81351  ? 46 GLU A CD  1 
ATOM   376  O  OE1 . GLU A 1 46 ? 17.45656  5.53441   -26.63241 1.000 54.00673  ? 46 GLU A OE1 1 
ATOM   377  O  OE2 . GLU A 1 46 ? 19.46512  4.64685   -26.61037 1.000 53.91498  ? 46 GLU A OE2 1 
ATOM   378  N  N   . HIS A 1 47 ? 13.35368  2.48580   -24.58758 1.000 46.57867  ? 47 HIS A N   1 
ATOM   379  C  CA  . HIS A 1 47 ? 11.96093  2.66182   -24.19168 1.000 53.93419  ? 47 HIS A CA  1 
ATOM   380  C  C   . HIS A 1 47 ? 11.52544  1.58694   -23.20259 1.000 47.10041  ? 47 HIS A C   1 
ATOM   381  O  O   . HIS A 1 47 ? 10.75836  1.86473   -22.27356 1.000 52.35384  ? 47 HIS A O   1 
ATOM   382  C  CB  . HIS A 1 47 ? 11.06013  2.65661   -25.42668 1.000 53.92949  ? 47 HIS A CB  1 
ATOM   383  C  CG  . HIS A 1 47 ? 10.97829  3.98168   -26.11955 1.000 77.99051  ? 47 HIS A CG  1 
ATOM   384  N  ND1 . HIS A 1 47 ? 12.08880  4.75563   -26.37974 1.000 81.95044  ? 47 HIS A ND1 1 
ATOM   385  C  CD2 . HIS A 1 47 ? 9.91793   4.67121   -26.60356 1.000 80.61762  ? 47 HIS A CD2 1 
ATOM   386  C  CE1 . HIS A 1 47 ? 11.71666  5.86393   -26.99531 1.000 82.91383  ? 47 HIS A CE1 1 
ATOM   387  N  NE2 . HIS A 1 47 ? 10.40425  5.83767   -27.14266 1.000 80.91122  ? 47 HIS A NE2 1 
ATOM   388  N  N   . TYR A 1 48 ? 12.00709  0.35466   -23.38149 1.000 42.66618  ? 48 TYR A N   1 
ATOM   389  C  CA  . TYR A 1 48 ? 11.66054  -0.71495  -22.45138 1.000 39.75684  ? 48 TYR A CA  1 
ATOM   390  C  C   . TYR A 1 48 ? 12.32845  -0.52673  -21.09457 1.000 37.96729  ? 48 TYR A C   1 
ATOM   391  O  O   . TYR A 1 48 ? 11.78729  -0.96950  -20.07513 1.000 30.71026  ? 48 TYR A O   1 
ATOM   392  C  CB  . TYR A 1 48 ? 12.02568  -2.07243  -23.05153 1.000 47.90939  ? 48 TYR A CB  1 
ATOM   393  C  CG  . TYR A 1 48 ? 10.87180  -2.73833  -23.76843 1.000 39.93221  ? 48 TYR A CG  1 
ATOM   394  C  CD1 . TYR A 1 48 ? 10.73231  -2.63611  -25.14606 1.000 44.37002  ? 48 TYR A CD1 1 
ATOM   395  C  CD2 . TYR A 1 48 ? 9.91548   -3.45907  -23.06575 1.000 46.06684  ? 48 TYR A CD2 1 
ATOM   396  C  CE1 . TYR A 1 48 ? 9.67646   -3.23907  -25.80455 1.000 50.67111  ? 48 TYR A CE1 1 
ATOM   397  C  CE2 . TYR A 1 48 ? 8.85655   -4.06483  -23.71530 1.000 53.08939  ? 48 TYR A CE2 1 
ATOM   398  C  CZ  . TYR A 1 48 ? 8.74208   -3.95161  -25.08387 1.000 47.33120  ? 48 TYR A CZ  1 
ATOM   399  O  OH  . TYR A 1 48 ? 7.68965   -4.55305  -25.73461 1.000 47.51286  ? 48 TYR A OH  1 
ATOM   400  N  N   . GLU A 1 49 ? 13.50338  0.10745   -21.05922 1.000 42.09935  ? 49 GLU A N   1 
ATOM   401  C  CA  . GLU A 1 49 ? 14.18020  0.33209   -19.78506 1.000 45.12941  ? 49 GLU A CA  1 
ATOM   402  C  C   . GLU A 1 49 ? 13.47882  1.41734   -18.97861 1.000 43.26409  ? 49 GLU A C   1 
ATOM   403  O  O   . GLU A 1 49 ? 13.30606  1.28150   -17.76167 1.000 43.32266  ? 49 GLU A O   1 
ATOM   404  C  CB  . GLU A 1 49 ? 15.64551  0.69529   -20.02066 1.000 68.03120  ? 49 GLU A CB  1 
ATOM   405  C  CG  . GLU A 1 49 ? 16.57380  -0.50435  -20.10416 1.000 84.80883  ? 49 GLU A CG  1 
ATOM   406  C  CD  . GLU A 1 49 ? 18.03222  -0.10641  -20.21739 1.000 95.55779  ? 49 GLU A CD  1 
ATOM   407  O  OE1 . GLU A 1 49 ? 18.34089  1.08704   -20.01883 1.000 84.63910  ? 49 GLU A OE1 1 
ATOM   408  O  OE2 . GLU A 1 49 ? 18.87002  -0.98699  -20.50548 1.000 107.87081 ? 49 GLU A OE2 1 
ATOM   409  N  N   . LYS A 1 50 ? 13.08449  2.51040   -19.63715 1.000 36.36372  ? 50 LYS A N   1 
ATOM   410  C  CA  . LYS A 1 50 ? 12.28193  3.52907   -18.96882 1.000 35.18444  ? 50 LYS A CA  1 
ATOM   411  C  C   . LYS A 1 50 ? 10.92576  2.97515   -18.55419 1.000 37.31073  ? 50 LYS A C   1 
ATOM   412  O  O   . LYS A 1 50 ? 10.35733  3.40867   -17.54519 1.000 43.19911  ? 50 LYS A O   1 
ATOM   413  C  CB  . LYS A 1 50 ? 12.11403  4.74522   -19.87958 1.000 34.12099  ? 50 LYS A CB  1 
ATOM   414  C  CG  . LYS A 1 50 ? 13.41432  5.48184   -20.15742 1.000 66.26746  ? 50 LYS A CG  1 
ATOM   415  C  CD  . LYS A 1 50 ? 13.29894  6.39117   -21.36815 1.000 72.65749  ? 50 LYS A CD  1 
ATOM   416  C  CE  . LYS A 1 50 ? 14.64997  6.97490   -21.74859 1.000 68.96841  ? 50 LYS A CE  1 
ATOM   417  N  NZ  . LYS A 1 50 ? 15.59227  5.93449   -22.24614 1.000 60.37617  ? 50 LYS A NZ  1 
ATOM   418  N  N   . PHE A 1 51 ? 10.39760  2.01732   -19.31870 1.000 45.83903  ? 51 PHE A N   1 
ATOM   419  C  CA  . PHE A 1 51 ? 9.16543   1.33810   -18.93266 1.000 38.63351  ? 51 PHE A CA  1 
ATOM   420  C  C   . PHE A 1 51 ? 9.33145   0.64065   -17.58805 1.000 35.13877  ? 51 PHE A C   1 
ATOM   421  O  O   . PHE A 1 51 ? 8.50485   0.80452   -16.68339 1.000 35.03203  ? 51 PHE A O   1 
ATOM   422  C  CB  . PHE A 1 51 ? 8.77500   0.34099   -20.03106 1.000 37.32725  ? 51 PHE A CB  1 
ATOM   423  C  CG  . PHE A 1 51 ? 7.58197   -0.52230  -19.70072 1.000 34.61148  ? 51 PHE A CG  1 
ATOM   424  C  CD1 . PHE A 1 51 ? 6.31787   -0.18102  -20.14847 1.000 34.61683  ? 51 PHE A CD1 1 
ATOM   425  C  CD2 . PHE A 1 51 ? 7.73444   -1.70222  -18.98688 1.000 42.05841  ? 51 PHE A CD2 1 
ATOM   426  C  CE1 . PHE A 1 51 ? 5.22522   -0.98010  -19.86065 1.000 31.85750  ? 51 PHE A CE1 1 
ATOM   427  C  CE2 . PHE A 1 51 ? 6.64579   -2.50262  -18.69484 1.000 30.19743  ? 51 PHE A CE2 1 
ATOM   428  C  CZ  . PHE A 1 51 ? 5.38948   -2.14147  -19.13328 1.000 23.56161  ? 51 PHE A CZ  1 
ATOM   429  N  N   . GLU A 1 52 ? 10.40885  -0.13329  -17.43385 1.000 31.50505  ? 52 GLU A N   1 
ATOM   430  C  CA  . GLU A 1 52 ? 10.62334  -0.86410  -16.18890 1.000 33.43211  ? 52 GLU A CA  1 
ATOM   431  C  C   . GLU A 1 52 ? 10.93336  0.08089   -15.03451 1.000 39.87465  ? 52 GLU A C   1 
ATOM   432  O  O   . GLU A 1 52 ? 10.49604  -0.15161  -13.90135 1.000 44.37254  ? 52 GLU A O   1 
ATOM   433  C  CB  . GLU A 1 52 ? 11.74748  -1.88691  -16.36190 1.000 45.98157  ? 52 GLU A CB  1 
ATOM   434  C  CG  . GLU A 1 52 ? 11.41101  -3.02611  -17.31395 1.000 63.06156  ? 52 GLU A CG  1 
ATOM   435  C  CD  . GLU A 1 52 ? 12.62173  -3.86582  -17.67250 1.000 71.06158  ? 52 GLU A CD  1 
ATOM   436  O  OE1 . GLU A 1 52 ? 13.66557  -3.72241  -17.00142 1.000 68.67864  ? 52 GLU A OE1 1 
ATOM   437  O  OE2 . GLU A 1 52 ? 12.53135  -4.66437  -18.62950 1.000 67.61702  ? 52 GLU A OE2 1 
ATOM   438  N  N   . LYS A 1 53 ? 11.68231  1.15444   -15.30166 1.000 55.36253  ? 53 LYS A N   1 
ATOM   439  C  CA  . LYS A 1 53 ? 12.05577  2.07720   -14.23360 1.000 45.77246  ? 53 LYS A CA  1 
ATOM   440  C  C   . LYS A 1 53 ? 10.84266  2.81918   -13.68838 1.000 28.84358  ? 53 LYS A C   1 
ATOM   441  O  O   . LYS A 1 53 ? 10.68014  2.93437   -12.46858 1.000 30.60545  ? 53 LYS A O   1 
ATOM   442  C  CB  . LYS A 1 53 ? 13.10763  3.06738   -14.73410 1.000 45.81575  ? 53 LYS A CB  1 
ATOM   443  C  CG  . LYS A 1 53 ? 14.53329  2.53981   -14.68209 1.000 72.84668  ? 53 LYS A CG  1 
ATOM   444  C  CD  . LYS A 1 53 ? 15.53456  3.60279   -15.10843 1.000 83.06439  ? 53 LYS A CD  1 
ATOM   445  C  CE  . LYS A 1 53 ? 15.53928  3.78845   -16.61881 1.000 72.11641  ? 53 LYS A CE  1 
ATOM   446  N  NZ  . LYS A 1 53 ? 16.20469  5.05817   -17.02237 1.000 49.52621  ? 53 LYS A NZ  1 
HETATM 447  N  N   . MSE A 1 54 ? 9.97993   3.31922   -14.56783 1.000 22.17184  ? 54 MSE A N   1 
HETATM 448  C  CA  . MSE A 1 54 ? 8.78836   4.04311   -14.13875 1.000 28.55404  ? 54 MSE A CA  1 
HETATM 449  C  C   . MSE A 1 54 ? 7.84949   3.16971   -13.30741 1.000 35.12377  ? 54 MSE A C   1 
HETATM 450  O  O   . MSE A 1 54 ? 7.21521   3.65183   -12.36813 1.000 35.96334  ? 54 MSE A O   1 
HETATM 451  C  CB  . MSE A 1 54 ? 8.04133   4.60578   -15.34709 1.000 31.41979  ? 54 MSE A CB  1 
HETATM 452  C  CG  . MSE A 1 54 ? 8.28868   6.08565   -15.59047 1.000 40.27657  ? 54 MSE A CG  1 
HETATM 453  SE SE  . MSE A 1 54 ? 7.38474   6.73886   -17.18751 1.000 75.87623  ? 54 MSE A SE  1 
HETATM 454  C  CE  . MSE A 1 54 ? 8.65189   6.09625   -18.52154 1.000 52.47276  ? 54 MSE A CE  1 
ATOM   455  N  N   . ILE A 1 55 ? 7.76274   1.88288   -13.65183 1.000 33.51627  ? 55 ILE A N   1 
ATOM   456  C  CA  . ILE A 1 55 ? 6.93597   0.96987   -12.86803 1.000 27.18360  ? 55 ILE A CA  1 
ATOM   457  C  C   . ILE A 1 55 ? 7.58127   0.69522   -11.51570 1.000 24.08479  ? 55 ILE A C   1 
ATOM   458  O  O   . ILE A 1 55 ? 6.90348   0.67505   -10.48136 1.000 22.57740  ? 55 ILE A O   1 
ATOM   459  C  CB  . ILE A 1 55 ? 6.68213   -0.33371  -13.64794 1.000 29.80198  ? 55 ILE A CB  1 
ATOM   460  C  CG1 . ILE A 1 55 ? 5.89555   -0.05383  -14.93077 1.000 30.85827  ? 55 ILE A CG1 1 
ATOM   461  C  CG2 . ILE A 1 55 ? 5.93753   -1.33776  -12.78174 1.000 21.75687  ? 55 ILE A CG2 1 
ATOM   462  C  CD1 . ILE A 1 55 ? 4.48277   0.42389   -14.69061 1.000 25.50386  ? 55 ILE A CD1 1 
ATOM   463  N  N   . GLN A 1 56 ? 8.89942   0.47776   -11.49992 1.000 25.76278  ? 56 GLN A N   1 
ATOM   464  C  CA  . GLN A 1 56 ? 9.59500   0.23946   -10.23961 1.000 22.53836  ? 56 GLN A CA  1 
ATOM   465  C  C   . GLN A 1 56 ? 9.67060   1.50064   -9.39026  1.000 22.33585  ? 56 GLN A C   1 
ATOM   466  O  O   . GLN A 1 56 ? 9.62170   1.41970   -8.15793  1.000 24.79778  ? 56 GLN A O   1 
ATOM   467  C  CB  . GLN A 1 56 ? 10.99903  -0.30270  -10.50564 1.000 19.32183  ? 56 GLN A CB  1 
ATOM   468  C  CG  . GLN A 1 56 ? 11.58135  -1.10300  -9.35129  1.000 18.59327  ? 56 GLN A CG  1 
ATOM   469  C  CD  . GLN A 1 56 ? 10.71871  -2.29239  -8.97574  1.000 44.66599  ? 56 GLN A CD  1 
ATOM   470  O  OE1 . GLN A 1 56 ? 10.13936  -2.33741  -7.89020  1.000 34.56666  ? 56 GLN A OE1 1 
ATOM   471  N  NE2 . GLN A 1 56 ? 10.62665  -3.26327  -9.87673  1.000 62.25036  ? 56 GLN A NE2 1 
ATOM   472  N  N   . GLU A 1 57 ? 9.79991   2.66781   -10.02376 1.000 26.44733  ? 57 GLU A N   1 
ATOM   473  C  CA  . GLU A 1 57 ? 9.79395   3.91822   -9.27214  1.000 35.47843  ? 57 GLU A CA  1 
ATOM   474  C  C   . GLU A 1 57 ? 8.43844   4.16149   -8.62121  1.000 36.15542  ? 57 GLU A C   1 
ATOM   475  O  O   . GLU A 1 57 ? 8.36722   4.60965   -7.47096  1.000 50.76186  ? 57 GLU A O   1 
ATOM   476  C  CB  . GLU A 1 57 ? 10.17446  5.08428   -10.18546 1.000 36.92000  ? 57 GLU A CB  1 
ATOM   477  C  CG  . GLU A 1 57 ? 10.69751  6.30812   -9.45000  1.000 36.98081  ? 57 GLU A CG  1 
ATOM   478  C  CD  . GLU A 1 57 ? 11.54366  7.20246   -10.33666 1.000 51.54374  ? 57 GLU A CD  1 
ATOM   479  O  OE1 . GLU A 1 57 ? 11.20267  7.36007   -11.52783 1.000 45.52029  ? 57 GLU A OE1 1 
ATOM   480  O  OE2 . GLU A 1 57 ? 12.55755  7.73964   -9.84412  1.000 64.03616  ? 57 GLU A OE2 1 
ATOM   481  N  N   . HIS A 1 58 ? 7.35181   3.86484   -9.33855  1.000 22.62384  ? 58 HIS A N   1 
ATOM   482  C  CA  . HIS A 1 58 ? 6.02134   4.01535   -8.76026  1.000 20.93400  ? 58 HIS A CA  1 
ATOM   483  C  C   . HIS A 1 58 ? 5.75623   2.98085   -7.67322  1.000 22.56545  ? 58 HIS A C   1 
ATOM   484  O  O   . HIS A 1 58 ? 4.93836   3.22089   -6.77870  1.000 23.42581  ? 58 HIS A O   1 
ATOM   485  C  CB  . HIS A 1 58 ? 4.96575   3.91668   -9.86229  1.000 24.12714  ? 58 HIS A CB  1 
ATOM   486  C  CG  . HIS A 1 58 ? 3.56192   3.82887   -9.35232  1.000 19.14280  ? 58 HIS A CG  1 
ATOM   487  N  ND1 . HIS A 1 58 ? 2.90586   4.90399   -8.79423  1.000 24.88557  ? 58 HIS A ND1 1 
ATOM   488  C  CD2 . HIS A 1 58 ? 2.68751   2.79559   -9.31843  1.000 20.88439  ? 58 HIS A CD2 1 
ATOM   489  C  CE1 . HIS A 1 58 ? 1.68747   4.53748   -8.43915  1.000 29.09433  ? 58 HIS A CE1 1 
ATOM   490  N  NE2 . HIS A 1 58 ? 1.52932   3.26301   -8.74700  1.000 24.57637  ? 58 HIS A NE2 1 
ATOM   491  N  N   . THR A 1 59 ? 6.43549   1.83453   -7.72555  1.000 24.12283  ? 59 THR A N   1 
ATOM   492  C  CA  . THR A 1 59 ? 6.25179   0.81054   -6.70223  1.000 16.50474  ? 59 THR A CA  1 
ATOM   493  C  C   . THR A 1 59 ? 7.03713   1.13764   -5.43592  1.000 27.15555  ? 59 THR A C   1 
ATOM   494  O  O   . THR A 1 59 ? 6.49783   1.06686   -4.32596  1.000 33.66853  ? 59 THR A O   1 
ATOM   495  C  CB  . THR A 1 59 ? 6.66082   -0.55833  -7.25145  1.000 18.91631  ? 59 THR A CB  1 
ATOM   496  O  OG1 . THR A 1 59 ? 5.78131   -0.92616  -8.32084  1.000 23.82716  ? 59 THR A OG1 1 
ATOM   497  C  CG2 . THR A 1 59 ? 6.59217   -1.61859  -6.16409  1.000 20.47811  ? 59 THR A CG2 1 
ATOM   498  N  N   . ASP A 1 60 ? 8.31405   1.50035   -5.58459  1.000 27.04875  ? 60 ASP A N   1 
ATOM   499  C  CA  . ASP A 1 60 ? 9.13580   1.82033   -4.42114  1.000 28.56032  ? 60 ASP A CA  1 
ATOM   500  C  C   . ASP A 1 60 ? 8.67859   3.09404   -3.72025  1.000 30.86708  ? 60 ASP A C   1 
ATOM   501  O  O   . ASP A 1 60 ? 8.84162   3.21590   -2.50077  1.000 34.87343  ? 60 ASP A O   1 
ATOM   502  C  CB  . ASP A 1 60 ? 10.60376  1.94448   -4.82959  1.000 46.57441  ? 60 ASP A CB  1 
ATOM   503  C  CG  . ASP A 1 60 ? 11.14764  0.66798   -5.43796  1.000 56.83626  ? 60 ASP A CG  1 
ATOM   504  O  OD1 . ASP A 1 60 ? 11.81987  0.74438   -6.48877  1.000 46.45465  ? 60 ASP A OD1 1 
ATOM   505  O  OD2 . ASP A 1 60 ? 10.88920  -0.41472  -4.87097  1.000 62.04532  ? 60 ASP A OD2 1 
ATOM   506  N  N   . LYS A 1 61 ? 8.11217   4.05050   -4.46080  1.000 32.39720  ? 61 LYS A N   1 
ATOM   507  C  CA  . LYS A 1 61 ? 7.68052   5.29770   -3.83555  1.000 34.94440  ? 61 LYS A CA  1 
ATOM   508  C  C   . LYS A 1 61 ? 6.52058   5.07080   -2.87505  1.000 28.23385  ? 61 LYS A C   1 
ATOM   509  O  O   . LYS A 1 61 ? 6.46243   5.68968   -1.80588  1.000 32.47169  ? 61 LYS A O   1 
ATOM   510  C  CB  . LYS A 1 61 ? 7.29287   6.31553   -4.90812  1.000 26.48685  ? 61 LYS A CB  1 
ATOM   511  C  CG  . LYS A 1 61 ? 7.09792   7.72782   -4.38019  1.000 36.93974  ? 61 LYS A CG  1 
ATOM   512  C  CD  . LYS A 1 61 ? 7.21476   8.75962   -5.49127  1.000 56.87291  ? 61 LYS A CD  1 
ATOM   513  C  CE  . LYS A 1 61 ? 8.55569   8.65350   -6.20354  1.000 79.39032  ? 61 LYS A CE  1 
ATOM   514  N  NZ  . LYS A 1 61 ? 8.58437   9.43357   -7.47258  1.000 73.98652  ? 61 LYS A NZ  1 
ATOM   515  N  N   . PHE A 1 62 ? 5.59560   4.18348   -3.23063  1.000 25.97837  ? 62 PHE A N   1 
ATOM   516  C  CA  . PHE A 1 62 ? 4.42624   3.92510   -2.40230  1.000 27.63956  ? 62 PHE A CA  1 
ATOM   517  C  C   . PHE A 1 62 ? 4.63441   2.79346   -1.40862  1.000 31.35107  ? 62 PHE A C   1 
ATOM   518  O  O   . PHE A 1 62 ? 3.88395   2.70368   -0.43043  1.000 48.60011  ? 62 PHE A O   1 
ATOM   519  C  CB  . PHE A 1 62 ? 3.20896   3.67446   -3.28976  1.000 16.25145  ? 62 PHE A CB  1 
ATOM   520  C  CG  . PHE A 1 62 ? 2.71848   4.91956   -3.95618  1.000 17.33387  ? 62 PHE A CG  1 
ATOM   521  C  CD1 . PHE A 1 62 ? 3.10914   5.23012   -5.24509  1.000 33.14715  ? 62 PHE A CD1 1 
ATOM   522  C  CD2 . PHE A 1 62 ? 1.90575   5.80728   -3.27445  1.000 21.91439  ? 62 PHE A CD2 1 
ATOM   523  C  CE1 . PHE A 1 62 ? 2.67858   6.39013   -5.84975  1.000 40.20093  ? 62 PHE A CE1 1 
ATOM   524  C  CE2 . PHE A 1 62 ? 1.47129   6.96735   -3.87531  1.000 30.77284  ? 62 PHE A CE2 1 
ATOM   525  C  CZ  . PHE A 1 62 ? 1.86070   7.25921   -5.16376  1.000 29.50806  ? 62 PHE A CZ  1 
ATOM   526  N  N   . ASN A 1 63 ? 5.62451   1.92794   -1.63168  1.000 24.24232  ? 63 ASN A N   1 
ATOM   527  C  CA  . ASN A 1 63 ? 6.01738   1.00470   -0.57454  1.000 30.71840  ? 63 ASN A CA  1 
ATOM   528  C  C   . ASN A 1 63 ? 6.55654   1.77480   0.62252   1.000 36.00471  ? 63 ASN A C   1 
ATOM   529  O  O   . ASN A 1 63 ? 6.32178   1.39371   1.77506   1.000 38.70374  ? 63 ASN A O   1 
ATOM   530  C  CB  . ASN A 1 63 ? 7.05854   0.01222   -1.09230  1.000 33.20207  ? 63 ASN A CB  1 
ATOM   531  C  CG  . ASN A 1 63 ? 6.43593   -1.15025  -1.83900  1.000 25.98109  ? 63 ASN A CG  1 
ATOM   532  O  OD1 . ASN A 1 63 ? 5.27583   -1.49419  -1.61775  1.000 32.76746  ? 63 ASN A OD1 1 
ATOM   533  N  ND2 . ASN A 1 63 ? 7.20709   -1.76404  -2.72839  1.000 29.17221  ? 63 ASN A ND2 1 
ATOM   534  N  N   . LYS A 1 64 ? 7.26574   2.87710   0.36655   1.000 29.15054  ? 64 LYS A N   1 
ATOM   535  C  CA  . LYS A 1 64 ? 7.73253   3.72628   1.45604   1.000 33.96790  ? 64 LYS A CA  1 
ATOM   536  C  C   . LYS A 1 64 ? 6.56929   4.45751   2.11318   1.000 26.83263  ? 64 LYS A C   1 
ATOM   537  O  O   . LYS A 1 64 ? 6.52604   4.58896   3.34217   1.000 32.93098  ? 64 LYS A O   1 
ATOM   538  C  CB  . LYS A 1 64 ? 8.76685   4.72494   0.93662   1.000 50.76876  ? 64 LYS A CB  1 
ATOM   539  C  CG  . LYS A 1 64 ? 9.39384   5.60206   2.01152   1.000 52.33995  ? 64 LYS A CG  1 
ATOM   540  C  CD  . LYS A 1 64 ? 10.48223  6.49247   1.42623   1.000 40.98726  ? 64 LYS A CD  1 
ATOM   541  C  CE  . LYS A 1 64 ? 11.62496  5.66758   0.85302   1.000 72.28782  ? 64 LYS A CE  1 
ATOM   542  N  NZ  . LYS A 1 64 ? 12.67780  6.52153   0.23389   1.000 85.08551  ? 64 LYS A NZ  1 
ATOM   543  N  N   . LYS A 1 65 ? 5.61304   4.93618   1.31201   1.000 14.29214  ? 65 LYS A N   1 
ATOM   544  C  CA  . LYS A 1 65 ? 4.46462   5.64096   1.86987   1.000 23.93167  ? 65 LYS A CA  1 
ATOM   545  C  C   . LYS A 1 65 ? 3.50608   4.70470   2.59110   1.000 29.82496  ? 65 LYS A C   1 
ATOM   546  O  O   . LYS A 1 65 ? 2.75044   5.15988   3.45612   1.000 36.96704  ? 65 LYS A O   1 
ATOM   547  C  CB  . LYS A 1 65 ? 3.72121   6.40593   0.77275   1.000 17.32664  ? 65 LYS A CB  1 
ATOM   548  C  CG  . LYS A 1 65 ? 4.32710   7.76408   0.46003   1.000 37.94152  ? 65 LYS A CG  1 
ATOM   549  C  CD  . LYS A 1 65 ? 3.57281   8.48435   -0.64408  1.000 33.41901  ? 65 LYS A CD  1 
ATOM   550  C  CE  . LYS A 1 65 ? 4.22403   9.82356   -0.95622  1.000 44.55063  ? 65 LYS A CE  1 
ATOM   551  N  NZ  . LYS A 1 65 ? 3.63821   10.47698  -2.16039  1.000 39.40982  ? 65 LYS A NZ  1 
HETATM 552  N  N   . MSE A 1 66 ? 3.51796   3.41732   2.26282   1.000 36.74544  ? 66 MSE A N   1 
HETATM 553  C  CA  . MSE A 1 66 ? 2.70583   2.45286   2.99072   1.000 38.58523  ? 66 MSE A CA  1 
HETATM 554  C  C   . MSE A 1 66 ? 3.31587   2.19112   4.36283   1.000 37.43951  ? 66 MSE A C   1 
HETATM 555  O  O   . MSE A 1 66 ? 2.59808   2.06783   5.35595   1.000 38.54597  ? 66 MSE A O   1 
HETATM 556  C  CB  . MSE A 1 66 ? 2.56832   1.15038   2.20622   1.000 45.26222  ? 66 MSE A CB  1 
HETATM 557  C  CG  . MSE A 1 66 ? 1.78512   0.07989   2.94126   1.000 46.30404  ? 66 MSE A CG  1 
HETATM 558  SE SE  . MSE A 1 66 ? 1.06501   -1.26118  1.73731   1.000 82.26969  ? 66 MSE A SE  1 
HETATM 559  C  CE  . MSE A 1 66 ? -0.18895  -0.12960  0.76992   1.000 15.75861  ? 66 MSE A CE  1 
ATOM   560  N  N   . ARG A 1 67 ? 4.64919   2.10957   4.41252   1.000 37.24302  ? 67 ARG A N   1 
ATOM   561  C  CA  . ARG A 1 67 ? 5.32924   2.04648   5.70153   1.000 25.37830  ? 67 ARG A CA  1 
ATOM   562  C  C   . ARG A 1 67 ? 5.09483   3.31784   6.50458   1.000 31.34028  ? 67 ARG A C   1 
ATOM   563  O  O   . ARG A 1 67 ? 5.03448   3.27261   7.73852   1.000 38.33753  ? 67 ARG A O   1 
ATOM   564  C  CB  . ARG A 1 67 ? 6.82619   1.80781   5.50146   1.000 26.09228  ? 67 ARG A CB  1 
ATOM   565  C  CG  . ARG A 1 67 ? 7.16305   0.49275   4.81389   1.000 42.58724  ? 67 ARG A CG  1 
ATOM   566  C  CD  . ARG A 1 67 ? 8.66198   0.22796   4.82743   1.000 55.28362  ? 67 ARG A CD  1 
ATOM   567  N  NE  . ARG A 1 67 ? 9.38527   1.10736   3.91185   1.000 71.24882  ? 67 ARG A NE  1 
ATOM   568  C  CZ  . ARG A 1 67 ? 9.70981   0.78656   2.66302   1.000 77.67545  ? 67 ARG A CZ  1 
ATOM   569  N  NH1 . ARG A 1 67 ? 9.37548   -0.39931  2.17150   1.000 87.69370  ? 67 ARG A NH1 1 
ATOM   570  N  NH2 . ARG A 1 67 ? 10.36978  1.65200   1.90418   1.000 57.21241  ? 67 ARG A NH2 1 
ATOM   571  N  N   . GLU A 1 68 ? 4.96942   4.45954   5.82314   1.000 30.02531  ? 68 GLU A N   1 
ATOM   572  C  CA  . GLU A 1 68 ? 4.59093   5.69252   6.50409   1.000 31.29887  ? 68 GLU A CA  1 
ATOM   573  C  C   . GLU A 1 68 ? 3.18040   5.58805   7.07049   1.000 29.70350  ? 68 GLU A C   1 
ATOM   574  O  O   . GLU A 1 68 ? 2.90542   6.07665   8.17285   1.000 34.58728  ? 68 GLU A O   1 
ATOM   575  C  CB  . GLU A 1 68 ? 4.70558   6.87748   5.54352   1.000 29.51860  ? 68 GLU A CB  1 
ATOM   576  C  CG  . GLU A 1 68 ? 4.24089   8.20432   6.12536   1.000 58.88480  ? 68 GLU A CG  1 
ATOM   577  C  CD  . GLU A 1 68 ? 4.32734   9.34395   5.12662   1.000 41.37850  ? 68 GLU A CD  1 
ATOM   578  O  OE1 . GLU A 1 68 ? 4.82231   9.11527   4.00236   1.000 26.55765  ? 68 GLU A OE1 1 
ATOM   579  O  OE2 . GLU A 1 68 ? 3.89999   10.46821  5.46643   1.000 39.73490  ? 68 GLU A OE2 1 
ATOM   580  N  N   . HIS A 1 69 ? 2.27411   4.94078   6.33382   1.000 28.52952  ? 69 HIS A N   1 
ATOM   581  C  CA  . HIS A 1 69 ? 0.91838   4.74795   6.83493   1.000 45.79323  ? 69 HIS A CA  1 
ATOM   582  C  C   . HIS A 1 69 ? 0.88131   3.73470   7.97115   1.000 33.64797  ? 69 HIS A C   1 
ATOM   583  O  O   . HIS A 1 69 ? 0.02828   3.83402   8.86042   1.000 24.25546  ? 69 HIS A O   1 
ATOM   584  C  CB  . HIS A 1 69 ? -0.00126  4.30340   5.69566   1.000 47.02739  ? 69 HIS A CB  1 
ATOM   585  C  CG  . HIS A 1 69 ? -1.43931  4.17971   6.09167   1.000 51.51674  ? 69 HIS A CG  1 
ATOM   586  N  ND1 . HIS A 1 69 ? -2.30902  5.24886   6.08440   1.000 62.28371  ? 69 HIS A ND1 1 
ATOM   587  C  CD2 . HIS A 1 69 ? -2.16025  3.11103   6.50597   1.000 54.40486  ? 69 HIS A CD2 1 
ATOM   588  C  CE1 . HIS A 1 69 ? -3.50324  4.84459   6.47930   1.000 58.38259  ? 69 HIS A CE1 1 
ATOM   589  N  NE2 . HIS A 1 69 ? -3.43975  3.55154   6.74157   1.000 62.58225  ? 69 HIS A NE2 1 
ATOM   590  N  N   . SER A 1 70 ? 1.80710   2.77312   7.97364   1.000 30.22350  ? 70 SER A N   1 
ATOM   591  C  CA  . SER A 1 70 ? 1.86088   1.80148   9.06059   1.000 22.02338  ? 70 SER A CA  1 
ATOM   592  C  C   . SER A 1 70 ? 2.37750   2.44004   10.34233  1.000 35.36895  ? 70 SER A C   1 
ATOM   593  O  O   . SER A 1 70 ? 1.87008   2.15400   11.43334  1.000 38.82426  ? 70 SER A O   1 
ATOM   594  C  CB  . SER A 1 70 ? 2.73354   0.61311   8.66162   1.000 20.77791  ? 70 SER A CB  1 
ATOM   595  O  OG  . SER A 1 70 ? 2.12775   -0.13464  7.62345   1.000 34.60565  ? 70 SER A OG  1 
ATOM   596  N  N   . GLU A 1 71 ? 3.39138   3.30165   10.23204  1.000 33.63936  ? 71 GLU A N   1 
ATOM   597  C  CA  . GLU A 1 71 ? 3.87825   4.01575   11.40624  1.000 33.13139  ? 71 GLU A CA  1 
ATOM   598  C  C   . GLU A 1 71 ? 2.78629   4.89952   11.99391  1.000 30.51907  ? 71 GLU A C   1 
ATOM   599  O  O   . GLU A 1 71 ? 2.64830   5.00007   13.21865  1.000 32.46555  ? 71 GLU A O   1 
ATOM   600  C  CB  . GLU A 1 71 ? 5.10670   4.84825   11.03641  1.000 58.43500  ? 71 GLU A CB  1 
ATOM   601  C  CG  . GLU A 1 71 ? 6.31246   4.02462   10.60251  1.000 65.07116  ? 71 GLU A CG  1 
ATOM   602  C  CD  . GLU A 1 71 ? 7.45387   4.88131   10.08163  1.000 83.89572  ? 71 GLU A CD  1 
ATOM   603  O  OE1 . GLU A 1 71 ? 7.31003   6.12225   10.05912  1.000 72.22514  ? 71 GLU A OE1 1 
ATOM   604  O  OE2 . GLU A 1 71 ? 8.49474   4.31157   9.68999   1.000 78.20036  ? 71 GLU A OE2 1 
ATOM   605  N  N   . HIS A 1 72 ? 1.98806   5.53571   11.13311  1.000 36.65656  ? 72 HIS A N   1 
ATOM   606  C  CA  . HIS A 1 72 ? 0.86041   6.32403   11.61574  1.000 36.64123  ? 72 HIS A CA  1 
ATOM   607  C  C   . HIS A 1 72 ? -0.21029  5.43438   12.23220  1.000 32.87265  ? 72 HIS A C   1 
ATOM   608  O  O   . HIS A 1 72 ? -0.92901  5.86504   13.14099  1.000 32.97329  ? 72 HIS A O   1 
ATOM   609  C  CB  . HIS A 1 72 ? 0.27431   7.15931   10.47761  1.000 48.75523  ? 72 HIS A CB  1 
ATOM   610  C  CG  . HIS A 1 72 ? -0.90381  7.98962   10.88298  1.000 50.50811  ? 72 HIS A CG  1 
ATOM   611  N  ND1 . HIS A 1 72 ? -0.77073  9.21208   11.50563  1.000 48.47263  ? 72 HIS A ND1 1 
ATOM   612  C  CD2 . HIS A 1 72 ? -2.23485  7.77568   10.75498  1.000 41.27080  ? 72 HIS A CD2 1 
ATOM   613  C  CE1 . HIS A 1 72 ? -1.96854  9.71479   11.74514  1.000 45.52948  ? 72 HIS A CE1 1 
ATOM   614  N  NE2 . HIS A 1 72 ? -2.87426  8.86317   11.29920  1.000 44.38367  ? 72 HIS A NE2 1 
ATOM   615  N  N   . PHE A 1 73 ? -0.32137  4.19212   11.75895  1.000 35.98485  ? 73 PHE A N   1 
ATOM   616  C  CA  . PHE A 1 73 ? -1.29926  3.26476   12.31560  1.000 22.62494  ? 73 PHE A CA  1 
ATOM   617  C  C   . PHE A 1 73 ? -0.85808  2.77714   13.68970  1.000 27.36547  ? 73 PHE A C   1 
ATOM   618  O  O   . PHE A 1 73 ? -1.66599  2.72379   14.62416  1.000 23.52333  ? 73 PHE A O   1 
ATOM   619  C  CB  . PHE A 1 73 ? -1.48194  2.09461   11.34209  1.000 27.85164  ? 73 PHE A CB  1 
ATOM   620  C  CG  . PHE A 1 73 ? -2.75803  1.30693   11.52475  1.000 32.05115  ? 73 PHE A CG  1 
ATOM   621  C  CD1 . PHE A 1 73 ? -3.55022  1.00790   10.42800  1.000 32.87662  ? 73 PHE A CD1 1 
ATOM   622  C  CD2 . PHE A 1 73 ? -3.13344  0.81146   12.76385  1.000 39.80848  ? 73 PHE A CD2 1 
ATOM   623  C  CE1 . PHE A 1 73 ? -4.71011  0.27286   10.56902  1.000 24.28086  ? 73 PHE A CE1 1 
ATOM   624  C  CE2 . PHE A 1 73 ? -4.29429  0.07324   12.91105  1.000 30.82081  ? 73 PHE A CE2 1 
ATOM   625  C  CZ  . PHE A 1 73 ? -5.08053  -0.19851  11.81090  1.000 21.46445  ? 73 PHE A CZ  1 
ATOM   626  N  N   . LYS A 1 74 ? 0.42731   2.44583   13.83830  1.000 38.54919  ? 74 LYS A N   1 
ATOM   627  C  CA  . LYS A 1 74 ? 0.93387   1.99733   15.13156  1.000 31.12032  ? 74 LYS A CA  1 
ATOM   628  C  C   . LYS A 1 74 ? 0.81145   3.08703   16.18833  1.000 29.41608  ? 74 LYS A C   1 
ATOM   629  O  O   . LYS A 1 74 ? 0.42632   2.81220   17.33069  1.000 32.71432  ? 74 LYS A O   1 
ATOM   630  C  CB  . LYS A 1 74 ? 2.38981   1.55320   15.00038  1.000 28.92651  ? 74 LYS A CB  1 
ATOM   631  C  CG  . LYS A 1 74 ? 2.61350   0.40846   14.03241  1.000 30.07896  ? 74 LYS A CG  1 
ATOM   632  C  CD  . LYS A 1 74 ? 4.09234   0.09206   13.90373  1.000 21.79339  ? 74 LYS A CD  1 
ATOM   633  C  CE  . LYS A 1 74 ? 4.34033   -0.95351  12.83227  1.000 34.69116  ? 74 LYS A CE  1 
ATOM   634  N  NZ  . LYS A 1 74 ? 5.78040   -1.31005  12.73849  1.000 52.14166  ? 74 LYS A NZ  1 
ATOM   635  N  N   . ALA A 1 75 ? 1.13322   4.33183   15.82535  1.000 29.35808  ? 75 ALA A N   1 
ATOM   636  C  CA  . ALA A 1 75 ? 1.08108   5.42006   16.79616  1.000 22.62441  ? 75 ALA A CA  1 
ATOM   637  C  C   . ALA A 1 75 ? -0.34417  5.68479   17.26196  1.000 20.07973  ? 75 ALA A C   1 
ATOM   638  O  O   . ALA A 1 75 ? -0.58799  5.85597   18.46220  1.000 28.34442  ? 75 ALA A O   1 
ATOM   639  C  CB  . ALA A 1 75 ? 1.69516   6.68525   16.19845  1.000 23.66323  ? 75 ALA A CB  1 
ATOM   640  N  N   . LYS A 1 76 ? -1.30056  5.71303   16.33183  1.000 17.80940  ? 76 LYS A N   1 
ATOM   641  C  CA  . LYS A 1 76 ? -2.68987  5.93383   16.71697  1.000 28.77828  ? 76 LYS A CA  1 
ATOM   642  C  C   . LYS A 1 76 ? -3.26873  4.72918   17.44752  1.000 26.80241  ? 76 LYS A C   1 
ATOM   643  O  O   . LYS A 1 76 ? -4.18702  4.88245   18.26080  1.000 19.81593  ? 76 LYS A O   1 
ATOM   644  C  CB  . LYS A 1 76 ? -3.52957  6.28511   15.48911  1.000 28.84192  ? 76 LYS A CB  1 
ATOM   645  C  CG  . LYS A 1 76 ? -3.10801  7.58199   14.81522  1.000 35.50828  ? 76 LYS A CG  1 
ATOM   646  C  CD  . LYS A 1 76 ? -3.31304  8.76643   15.74911  1.000 47.75569  ? 76 LYS A CD  1 
ATOM   647  C  CE  . LYS A 1 76 ? -2.90920  10.07752  15.09604  1.000 47.69343  ? 76 LYS A CE  1 
ATOM   648  N  NZ  . LYS A 1 76 ? -2.98386  11.21161  16.05885  1.000 49.03137  ? 76 LYS A NZ  1 
ATOM   649  N  N   . PHE A 1 77 ? -2.74477  3.53052   17.18238  1.000 29.91535  ? 77 PHE A N   1 
ATOM   650  C  CA  . PHE A 1 77 ? -3.22527  2.34730   17.88616  1.000 24.25063  ? 77 PHE A CA  1 
ATOM   651  C  C   . PHE A 1 77 ? -2.69190  2.30538   19.31143  1.000 26.62401  ? 77 PHE A C   1 
ATOM   652  O  O   . PHE A 1 77 ? -3.38869  1.84844   20.22395  1.000 37.49495  ? 77 PHE A O   1 
ATOM   653  C  CB  . PHE A 1 77 ? -2.82659  1.08065   17.12886  1.000 31.69585  ? 77 PHE A CB  1 
ATOM   654  C  CG  . PHE A 1 77 ? -3.34612  -0.18639  17.74899  1.000 43.96919  ? 77 PHE A CG  1 
ATOM   655  C  CD1 . PHE A 1 77 ? -4.70074  -0.47387  17.74136  1.000 40.65392  ? 77 PHE A CD1 1 
ATOM   656  C  CD2 . PHE A 1 77 ? -2.47893  -1.08939  18.34136  1.000 47.91938  ? 77 PHE A CD2 1 
ATOM   657  C  CE1 . PHE A 1 77 ? -5.17945  -1.64002  18.31097  1.000 38.03414  ? 77 PHE A CE1 1 
ATOM   658  C  CE2 . PHE A 1 77 ? -2.95105  -2.25675  18.91074  1.000 35.53521  ? 77 PHE A CE2 1 
ATOM   659  C  CZ  . PHE A 1 77 ? -4.30291  -2.53221  18.89654  1.000 35.13878  ? 77 PHE A CZ  1 
ATOM   660  N  N   . ALA A 1 78 ? -1.45881  2.77294   19.51953  1.000 25.55288  ? 78 ALA A N   1 
ATOM   661  C  CA  . ALA A 1 78 ? -0.91813  2.83989   20.87209  1.000 22.09019  ? 78 ALA A CA  1 
ATOM   662  C  C   . ALA A 1 78 ? -1.64332  3.89682   21.69391  1.000 25.15479  ? 78 ALA A C   1 
ATOM   663  O  O   . ALA A 1 78 ? -1.86930  3.71119   22.89530  1.000 30.23079  ? 78 ALA A O   1 
ATOM   664  C  CB  . ALA A 1 78 ? 0.58150   3.12658   20.82913  1.000 26.35254  ? 78 ALA A CB  1 
ATOM   665  N  N   . GLU A 1 79 ? -2.01708  5.01312   21.06284  1.000 21.62630  ? 79 GLU A N   1 
ATOM   666  C  CA  . GLU A 1 79 ? -2.76432  6.04321   21.77440  1.000 33.58126  ? 79 GLU A CA  1 
ATOM   667  C  C   . GLU A 1 79 ? -4.15230  5.54935   22.15904  1.000 39.38094  ? 79 GLU A C   1 
ATOM   668  O  O   . GLU A 1 79 ? -4.71545  5.99975   23.16345  1.000 41.78550  ? 79 GLU A O   1 
ATOM   669  C  CB  . GLU A 1 79 ? -2.86813  7.30390   20.91403  1.000 42.77175  ? 79 GLU A CB  1 
ATOM   670  C  CG  . GLU A 1 79 ? -3.42500  8.51964   21.63957  1.000 57.11622  ? 79 GLU A CG  1 
ATOM   671  C  CD  . GLU A 1 79 ? -3.45869  9.75795   20.76321  1.000 57.78815  ? 79 GLU A CD  1 
ATOM   672  O  OE1 . GLU A 1 79 ? -3.59018  9.61174   19.52863  1.000 37.92453  ? 79 GLU A OE1 1 
ATOM   673  O  OE2 . GLU A 1 79 ? -3.34351  10.87658  21.30885  1.000 59.43346  ? 79 GLU A OE2 1 
ATOM   674  N  N   . LEU A 1 80 ? -4.70727  4.61362   21.38593  1.000 34.79762  ? 80 LEU A N   1 
ATOM   675  C  CA  . LEU A 1 80 ? -6.00981  4.04466   21.70952  1.000 26.94110  ? 80 LEU A CA  1 
ATOM   676  C  C   . LEU A 1 80 ? -5.90742  3.04138   22.85097  1.000 30.76540  ? 80 LEU A C   1 
ATOM   677  O  O   . LEU A 1 80 ? -6.76212  3.02450   23.74373  1.000 45.45936  ? 80 LEU A O   1 
ATOM   678  C  CB  . LEU A 1 80 ? -6.61540  3.38571   20.47010  1.000 35.84388  ? 80 LEU A CB  1 
ATOM   679  C  CG  . LEU A 1 80 ? -7.92689  2.61972   20.65491  1.000 32.99042  ? 80 LEU A CG  1 
ATOM   680  C  CD1 . LEU A 1 80 ? -9.06151  3.56119   21.02856  1.000 34.09584  ? 80 LEU A CD1 1 
ATOM   681  C  CD2 . LEU A 1 80 ? -8.26483  1.84024   19.39471  1.000 35.24859  ? 80 LEU A CD2 1 
ATOM   682  N  N   . LEU A 1 81 ? -4.87356  2.19544   22.83633  1.000 27.14724  ? 81 LEU A N   1 
ATOM   683  C  CA  . LEU A 1 81 ? -4.66178  1.27580   23.94851  1.000 33.93579  ? 81 LEU A CA  1 
ATOM   684  C  C   . LEU A 1 81 ? -4.30569  2.02013   25.22760  1.000 33.59842  ? 81 LEU A C   1 
ATOM   685  O  O   . LEU A 1 81 ? -4.58682  1.52857   26.32657  1.000 35.58464  ? 81 LEU A O   1 
ATOM   686  C  CB  . LEU A 1 81 ? -3.56933  0.26277   23.60535  1.000 28.76015  ? 81 LEU A CB  1 
ATOM   687  C  CG  . LEU A 1 81 ? -3.86828  -0.74184  22.48958  1.000 26.04829  ? 81 LEU A CG  1 
ATOM   688  C  CD1 . LEU A 1 81 ? -2.76792  -1.78916  22.41441  1.000 27.69306  ? 81 LEU A CD1 1 
ATOM   689  C  CD2 . LEU A 1 81 ? -5.22756  -1.39569  22.68620  1.000 23.89171  ? 81 LEU A CD2 1 
ATOM   690  N  N   . GLU A 1 82 ? -3.68373  3.19604   25.10922  1.000 34.28115  ? 82 GLU A N   1 
ATOM   691  C  CA  . GLU A 1 82 ? -3.42410  4.00814   26.29314  1.000 41.82712  ? 82 GLU A CA  1 
ATOM   692  C  C   . GLU A 1 82 ? -4.72521  4.51926   26.89674  1.000 47.22014  ? 82 GLU A C   1 
ATOM   693  O  O   . GLU A 1 82 ? -4.88668  4.53008   28.12295  1.000 51.10657  ? 82 GLU A O   1 
ATOM   694  C  CB  . GLU A 1 82 ? -2.49677  5.17168   25.94407  1.000 42.19501  ? 82 GLU A CB  1 
ATOM   695  C  CG  . GLU A 1 82 ? -1.87687  5.85558   27.15463  1.000 49.64938  ? 82 GLU A CG  1 
ATOM   696  C  CD  . GLU A 1 82 ? -0.96588  4.93297   27.94420  1.000 56.02392  ? 82 GLU A CD  1 
ATOM   697  O  OE1 . GLU A 1 82 ? -0.18849  4.18332   27.31618  1.000 46.58624  ? 82 GLU A OE1 1 
ATOM   698  O  OE2 . GLU A 1 82 ? -1.02542  4.95866   29.19199  1.000 58.06279  ? 82 GLU A OE2 1 
ATOM   699  N  N   . GLN A 1 83 ? -5.66559  4.94585   26.04988  1.000 44.68440  ? 83 GLN A N   1 
ATOM   700  C  CA  . GLN A 1 83 ? -6.99074  5.30364   26.54113  1.000 37.32157  ? 83 GLN A CA  1 
ATOM   701  C  C   . GLN A 1 83 ? -7.74142  4.07994   27.04928  1.000 36.60566  ? 83 GLN A C   1 
ATOM   702  O  O   . GLN A 1 83 ? -8.51438  4.18105   28.00878  1.000 52.60165  ? 83 GLN A O   1 
ATOM   703  C  CB  . GLN A 1 83 ? -7.78925  6.00285   25.44022  1.000 41.82083  ? 83 GLN A CB  1 
ATOM   704  C  CG  . GLN A 1 83 ? -7.16231  7.29708   24.94118  1.000 44.41654  ? 83 GLN A CG  1 
ATOM   705  C  CD  . GLN A 1 83 ? -7.79976  7.80196   23.65927  1.000 49.29500  ? 83 GLN A CD  1 
ATOM   706  O  OE1 . GLN A 1 83 ? -8.33960  7.02425   22.87217  1.000 39.13063  ? 83 GLN A OE1 1 
ATOM   707  N  NE2 . GLN A 1 83 ? -7.74028  9.11210   23.44425  1.000 50.81087  ? 83 GLN A NE2 1 
ATOM   708  N  N   . GLN A 1 84 ? -7.52159  2.91955   26.42759  1.000 32.08921  ? 84 GLN A N   1 
ATOM   709  C  CA  . GLN A 1 84 ? -8.14668  1.69177   26.90684  1.000 46.24862  ? 84 GLN A CA  1 
ATOM   710  C  C   . GLN A 1 84 ? -7.58734  1.28306   28.26424  1.000 36.49968  ? 84 GLN A C   1 
ATOM   711  O  O   . GLN A 1 84 ? -8.33184  0.81839   29.13501  1.000 30.70721  ? 84 GLN A O   1 
ATOM   712  C  CB  . GLN A 1 84 ? -7.94857  0.57272   25.88319  1.000 55.89595  ? 84 GLN A CB  1 
ATOM   713  C  CG  . GLN A 1 84 ? -8.62611  -0.73663  26.24951  1.000 53.36155  ? 84 GLN A CG  1 
ATOM   714  C  CD  . GLN A 1 84 ? -10.12191 -0.69666  26.01466  1.000 77.18324  ? 84 GLN A CD  1 
ATOM   715  O  OE1 . GLN A 1 84 ? -10.58070 -0.64398  24.87361  1.000 72.78976  ? 84 GLN A OE1 1 
ATOM   716  N  NE2 . GLN A 1 84 ? -10.89246 -0.71836  27.09695  1.000 57.85144  ? 84 GLN A NE2 1 
ATOM   717  N  N   . LYS A 1 85 ? -6.27850  1.45301   28.46276  1.000 43.45039  ? 85 LYS A N   1 
ATOM   718  C  CA  . LYS A 1 85 ? -5.65811  1.07043   29.72746  1.000 43.79744  ? 85 LYS A CA  1 
ATOM   719  C  C   . LYS A 1 85 ? -6.09588  1.99428   30.85764  1.000 36.85727  ? 85 LYS A C   1 
ATOM   720  O  O   . LYS A 1 85 ? -6.44973  1.53339   31.94905  1.000 37.97128  ? 85 LYS A O   1 
ATOM   721  C  CB  . LYS A 1 85 ? -4.13535  1.07460   29.58215  1.000 45.10213  ? 85 LYS A CB  1 
ATOM   722  C  CG  . LYS A 1 85 ? -3.37434  0.88375   30.88603  1.000 36.92206  ? 85 LYS A CG  1 
ATOM   723  C  CD  . LYS A 1 85 ? -1.87210  0.98115   30.66082  1.000 45.03167  ? 85 LYS A CD  1 
ATOM   724  C  CE  . LYS A 1 85 ? -1.10136  0.88627   31.96858  1.000 55.16113  ? 85 LYS A CE  1 
ATOM   725  N  NZ  . LYS A 1 85 ? 0.36901   1.00907   31.75701  1.000 49.44516  ? 85 LYS A NZ  1 
ATOM   726  N  N   . ASN A 1 86 ? -6.07558  3.30037   30.61669  1.000 37.91479  ? 86 ASN A N   1 
ATOM   727  C  CA  . ASN A 1 86 ? -6.47805  4.27034   31.62781  1.000 37.27672  ? 86 ASN A CA  1 
ATOM   728  C  C   . ASN A 1 86 ? -7.99146  4.46371   31.62188  1.000 46.91320  ? 86 ASN A C   1 
ATOM   729  O  O   . ASN A 1 86 ? -8.75188  3.49550   31.66810  1.000 51.54102  ? 86 ASN A O   1 
ATOM   730  C  CB  . ASN A 1 86 ? -5.77185  5.60885   31.39858  1.000 42.41743  ? 86 ASN A CB  1 
ATOM   731  C  CG  . ASN A 1 86 ? -4.25973  5.49155   31.46781  1.000 50.79581  ? 86 ASN A CG  1 
ATOM   732  O  OD1 . ASN A 1 86 ? -3.71101  4.39018   31.51096  1.000 55.00094  ? 86 ASN A OD1 1 
ATOM   733  N  ND2 . ASN A 1 86 ? -3.57793  6.63136   31.47161  1.000 41.68170  ? 86 ASN A ND2 1 
ATOM   734  N  N   . THR B 1 4  ? 1.97949   -1.37988  -26.38315 1.000 39.33666  ? 4  THR B N   1 
ATOM   735  C  CA  . THR B 1 4  ? 3.01842   -1.14946  -25.38594 1.000 42.77685  ? 4  THR B CA  1 
ATOM   736  C  C   . THR B 1 4  ? 2.54246   -0.16439  -24.32424 1.000 47.02885  ? 4  THR B C   1 
ATOM   737  O  O   . THR B 1 4  ? 2.73313   -0.38738  -23.12868 1.000 46.79109  ? 4  THR B O   1 
ATOM   738  C  CB  . THR B 1 4  ? 4.31260   -0.61163  -26.03055 1.000 42.64231  ? 4  THR B CB  1 
ATOM   739  O  OG1 . THR B 1 4  ? 4.79012   -1.54710  -27.00519 1.000 85.84288  ? 4  THR B OG1 1 
ATOM   740  C  CG2 . THR B 1 4  ? 5.38706   -0.39448  -24.97652 1.000 27.97113  ? 4  THR B CG2 1 
ATOM   741  N  N   . TYR B 1 5  ? 1.91596   0.92723   -24.77135 1.000 52.60895  ? 5  TYR B N   1 
ATOM   742  C  CA  . TYR B 1 5  ? 1.40854   1.92264   -23.83234 1.000 38.93637  ? 5  TYR B CA  1 
ATOM   743  C  C   . TYR B 1 5  ? 0.23198   1.37884   -23.03240 1.000 39.02846  ? 5  TYR B C   1 
ATOM   744  O  O   . TYR B 1 5  ? 0.10569   1.66156   -21.83537 1.000 43.25472  ? 5  TYR B O   1 
ATOM   745  C  CB  . TYR B 1 5  ? 1.00681   3.19966   -24.57139 1.000 39.72128  ? 5  TYR B CB  1 
ATOM   746  C  CG  . TYR B 1 5  ? 0.35039   4.23072   -23.67608 1.000 66.76437  ? 5  TYR B CG  1 
ATOM   747  C  CD1 . TYR B 1 5  ? 1.11234   5.06154   -22.86368 1.000 58.93918  ? 5  TYR B CD1 1 
ATOM   748  C  CD2 . TYR B 1 5  ? -1.03215  4.36619   -23.63607 1.000 77.78229  ? 5  TYR B CD2 1 
ATOM   749  C  CE1 . TYR B 1 5  ? 0.51597   5.99963   -22.03917 1.000 57.30480  ? 5  TYR B CE1 1 
ATOM   750  C  CE2 . TYR B 1 5  ? -1.63733  5.30150   -22.81511 1.000 72.02342  ? 5  TYR B CE2 1 
ATOM   751  C  CZ  . TYR B 1 5  ? -0.85918  6.11557   -22.02012 1.000 66.17583  ? 5  TYR B CZ  1 
ATOM   752  O  OH  . TYR B 1 5  ? -1.45940  7.04691   -21.20389 1.000 56.12123  ? 5  TYR B OH  1 
ATOM   753  N  N   . GLU B 1 6  ? -0.64702  0.60947   -23.67868 1.000 43.86770  ? 6  GLU B N   1 
ATOM   754  C  CA  . GLU B 1 6  ? -1.80610  0.06553   -22.97871 1.000 50.97145  ? 6  GLU B CA  1 
ATOM   755  C  C   . GLU B 1 6  ? -1.38558  -0.91659  -21.89254 1.000 48.58977  ? 6  GLU B C   1 
ATOM   756  O  O   . GLU B 1 6  ? -2.01645  -0.98330  -20.83118 1.000 49.96499  ? 6  GLU B O   1 
ATOM   757  C  CB  . GLU B 1 6  ? -2.75204  -0.60431  -23.97473 1.000 51.38448  ? 6  GLU B CB  1 
ATOM   758  C  CG  . GLU B 1 6  ? -3.35944  0.35190   -24.98831 1.000 59.15729  ? 6  GLU B CG  1 
ATOM   759  C  CD  . GLU B 1 6  ? -4.44446  -0.29614  -25.82445 1.000 62.77101  ? 6  GLU B CD  1 
ATOM   760  O  OE1 . GLU B 1 6  ? -4.85168  -1.43007  -25.49626 1.000 68.89039  ? 6  GLU B OE1 1 
ATOM   761  O  OE2 . GLU B 1 6  ? -4.89043  0.32881   -26.80995 1.000 58.48572  ? 6  GLU B OE2 1 
ATOM   762  N  N   . GLU B 1 7  ? -0.32158  -1.68558  -22.13718 1.000 46.07884  ? 7  GLU B N   1 
ATOM   763  C  CA  . GLU B 1 7  ? 0.20970   -2.55904  -21.09641 1.000 52.19626  ? 7  GLU B CA  1 
ATOM   764  C  C   . GLU B 1 7  ? 0.82459   -1.75910  -19.95462 1.000 42.47346  ? 7  GLU B C   1 
ATOM   765  O  O   . GLU B 1 7  ? 0.82143   -2.21839  -18.80680 1.000 40.63647  ? 7  GLU B O   1 
ATOM   766  C  CB  . GLU B 1 7  ? 1.23800   -3.52437  -21.68780 1.000 62.92239  ? 7  GLU B CB  1 
ATOM   767  C  CG  . GLU B 1 7  ? 0.62901   -4.70984  -22.42493 1.000 47.22350  ? 7  GLU B CG  1 
ATOM   768  C  CD  . GLU B 1 7  ? 1.66082   -5.51162  -23.19627 1.000 72.97668  ? 7  GLU B CD  1 
ATOM   769  O  OE1 . GLU B 1 7  ? 2.81862   -5.05391  -23.29685 1.000 63.29482  ? 7  GLU B OE1 1 
ATOM   770  O  OE2 . GLU B 1 7  ? 1.31288   -6.59692  -23.70764 1.000 79.66292  ? 7  GLU B OE2 1 
ATOM   771  N  N   . PHE B 1 8  ? 1.35461   -0.56861  -20.24595 1.000 41.12414  ? 8  PHE B N   1 
ATOM   772  C  CA  . PHE B 1 8  ? 1.91700   0.27088   -19.19290 1.000 29.25719  ? 8  PHE B CA  1 
ATOM   773  C  C   . PHE B 1 8  ? 0.82145   0.81455   -18.28489 1.000 38.79719  ? 8  PHE B C   1 
ATOM   774  O  O   . PHE B 1 8  ? 0.94575   0.77939   -17.05490 1.000 45.14231  ? 8  PHE B O   1 
ATOM   775  C  CB  . PHE B 1 8  ? 2.72512   1.41350   -19.81065 1.000 18.47344  ? 8  PHE B CB  1 
ATOM   776  C  CG  . PHE B 1 8  ? 3.35232   2.33190   -18.79998 1.000 20.99017  ? 8  PHE B CG  1 
ATOM   777  C  CD1 . PHE B 1 8  ? 4.55537   2.00278   -18.19930 1.000 27.62781  ? 8  PHE B CD1 1 
ATOM   778  C  CD2 . PHE B 1 8  ? 2.74844   3.53095   -18.46226 1.000 30.21395  ? 8  PHE B CD2 1 
ATOM   779  C  CE1 . PHE B 1 8  ? 5.13907   2.84554   -17.27252 1.000 25.22607  ? 8  PHE B CE1 1 
ATOM   780  C  CE2 . PHE B 1 8  ? 3.32726   4.37895   -17.53676 1.000 27.89315  ? 8  PHE B CE2 1 
ATOM   781  C  CZ  . PHE B 1 8  ? 4.52395   4.03602   -16.94132 1.000 23.62121  ? 8  PHE B CZ  1 
ATOM   782  N  N   . ALA B 1 9  ? -0.25967  1.32874   -18.87491 1.000 33.72636  ? 9  ALA B N   1 
ATOM   783  C  CA  . ALA B 1 9  ? -1.35494  1.85891   -18.07005 1.000 35.82787  ? 9  ALA B CA  1 
ATOM   784  C  C   . ALA B 1 9  ? -2.06942  0.75000   -17.30666 1.000 36.99075  ? 9  ALA B C   1 
ATOM   785  O  O   . ALA B 1 9  ? -2.49432  0.95096   -16.16289 1.000 41.16495  ? 9  ALA B O   1 
ATOM   786  C  CB  . ALA B 1 9  ? -2.33795  2.62168   -18.95721 1.000 53.71958  ? 9  ALA B CB  1 
ATOM   787  N  N   . ALA B 1 10 ? -2.20565  -0.42955  -17.91779 1.000 36.75772  ? 10 ALA B N   1 
ATOM   788  C  CA  . ALA B 1 10 ? -2.84331  -1.54560  -17.22621 1.000 41.28458  ? 10 ALA B CA  1 
ATOM   789  C  C   . ALA B 1 10 ? -1.98479  -2.04569  -16.07142 1.000 39.79108  ? 10 ALA B C   1 
ATOM   790  O  O   . ALA B 1 10 ? -2.51259  -2.44366  -15.02631 1.000 43.13741  ? 10 ALA B O   1 
ATOM   791  C  CB  . ALA B 1 10 ? -3.13460  -2.67808  -18.21005 1.000 50.92085  ? 10 ALA B CB  1 
ATOM   792  N  N   . LYS B 1 11 ? -0.66037  -2.03876  -16.24145 1.000 41.18518  ? 11 LYS B N   1 
ATOM   793  C  CA  . LYS B 1 11 ? 0.22398   -2.43644  -15.15061 1.000 38.94097  ? 11 LYS B CA  1 
ATOM   794  C  C   . LYS B 1 11 ? 0.12595   -1.46624  -13.98063 1.000 36.76889  ? 11 LYS B C   1 
ATOM   795  O  O   . LYS B 1 11 ? 0.09030   -1.88626  -12.81773 1.000 34.63026  ? 11 LYS B O   1 
ATOM   796  C  CB  . LYS B 1 11 ? 1.66610   -2.54118  -15.64521 1.000 35.42925  ? 11 LYS B CB  1 
ATOM   797  C  CG  . LYS B 1 11 ? 2.66280   -2.84494  -14.53913 1.000 21.89404  ? 11 LYS B CG  1 
ATOM   798  C  CD  . LYS B 1 11 ? 2.49022   -4.25774  -14.01167 1.000 16.38779  ? 11 LYS B CD  1 
ATOM   799  C  CE  . LYS B 1 11 ? 3.52913   -4.57394  -12.94978 1.000 21.59915  ? 11 LYS B CE  1 
ATOM   800  N  NZ  . LYS B 1 11 ? 3.38788   -5.95953  -12.42599 1.000 34.70082  ? 11 LYS B NZ  1 
ATOM   801  N  N   . LEU B 1 12 ? 0.08693   -0.16225  -14.26886 1.000 26.17780  ? 12 LEU B N   1 
ATOM   802  C  CA  . LEU B 1 12 ? -0.03608  0.82821   -13.20436 1.000 20.46361  ? 12 LEU B CA  1 
ATOM   803  C  C   . LEU B 1 12 ? -1.35291  0.67093   -12.45385 1.000 27.66983  ? 12 LEU B C   1 
ATOM   804  O  O   . LEU B 1 12 ? -1.39168  0.78034   -11.22235 1.000 29.39444  ? 12 LEU B O   1 
ATOM   805  C  CB  . LEU B 1 12 ? 0.08817   2.23645   -13.78414 1.000 16.30606  ? 12 LEU B CB  1 
ATOM   806  C  CG  . LEU B 1 12 ? 1.50834   2.76908   -13.97149 1.000 14.42199  ? 12 LEU B CG  1 
ATOM   807  C  CD1 . LEU B 1 12 ? 1.47782   4.20808   -14.45561 1.000 30.80147  ? 12 LEU B CD1 1 
ATOM   808  C  CD2 . LEU B 1 12 ? 2.29230   2.66006   -12.67648 1.000 19.43012  ? 12 LEU B CD2 1 
ATOM   809  N  N   . ASP B 1 13 ? -2.44527  0.41994   -13.17992 1.000 21.40560  ? 13 ASP B N   1 
ATOM   810  C  CA  . ASP B 1 13 ? -3.73951  0.23889   -12.53063 1.000 31.26693  ? 13 ASP B CA  1 
ATOM   811  C  C   . ASP B 1 13 ? -3.78943  -1.05171  -11.72225 1.000 30.59564  ? 13 ASP B C   1 
ATOM   812  O  O   . ASP B 1 13 ? -4.46055  -1.10545  -10.68552 1.000 42.36538  ? 13 ASP B O   1 
ATOM   813  C  CB  . ASP B 1 13 ? -4.86034  0.26392   -13.57025 1.000 40.28694  ? 13 ASP B CB  1 
ATOM   814  C  CG  . ASP B 1 13 ? -5.08148  1.64640   -14.15545 1.000 44.37495  ? 13 ASP B CG  1 
ATOM   815  O  OD1 . ASP B 1 13 ? -4.68105  2.63688   -13.50692 1.000 24.83444  ? 13 ASP B OD1 1 
ATOM   816  O  OD2 . ASP B 1 13 ? -5.65469  1.74323   -15.26225 1.000 46.17569  ? 13 ASP B OD2 1 
ATOM   817  N  N   . ARG B 1 14 ? -3.09322  -2.09646  -12.17596 1.000 22.24335  ? 14 ARG B N   1 
ATOM   818  C  CA  . ARG B 1 14 ? -3.07067  -3.35109  -11.42956 1.000 27.04965  ? 14 ARG B CA  1 
ATOM   819  C  C   . ARG B 1 14 ? -2.28752  -3.20732  -10.13004 1.000 22.63239  ? 14 ARG B C   1 
ATOM   820  O  O   . ARG B 1 14 ? -2.66196  -3.79097  -9.10610  1.000 17.66367  ? 14 ARG B O   1 
ATOM   821  C  CB  . ARG B 1 14 ? -2.48715  -4.46744  -12.29551 1.000 39.73861  ? 14 ARG B CB  1 
ATOM   822  C  CG  . ARG B 1 14 ? -3.53827  -5.31914  -12.99421 1.000 44.75414  ? 14 ARG B CG  1 
ATOM   823  C  CD  . ARG B 1 14 ? -2.92449  -6.55138  -13.63845 1.000 32.48281  ? 14 ARG B CD  1 
ATOM   824  N  NE  . ARG B 1 14 ? -2.42881  -6.26582  -14.98132 1.000 40.81561  ? 14 ARG B NE  1 
ATOM   825  C  CZ  . ARG B 1 14 ? -1.14453  -6.11185  -15.28448 1.000 51.95961  ? 14 ARG B CZ  1 
ATOM   826  N  NH1 . ARG B 1 14 ? -0.22318  -6.21600  -14.33672 1.000 53.45604  ? 14 ARG B NH1 1 
ATOM   827  N  NH2 . ARG B 1 14 ? -0.78118  -5.85198  -16.53355 1.000 50.48575  ? 14 ARG B NH2 1 
ATOM   828  N  N   . LEU B 1 15 ? -1.19148  -2.44430  -10.15366 1.000 26.29677  ? 15 LEU B N   1 
ATOM   829  C  CA  . LEU B 1 15 ? -0.44295  -2.18944  -8.92693  1.000 21.65075  ? 15 LEU B CA  1 
ATOM   830  C  C   . LEU B 1 15 ? -1.26758  -1.37675  -7.93791  1.000 25.16335  ? 15 LEU B C   1 
ATOM   831  O  O   . LEU B 1 15 ? -1.22578  -1.62997  -6.72863  1.000 25.92992  ? 15 LEU B O   1 
ATOM   832  C  CB  . LEU B 1 15 ? 0.86254   -1.45976  -9.24390  1.000 13.69145  ? 15 LEU B CB  1 
ATOM   833  C  CG  . LEU B 1 15 ? 1.93752   -2.20341  -10.03185 1.000 15.86769  ? 15 LEU B CG  1 
ATOM   834  C  CD1 . LEU B 1 15 ? 3.10835   -1.27937  -10.31614 1.000 11.88790  ? 15 LEU B CD1 1 
ATOM   835  C  CD2 . LEU B 1 15 ? 2.39881   -3.42517  -9.26198  1.000 30.57570  ? 15 LEU B CD2 1 
ATOM   836  N  N   . ASP B 1 16 ? -2.03204  -0.40291  -8.43533  1.000 18.83927  ? 16 ASP B N   1 
ATOM   837  C  CA  . ASP B 1 16 ? -2.85053  0.41717   -7.55063  1.000 18.10753  ? 16 ASP B CA  1 
ATOM   838  C  C   . ASP B 1 16 ? -3.92656  -0.41344  -6.86345  1.000 21.93443  ? 16 ASP B C   1 
ATOM   839  O  O   . ASP B 1 16 ? -4.21255  -0.21373  -5.67692  1.000 19.62029  ? 16 ASP B O   1 
ATOM   840  C  CB  . ASP B 1 16 ? -3.47932  1.56320   -8.34209  1.000 24.82029  ? 16 ASP B CB  1 
ATOM   841  C  CG  . ASP B 1 16 ? -2.45197  2.56604   -8.82720  1.000 35.52380  ? 16 ASP B CG  1 
ATOM   842  O  OD1 . ASP B 1 16 ? -1.24314  2.31724   -8.63560  1.000 29.21543  ? 16 ASP B OD1 1 
ATOM   843  O  OD2 . ASP B 1 16 ? -2.85219  3.60315   -9.39691  1.000 42.69231  ? 16 ASP B OD2 1 
ATOM   844  N  N   . ALA B 1 17 ? -4.52062  -1.36354  -7.58777  1.000 23.47876  ? 17 ALA B N   1 
ATOM   845  C  CA  . ALA B 1 17 ? -5.56944  -2.19344  -7.00469  1.000 17.85587  ? 17 ALA B CA  1 
ATOM   846  C  C   . ALA B 1 17 ? -5.01684  -3.11055  -5.92080  1.000 21.68643  ? 17 ALA B C   1 
ATOM   847  O  O   . ALA B 1 17 ? -5.68399  -3.35667  -4.90910  1.000 24.01346  ? 17 ALA B O   1 
ATOM   848  C  CB  . ALA B 1 17 ? -6.25771  -3.00787  -8.09876  1.000 17.40258  ? 17 ALA B CB  1 
ATOM   849  N  N   . GLU B 1 18 ? -3.79985  -3.62423  -6.11377  1.000 23.60460  ? 18 GLU B N   1 
ATOM   850  C  CA  . GLU B 1 18 ? -3.19614  -4.50493  -5.11779  1.000 22.81349  ? 18 GLU B CA  1 
ATOM   851  C  C   . GLU B 1 18 ? -2.80115  -3.74007  -3.85940  1.000 31.44304  ? 18 GLU B C   1 
ATOM   852  O  O   . GLU B 1 18 ? -2.93054  -4.26153  -2.74503  1.000 30.01590  ? 18 GLU B O   1 
ATOM   853  C  CB  . GLU B 1 18 ? -1.99221  -5.22435  -5.72245  1.000 29.10983  ? 18 GLU B CB  1 
ATOM   854  C  CG  . GLU B 1 18 ? -2.37279  -6.29767  -6.73157  1.000 47.80931  ? 18 GLU B CG  1 
ATOM   855  C  CD  . GLU B 1 18 ? -1.18388  -6.81160  -7.51753  1.000 72.47492  ? 18 GLU B CD  1 
ATOM   856  O  OE1 . GLU B 1 18 ? -0.12518  -6.15080  -7.49295  1.000 70.56366  ? 18 GLU B OE1 1 
ATOM   857  O  OE2 . GLU B 1 18 ? -1.30638  -7.87745  -8.15696  1.000 77.55611  ? 18 GLU B OE2 1 
ATOM   858  N  N   . PHE B 1 19 ? -2.30072  -2.51135  -4.01368  1.000 28.55323  ? 19 PHE B N   1 
ATOM   859  C  CA  . PHE B 1 19 ? -1.98880  -1.69818  -2.84207  1.000 21.33768  ? 19 PHE B CA  1 
ATOM   860  C  C   . PHE B 1 19 ? -3.25399  -1.34078  -2.07254  1.000 23.76750  ? 19 PHE B C   1 
ATOM   861  O  O   . PHE B 1 19 ? -3.25703  -1.34335  -0.83590  1.000 20.32407  ? 19 PHE B O   1 
ATOM   862  C  CB  . PHE B 1 19 ? -1.23978  -0.43399  -3.26192  1.000 19.36112  ? 19 PHE B CB  1 
ATOM   863  C  CG  . PHE B 1 19 ? 0.24553   -0.61913  -3.39162  1.000 16.83305  ? 19 PHE B CG  1 
ATOM   864  C  CD1 . PHE B 1 19 ? 0.77607   -1.38263  -4.41666  1.000 24.29002  ? 19 PHE B CD1 1 
ATOM   865  C  CD2 . PHE B 1 19 ? 1.11214   -0.01071  -2.50146  1.000 12.55856  ? 19 PHE B CD2 1 
ATOM   866  C  CE1 . PHE B 1 19 ? 2.14089   -1.55028  -4.54047  1.000 16.81434  ? 19 PHE B CE1 1 
ATOM   867  C  CE2 . PHE B 1 19 ? 2.47738   -0.17303  -2.62214  1.000 15.80870  ? 19 PHE B CE2 1 
ATOM   868  C  CZ  . PHE B 1 19 ? 2.99178   -0.94351  -3.64396  1.000 10.64496  ? 19 PHE B CZ  1 
ATOM   869  N  N   . ALA B 1 20 ? -4.34339  -1.04878  -2.78899  1.000 28.62423  ? 20 ALA B N   1 
ATOM   870  C  CA  . ALA B 1 20 ? -5.60402  -0.72321  -2.12978  1.000 24.86705  ? 20 ALA B CA  1 
ATOM   871  C  C   . ALA B 1 20 ? -6.17046  -1.93312  -1.39827  1.000 25.87594  ? 20 ALA B C   1 
ATOM   872  O  O   . ALA B 1 20 ? -6.69201  -1.80452  -0.28486  1.000 34.00528  ? 20 ALA B O   1 
ATOM   873  C  CB  . ALA B 1 20 ? -6.60892  -0.19128  -3.15056  1.000 15.42189  ? 20 ALA B CB  1 
ATOM   874  N  N   . LYS B 1 21 ? -6.06595  -3.11729  -2.00518  1.000 22.21918  ? 21 LYS B N   1 
ATOM   875  C  CA  . LYS B 1 21 ? -6.55307  -4.33402  -1.36323  1.000 29.24729  ? 21 LYS B CA  1 
ATOM   876  C  C   . LYS B 1 21 ? -5.75931  -4.64967  -0.10169  1.000 37.99779  ? 21 LYS B C   1 
ATOM   877  O  O   . LYS B 1 21 ? -6.32394  -5.12522  0.89024   1.000 43.96787  ? 21 LYS B O   1 
ATOM   878  C  CB  . LYS B 1 21 ? -6.48450  -5.50321  -2.34627  1.000 37.59299  ? 21 LYS B CB  1 
ATOM   879  C  CG  . LYS B 1 21 ? -6.95609  -6.83308  -1.78057  1.000 41.38658  ? 21 LYS B CG  1 
ATOM   880  C  CD  . LYS B 1 21 ? -6.90399  -7.93091  -2.83292  1.000 42.66519  ? 21 LYS B CD  1 
ATOM   881  C  CE  . LYS B 1 21 ? -7.74531  -7.57426  -4.04910  1.000 45.70513  ? 21 LYS B CE  1 
ATOM   882  N  NZ  . LYS B 1 21 ? -7.59633  -8.57428  -5.14296  1.000 49.49278  ? 21 LYS B NZ  1 
ATOM   883  N  N   . LYS B 1 22 ? -4.44960  -4.39039  -0.12210  1.000 39.70331  ? 22 LYS B N   1 
ATOM   884  C  CA  . LYS B 1 22 ? -3.62003  -4.63061  1.05475   1.000 32.72039  ? 22 LYS B CA  1 
ATOM   885  C  C   . LYS B 1 22 ? -4.11780  -3.84107  2.25827   1.000 34.49896  ? 22 LYS B C   1 
ATOM   886  O  O   . LYS B 1 22 ? -4.13754  -4.35583  3.38246   1.000 42.18666  ? 22 LYS B O   1 
ATOM   887  C  CB  . LYS B 1 22 ? -2.16699  -4.27398  0.73930   1.000 27.86479  ? 22 LYS B CB  1 
ATOM   888  C  CG  . LYS B 1 22 ? -1.26079  -4.09321  1.94795   1.000 16.33464  ? 22 LYS B CG  1 
ATOM   889  C  CD  . LYS B 1 22 ? -1.08715  -5.37925  2.73496   1.000 23.40097  ? 22 LYS B CD  1 
ATOM   890  C  CE  . LYS B 1 22 ? 0.02549   -5.23454  3.75888   1.000 29.79926  ? 22 LYS B CE  1 
ATOM   891  N  NZ  . LYS B 1 22 ? -0.07375  -3.94509  4.49806   1.000 25.46363  ? 22 LYS B NZ  1 
HETATM 892  N  N   . MSE B 1 23 ? -4.53447  -2.59907  2.04531   1.000 41.35027  ? 23 MSE B N   1 
HETATM 893  C  CA  . MSE B 1 23 ? -4.97329  -1.75953  3.15069   1.000 44.77456  ? 23 MSE B CA  1 
HETATM 894  C  C   . MSE B 1 23 ? -6.46291  -1.91268  3.43040   1.000 45.36719  ? 23 MSE B C   1 
HETATM 895  O  O   . MSE B 1 23 ? -6.90670  -1.74567  4.56617   1.000 52.85240  ? 23 MSE B O   1 
HETATM 896  C  CB  . MSE B 1 23 ? -4.63367  -0.29966  2.86823   1.000 34.62786  ? 23 MSE B CB  1 
HETATM 897  C  CG  . MSE B 1 23 ? -3.15212  -0.01015  2.98153   1.000 34.15342  ? 23 MSE B CG  1 
HETATM 898  SE SE  . MSE B 1 23 ? -2.71426  1.81854   2.51251   1.000 69.38564  ? 23 MSE B SE  1 
HETATM 899  C  CE  . MSE B 1 23 ? -4.07386  2.72378   3.56787   1.000 30.79561  ? 23 MSE B CE  1 
ATOM   900  N  N   . GLU B 1 24 ? -7.23616  -2.23532  2.39175   1.000 46.50599  ? 24 GLU B N   1 
ATOM   901  C  CA  . GLU B 1 24 ? -8.66134  -2.46623  2.59541   1.000 49.49909  ? 24 GLU B CA  1 
ATOM   902  C  C   . GLU B 1 24 ? -8.91009  -3.73998  3.39225   1.000 46.10447  ? 24 GLU B C   1 
ATOM   903  O  O   . GLU B 1 24 ? -9.86101  -3.79976  4.17861   1.000 45.30783  ? 24 GLU B O   1 
ATOM   904  C  CB  . GLU B 1 24 ? -9.38332  -2.52670  1.24835   1.000 58.23885  ? 24 GLU B CB  1 
ATOM   905  C  CG  . GLU B 1 24 ? -10.90133 -2.51166  1.34586   1.000 71.15741  ? 24 GLU B CG  1 
ATOM   906  C  CD  . GLU B 1 24 ? -11.51112 -3.89286  1.19646   1.000 90.23405  ? 24 GLU B CD  1 
ATOM   907  O  OE1 . GLU B 1 24 ? -12.75582 -3.99984  1.21649   1.000 82.47804  ? 24 GLU B OE1 1 
ATOM   908  O  OE2 . GLU B 1 24 ? -10.74646 -4.87148  1.05915   1.000 85.78512  ? 24 GLU B OE2 1 
ATOM   909  N  N   . GLU B 1 25 ? -8.05966  -4.75493  3.22177   1.000 49.16543  ? 25 GLU B N   1 
ATOM   910  C  CA  . GLU B 1 25 ? -8.23100  -6.00519  3.95468   1.000 52.65551  ? 25 GLU B CA  1 
ATOM   911  C  C   . GLU B 1 25 ? -7.77774  -5.87558  5.40404   1.000 49.99049  ? 25 GLU B C   1 
ATOM   912  O  O   . GLU B 1 25 ? -8.41628  -6.42912  6.30624   1.000 66.81135  ? 25 GLU B O   1 
ATOM   913  C  CB  . GLU B 1 25 ? -7.47594  -7.13752  3.25531   1.000 54.62657  ? 25 GLU B CB  1 
ATOM   914  C  CG  . GLU B 1 25 ? -8.11557  -7.59211  1.95062   1.000 60.75788  ? 25 GLU B CG  1 
ATOM   915  C  CD  . GLU B 1 25 ? -7.52139  -8.88377  1.42001   1.000 61.31562  ? 25 GLU B CD  1 
ATOM   916  O  OE1 . GLU B 1 25 ? -7.81208  -9.23575  0.25635   1.000 35.15789  ? 25 GLU B OE1 1 
ATOM   917  O  OE2 . GLU B 1 25 ? -6.76489  -9.54508  2.16337   1.000 54.45991  ? 25 GLU B OE2 1 
ATOM   918  N  N   . GLN B 1 26 ? -6.68014  -5.15446  5.64772   1.000 49.02398  ? 26 GLN B N   1 
ATOM   919  C  CA  . GLN B 1 26 ? -6.20184  -4.98627  7.01640   1.000 49.85506  ? 26 GLN B CA  1 
ATOM   920  C  C   . GLN B 1 26 ? -7.17371  -4.15548  7.84269   1.000 45.83547  ? 26 GLN B C   1 
ATOM   921  O  O   . GLN B 1 26 ? -7.42581  -4.46599  9.01173   1.000 52.28468  ? 26 GLN B O   1 
ATOM   922  C  CB  . GLN B 1 26 ? -4.82177  -4.33205  7.01495   1.000 45.28117  ? 26 GLN B CB  1 
ATOM   923  C  CG  . GLN B 1 26 ? -3.67378  -5.27590  6.72721   1.000 38.44894  ? 26 GLN B CG  1 
ATOM   924  C  CD  . GLN B 1 26 ? -2.32765  -4.61219  6.93329   1.000 65.99466  ? 26 GLN B CD  1 
ATOM   925  O  OE1 . GLN B 1 26 ? -2.24815  -3.40629  7.16891   1.000 71.40338  ? 26 GLN B OE1 1 
ATOM   926  N  NE2 . GLN B 1 26 ? -1.26108  -5.39583  6.84692   1.000 61.11152  ? 26 GLN B NE2 1 
ATOM   927  N  N   . ASN B 1 27 ? -7.73176  -3.09812  7.25134   1.000 49.06933  ? 27 ASN B N   1 
ATOM   928  C  CA  . ASN B 1 27 ? -8.76207  -2.32348  7.93316   1.000 53.84754  ? 27 ASN B CA  1 
ATOM   929  C  C   . ASN B 1 27 ? -10.04635 -3.12460  8.10521   1.000 62.92327  ? 27 ASN B C   1 
ATOM   930  O  O   . ASN B 1 27 ? -10.81427 -2.87305  9.04074   1.000 66.82776  ? 27 ASN B O   1 
ATOM   931  C  CB  . ASN B 1 27 ? -9.04536  -1.03701  7.15704   1.000 57.79501  ? 27 ASN B CB  1 
ATOM   932  C  CG  . ASN B 1 27 ? -7.83063  -0.13412  7.05763   1.000 41.34429  ? 27 ASN B CG  1 
ATOM   933  O  OD1 . ASN B 1 27 ? -6.75754  -0.45532  7.56931   1.000 36.80070  ? 27 ASN B OD1 1 
ATOM   934  N  ND2 . ASN B 1 27 ? -7.99259  1.00028   6.38661   1.000 28.94696  ? 27 ASN B ND2 1 
ATOM   935  N  N   . LYS B 1 28 ? -10.29303 -4.08705  7.21463   1.000 65.71169  ? 28 LYS B N   1 
ATOM   936  C  CA  . LYS B 1 28 ? -11.51619 -4.88115  7.27790   1.000 59.23351  ? 28 LYS B CA  1 
ATOM   937  C  C   . LYS B 1 28 ? -11.50511 -5.84365  8.46150   1.000 59.16538  ? 28 LYS B C   1 
ATOM   938  O  O   . LYS B 1 28 ? -12.45612 -5.88176  9.25125   1.000 74.04132  ? 28 LYS B O   1 
ATOM   939  C  CB  . LYS B 1 28 ? -11.68708 -5.63603  5.95960   1.000 76.32325  ? 28 LYS B CB  1 
ATOM   940  C  CG  . LYS B 1 28 ? -12.93016 -6.48596  5.83147   1.000 88.28953  ? 28 LYS B CG  1 
ATOM   941  C  CD  . LYS B 1 28 ? -12.92678 -7.17216  4.47479   1.000 85.69006  ? 28 LYS B CD  1 
ATOM   942  C  CE  . LYS B 1 28 ? -14.20541 -7.94008  4.22467   1.000 103.41596 ? 28 LYS B CE  1 
ATOM   943  N  NZ  . LYS B 1 28 ? -14.22692 -8.54045  2.86184   1.000 114.74021 ? 28 LYS B NZ  1 
ATOM   944  N  N   . ARG B 1 29 ? -10.43488 -6.62773  8.60511   1.000 57.64440  ? 29 ARG B N   1 
ATOM   945  C  CA  . ARG B 1 29 ? -10.35615 -7.60407  9.68634   1.000 87.57093  ? 29 ARG B CA  1 
ATOM   946  C  C   . ARG B 1 29 ? -9.99854  -6.97512  11.02934  1.000 85.93188  ? 29 ARG B C   1 
ATOM   947  O  O   . ARG B 1 29 ? -10.34742 -7.53593  12.07476  1.000 99.81615  ? 29 ARG B O   1 
ATOM   948  C  CB  . ARG B 1 29 ? -9.35782  -8.70942  9.32276   1.000 84.69976  ? 29 ARG B CB  1 
ATOM   949  C  CG  . ARG B 1 29 ? -9.17906  -9.77513  10.39825  1.000 101.34864 ? 29 ARG B CG  1 
ATOM   950  C  CD  . ARG B 1 29 ? -8.03026  -10.71426 10.08100  1.000 120.12297 ? 29 ARG B CD  1 
ATOM   951  N  NE  . ARG B 1 29 ? -8.29603  -11.48832 8.87036   1.000 131.07727 ? 29 ARG B NE  1 
ATOM   952  C  CZ  . ARG B 1 29 ? -9.07203  -12.56756 8.83007   1.000 134.36513 ? 29 ARG B CZ  1 
ATOM   953  N  NH1 . ARG B 1 29 ? -9.66378  -13.00628 9.93402   1.000 114.90104 ? 29 ARG B NH1 1 
ATOM   954  N  NH2 . ARG B 1 29 ? -9.25872  -13.20804 7.68541   1.000 128.72041 ? 29 ARG B NH2 1 
ATOM   955  N  N   . PHE B 1 30 ? -9.34497  -5.81154  11.02706  1.000 66.02584  ? 30 PHE B N   1 
ATOM   956  C  CA  . PHE B 1 30 ? -8.94507  -5.18430  12.28330  1.000 64.34864  ? 30 PHE B CA  1 
ATOM   957  C  C   . PHE B 1 30 ? -10.15409 -4.76105  13.10948  1.000 77.28441  ? 30 PHE B C   1 
ATOM   958  O  O   . PHE B 1 30 ? -10.12297 -4.83481  14.34365  1.000 87.08080  ? 30 PHE B O   1 
ATOM   959  C  CB  . PHE B 1 30 ? -8.04060  -3.98486  12.00485  1.000 47.60281  ? 30 PHE B CB  1 
ATOM   960  C  CG  . PHE B 1 30 ? -7.71620  -3.17475  13.22361  1.000 46.34885  ? 30 PHE B CG  1 
ATOM   961  C  CD1 . PHE B 1 30 ? -6.71574  -3.57469  14.09290  1.000 43.10148  ? 30 PHE B CD1 1 
ATOM   962  C  CD2 . PHE B 1 30 ? -8.40909  -2.00674  13.49659  1.000 57.14350  ? 30 PHE B CD2 1 
ATOM   963  C  CE1 . PHE B 1 30 ? -6.41712  -2.82806  15.21534  1.000 52.10968  ? 30 PHE B CE1 1 
ATOM   964  C  CE2 . PHE B 1 30 ? -8.11575  -1.25739  14.61574  1.000 58.37842  ? 30 PHE B CE2 1 
ATOM   965  C  CZ  . PHE B 1 30 ? -7.11779  -1.66668  15.47618  1.000 56.28576  ? 30 PHE B CZ  1 
ATOM   966  N  N   . PHE B 1 31 ? -11.22929 -4.31925  12.45437  1.000 67.41057  ? 31 PHE B N   1 
ATOM   967  C  CA  . PHE B 1 31 ? -12.41766 -3.91061  13.19451  1.000 66.56104  ? 31 PHE B CA  1 
ATOM   968  C  C   . PHE B 1 31 ? -13.13896 -5.09797  13.81756  1.000 76.20928  ? 31 PHE B C   1 
ATOM   969  O  O   . PHE B 1 31 ? -13.85575 -4.92197  14.80850  1.000 74.94395  ? 31 PHE B O   1 
ATOM   970  C  CB  . PHE B 1 31 ? -13.38223 -3.14693  12.28286  1.000 73.12973  ? 31 PHE B CB  1 
ATOM   971  C  CG  . PHE B 1 31 ? -12.77444 -1.94168  11.61423  1.000 93.68491  ? 31 PHE B CG  1 
ATOM   972  C  CD1 . PHE B 1 31 ? -11.60713 -1.36624  12.09528  1.000 73.36357  ? 31 PHE B CD1 1 
ATOM   973  C  CD2 . PHE B 1 31 ? -13.37853 -1.38288  10.49934  1.000 105.23994 ? 31 PHE B CD2 1 
ATOM   974  C  CE1 . PHE B 1 31 ? -11.05154 -0.26425  11.47148  1.000 75.25920  ? 31 PHE B CE1 1 
ATOM   975  C  CE2 . PHE B 1 31 ? -12.83079 -0.27780  9.87447   1.000 99.94837  ? 31 PHE B CE2 1 
ATOM   976  C  CZ  . PHE B 1 31 ? -11.66608 0.28287   10.36187  1.000 83.01686  ? 31 PHE B CZ  1 
ATOM   977  N  N   . ALA B 1 32 ? -12.96907 -6.29554  13.25903  1.000 82.33560  ? 32 ALA B N   1 
ATOM   978  C  CA  . ALA B 1 32 ? -13.58554 -7.50455  13.78978  1.000 95.15063  ? 32 ALA B CA  1 
ATOM   979  C  C   . ALA B 1 32 ? -12.82395 -8.09966  14.96852  1.000 88.21020  ? 32 ALA B C   1 
ATOM   980  O  O   . ALA B 1 32 ? -13.22976 -9.15070  15.47596  1.000 93.47198  ? 32 ALA B O   1 
ATOM   981  C  CB  . ALA B 1 32 ? -13.71837 -8.55457  12.68254  1.000 64.60407  ? 32 ALA B CB  1 
ATOM   982  N  N   . ASP B 1 33 ? -11.74000 -7.46551  15.41526  1.000 67.67163  ? 33 ASP B N   1 
ATOM   983  C  CA  . ASP B 1 33 ? -10.94213 -7.96294  16.52881  1.000 78.88227  ? 33 ASP B CA  1 
ATOM   984  C  C   . ASP B 1 33 ? -11.05015 -7.07948  17.76710  1.000 83.85754  ? 33 ASP B C   1 
ATOM   985  O  O   . ASP B 1 33 ? -10.35024 -7.32359  18.75621  1.000 62.40914  ? 33 ASP B O   1 
ATOM   986  C  CB  . ASP B 1 33 ? -9.47755  -8.09983  16.09883  1.000 76.66589  ? 33 ASP B CB  1 
ATOM   987  C  CG  . ASP B 1 33 ? -8.66048  -8.94911  17.05620  1.000 101.47391 ? 33 ASP B CG  1 
ATOM   988  O  OD1 . ASP B 1 33 ? -8.84189  -10.18426 17.06074  1.000 114.64865 ? 33 ASP B OD1 1 
ATOM   989  O  OD2 . ASP B 1 33 ? -7.83895  -8.38007  17.80604  1.000 100.28083 ? 33 ASP B OD2 1 
ATOM   990  N  N   . LYS B 1 34 ? -11.91435 -6.06699  17.74219  1.000 84.95766  ? 34 LYS B N   1 
ATOM   991  C  CA  . LYS B 1 34 ? -12.02612 -5.14903  18.86149  1.000 71.92105  ? 34 LYS B CA  1 
ATOM   992  C  C   . LYS B 1 34 ? -12.65058 -5.84671  20.07069  1.000 67.82074  ? 34 LYS B C   1 
ATOM   993  O  O   . LYS B 1 34 ? -13.34254 -6.85756  19.92801  1.000 63.97085  ? 34 LYS B O   1 
ATOM   994  C  CB  . LYS B 1 34 ? -12.85449 -3.92987  18.45974  1.000 57.82583  ? 34 LYS B CB  1 
ATOM   995  C  CG  . LYS B 1 34 ? -14.27839 -4.24868  18.03760  1.000 84.22291  ? 34 LYS B CG  1 
ATOM   996  C  CD  . LYS B 1 34 ? -14.95257 -3.03250  17.41957  1.000 84.02915  ? 34 LYS B CD  1 
ATOM   997  C  CE  . LYS B 1 34 ? -15.10967 -1.91043  18.43378  1.000 79.54427  ? 34 LYS B CE  1 
ATOM   998  N  NZ  . LYS B 1 34 ? -15.81179 -0.73013  17.85688  1.000 74.24448  ? 34 LYS B NZ  1 
ATOM   999  N  N   . PRO B 1 35 ? -12.41096 -5.32488  21.27547  1.000 72.24985  ? 35 PRO B N   1 
ATOM   1000 C  CA  . PRO B 1 35 ? -12.97041 -5.94355  22.48558  1.000 64.90078  ? 35 PRO B CA  1 
ATOM   1001 C  C   . PRO B 1 35 ? -14.49135 -5.99946  22.45629  1.000 72.38723  ? 35 PRO B C   1 
ATOM   1002 O  O   . PRO B 1 35 ? -15.16259 -5.37899  21.62834  1.000 61.51703  ? 35 PRO B O   1 
ATOM   1003 C  CB  . PRO B 1 35 ? -12.46601 -5.03825  23.61378  1.000 66.70163  ? 35 PRO B CB  1 
ATOM   1004 C  CG  . PRO B 1 35 ? -11.22323 -4.42850  23.07229  1.000 62.57496  ? 35 PRO B CG  1 
ATOM   1005 C  CD  . PRO B 1 35 ? -11.47081 -4.23756  21.60283  1.000 68.95906  ? 35 PRO B CD  1 
ATOM   1006 N  N   . ASP B 1 36 ? -15.03285 -6.78610  23.38468  1.000 82.69188  ? 36 ASP B N   1 
ATOM   1007 C  CA  . ASP B 1 36 ? -16.47111 -7.00196  23.45881  1.000 92.08320  ? 36 ASP B CA  1 
ATOM   1008 C  C   . ASP B 1 36 ? -17.20103 -5.69072  23.73842  1.000 86.51598  ? 36 ASP B C   1 
ATOM   1009 O  O   . ASP B 1 36 ? -16.66502 -4.77384  24.36666  1.000 91.44653  ? 36 ASP B O   1 
ATOM   1010 C  CB  . ASP B 1 36 ? -16.78765 -8.03063  24.54764  1.000 84.82893  ? 36 ASP B CB  1 
ATOM   1011 C  CG  . ASP B 1 36 ? -18.24991 -8.43230  24.57155  1.000 95.37400  ? 36 ASP B CG  1 
ATOM   1012 O  OD1 . ASP B 1 36 ? -18.97710 -8.11137  23.60792  1.000 121.66959 ? 36 ASP B OD1 1 
ATOM   1013 O  OD2 . ASP B 1 36 ? -18.67192 -9.07143  25.55872  1.000 81.95447  ? 36 ASP B OD2 1 
ATOM   1014 N  N   . GLU B 1 37 ? -18.44767 -5.61346  23.26410  1.000 85.43156  ? 37 GLU B N   1 
ATOM   1015 C  CA  . GLU B 1 37 ? -19.26144 -4.41837  23.46007  1.000 65.84945  ? 37 GLU B CA  1 
ATOM   1016 C  C   . GLU B 1 37 ? -19.58203 -4.16195  24.92568  1.000 63.40623  ? 37 GLU B C   1 
ATOM   1017 O  O   . GLU B 1 37 ? -19.88864 -3.02183  25.29037  1.000 64.72339  ? 37 GLU B O   1 
ATOM   1018 C  CB  . GLU B 1 37 ? -20.56146 -4.53655  22.66209  1.000 69.82686  ? 37 GLU B CB  1 
ATOM   1019 C  CG  . GLU B 1 37 ? -21.15918 -3.20671  22.23026  1.000 84.82473  ? 37 GLU B CG  1 
ATOM   1020 C  CD  . GLU B 1 37 ? -20.47379 -2.62417  21.00720  1.000 90.32940  ? 37 GLU B CD  1 
ATOM   1021 O  OE1 . GLU B 1 37 ? -19.51587 -3.24720  20.50206  1.000 82.80087  ? 37 GLU B OE1 1 
ATOM   1022 O  OE2 . GLU B 1 37 ? -20.89675 -1.54256  20.54685  1.000 77.28149  ? 37 GLU B OE2 1 
ATOM   1023 N  N   . ALA B 1 38 ? -19.53170 -5.19065  25.76876  1.000 69.67286  ? 38 ALA B N   1 
ATOM   1024 C  CA  . ALA B 1 38 ? -19.80872 -5.03388  27.19017  1.000 70.81569  ? 38 ALA B CA  1 
ATOM   1025 C  C   . ALA B 1 38 ? -18.59894 -4.56999  27.99160  1.000 73.12667  ? 38 ALA B C   1 
ATOM   1026 O  O   . ALA B 1 38 ? -18.72252 -4.37458  29.20561  1.000 77.53792  ? 38 ALA B O   1 
ATOM   1027 C  CB  . ALA B 1 38 ? -20.33539 -6.34970  27.76833  1.000 64.40319  ? 38 ALA B CB  1 
ATOM   1028 N  N   . THR B 1 39 ? -17.44246 -4.38309  27.35412  1.000 74.86769  ? 39 THR B N   1 
ATOM   1029 C  CA  . THR B 1 39 ? -16.24428 -3.92981  28.04563  1.000 75.36232  ? 39 THR B CA  1 
ATOM   1030 C  C   . THR B 1 39 ? -15.81998 -2.51870  27.66572  1.000 64.22606  ? 39 THR B C   1 
ATOM   1031 O  O   . THR B 1 39 ? -14.94316 -1.95612  28.33092  1.000 70.50831  ? 39 THR B O   1 
ATOM   1032 C  CB  . THR B 1 39 ? -15.07321 -4.89007  27.77967  1.000 78.42273  ? 39 THR B CB  1 
ATOM   1033 O  OG1 . THR B 1 39 ? -14.77523 -4.91413  26.37777  1.000 76.79868  ? 39 THR B OG1 1 
ATOM   1034 C  CG2 . THR B 1 39 ? -15.41600 -6.29739  28.24658  1.000 79.22002  ? 39 THR B CG2 1 
ATOM   1035 N  N   . LEU B 1 40 ? -16.40894 -1.93511  26.62648  1.000 50.44390  ? 40 LEU B N   1 
ATOM   1036 C  CA  . LEU B 1 40 ? -16.03594 -0.60930  26.15331  1.000 46.35118  ? 40 LEU B CA  1 
ATOM   1037 C  C   . LEU B 1 40 ? -17.00805 0.42946   26.69676  1.000 42.17633  ? 40 LEU B C   1 
ATOM   1038 O  O   . LEU B 1 40 ? -18.22648 0.28159   26.55466  1.000 41.28147  ? 40 LEU B O   1 
ATOM   1039 C  CB  . LEU B 1 40 ? -16.02012 -0.56482  24.62478  1.000 53.56253  ? 40 LEU B CB  1 
ATOM   1040 C  CG  . LEU B 1 40 ? -15.14304 -1.59947  23.91615  1.000 51.26302  ? 40 LEU B CG  1 
ATOM   1041 C  CD1 . LEU B 1 40 ? -15.23158 -1.43009  22.40759  1.000 55.29409  ? 40 LEU B CD1 1 
ATOM   1042 C  CD2 . LEU B 1 40 ? -13.70044 -1.50892  24.38642  1.000 48.76984  ? 40 LEU B CD2 1 
ATOM   1043 N  N   . SER B 1 41 ? -16.46584 1.48194   27.30525  1.000 40.85780  ? 41 SER B N   1 
ATOM   1044 C  CA  . SER B 1 41 ? -17.28711 2.58004   27.78035  1.000 42.75881  ? 41 SER B CA  1 
ATOM   1045 C  C   . SER B 1 41 ? -17.83768 3.37114   26.59578  1.000 42.25601  ? 41 SER B C   1 
ATOM   1046 O  O   . SER B 1 41 ? -17.32612 3.26524   25.47907  1.000 63.71341  ? 41 SER B O   1 
ATOM   1047 C  CB  . SER B 1 41 ? -16.46809 3.49242   28.69005  1.000 48.04574  ? 41 SER B CB  1 
ATOM   1048 O  OG  . SER B 1 41 ? -15.80941 2.74658   29.69934  1.000 71.08961  ? 41 SER B OG  1 
ATOM   1049 N  N   . PRO B 1 42 ? -18.89857 4.15795   26.80823  1.000 45.76494  ? 42 PRO B N   1 
ATOM   1050 C  CA  . PRO B 1 42 ? -19.38716 5.01917   25.71769  1.000 53.07109  ? 42 PRO B CA  1 
ATOM   1051 C  C   . PRO B 1 42 ? -18.32981 5.96104   25.16780  1.000 57.43877  ? 42 PRO B C   1 
ATOM   1052 O  O   . PRO B 1 42 ? -18.39528 6.32418   23.98661  1.000 57.82413  ? 42 PRO B O   1 
ATOM   1053 C  CB  . PRO B 1 42 ? -20.54670 5.78042   26.37231  1.000 42.93338  ? 42 PRO B CB  1 
ATOM   1054 C  CG  . PRO B 1 42 ? -21.05146 4.83965   27.41048  1.000 46.21013  ? 42 PRO B CG  1 
ATOM   1055 C  CD  . PRO B 1 42 ? -19.82701 4.14541   27.95318  1.000 55.70690  ? 42 PRO B CD  1 
ATOM   1056 N  N   . GLU B 1 43 ? -17.35658 6.37251   25.98568  1.000 57.12959  ? 43 GLU B N   1 
ATOM   1057 C  CA  . GLU B 1 43 ? -16.23682 7.14528   25.45769  1.000 46.14891  ? 43 GLU B CA  1 
ATOM   1058 C  C   . GLU B 1 43 ? -15.31348 6.26772   24.62244  1.000 49.34926  ? 43 GLU B C   1 
ATOM   1059 O  O   . GLU B 1 43 ? -14.79557 6.70875   23.58987  1.000 50.04647  ? 43 GLU B O   1 
ATOM   1060 C  CB  . GLU B 1 43 ? -15.45946 7.80970   26.59388  1.000 43.32201  ? 43 GLU B CB  1 
ATOM   1061 C  CG  . GLU B 1 43 ? -16.17838 8.97924   27.24798  1.000 67.24069  ? 43 GLU B CG  1 
ATOM   1062 C  CD  . GLU B 1 43 ? -15.26113 9.80517   28.13079  1.000 70.76863  ? 43 GLU B CD  1 
ATOM   1063 O  OE1 . GLU B 1 43 ? -15.01838 10.98421  27.79854  1.000 71.31315  ? 43 GLU B OE1 1 
ATOM   1064 O  OE2 . GLU B 1 43 ? -14.77206 9.27264   29.14910  1.000 64.62167  ? 43 GLU B OE2 1 
HETATM 1065 N  N   . MSE B 1 44 ? -15.09269 5.02851   25.05530  1.000 54.50324  ? 44 MSE B N   1 
HETATM 1066 C  CA  . MSE B 1 44 ? -14.25881 4.08726   24.31545  1.000 42.63768  ? 44 MSE B CA  1 
HETATM 1067 C  C   . MSE B 1 44 ? -14.86360 3.79037   22.95287  1.000 42.46160  ? 44 MSE B C   1 
HETATM 1068 O  O   . MSE B 1 44 ? -14.14910 3.65904   21.95885  1.000 48.36667  ? 44 MSE B O   1 
HETATM 1069 C  CB  . MSE B 1 44 ? -14.07614 2.78630   25.09967  1.000 44.34989  ? 44 MSE B CB  1 
HETATM 1070 C  CG  . MSE B 1 44 ? -13.04930 2.87008   26.21350  1.000 58.37273  ? 44 MSE B CG  1 
HETATM 1071 SE SE  . MSE B 1 44 ? -11.29316 3.41600   25.56663  1.000 79.50492  ? 44 MSE B SE  1 
HETATM 1072 C  CE  . MSE B 1 44 ? -11.36415 5.29210   26.09424  1.000 35.32708  ? 44 MSE B CE  1 
ATOM   1073 N  N   . LYS B 1 45 ? -16.19300 3.68113   22.91880  1.000 45.63251  ? 45 LYS B N   1 
ATOM   1074 C  CA  . LYS B 1 45 ? -16.88246 3.47887   21.65034  1.000 46.99886  ? 45 LYS B CA  1 
ATOM   1075 C  C   . LYS B 1 45 ? -16.69317 4.67851   20.73207  1.000 52.15336  ? 45 LYS B C   1 
ATOM   1076 O  O   . LYS B 1 45 ? -16.44325 4.51905   19.53145  1.000 56.07265  ? 45 LYS B O   1 
ATOM   1077 C  CB  . LYS B 1 45 ? -18.36732 3.21841   21.89940  1.000 48.43779  ? 45 LYS B CB  1 
ATOM   1078 C  CG  . LYS B 1 45 ? -18.65806 1.87304   22.54220  1.000 49.51595  ? 45 LYS B CG  1 
ATOM   1079 C  CD  . LYS B 1 45 ? -20.14954 1.58680   22.57320  1.000 69.42696  ? 45 LYS B CD  1 
ATOM   1080 C  CE  . LYS B 1 45 ? -20.44149 0.25551   23.24632  1.000 94.31277  ? 45 LYS B CE  1 
ATOM   1081 N  NZ  . LYS B 1 45 ? -19.93049 0.21513   24.64584  1.000 63.93948  ? 45 LYS B NZ  1 
ATOM   1082 N  N   . GLU B 1 46 ? -16.80941 5.89091   21.28054  1.000 44.54424  ? 46 GLU B N   1 
ATOM   1083 C  CA  . GLU B 1 46 ? -16.55323 7.08846   20.48819  1.000 39.57241  ? 46 GLU B CA  1 
ATOM   1084 C  C   . GLU B 1 46 ? -15.07936 7.21551   20.12589  1.000 38.09235  ? 46 GLU B C   1 
ATOM   1085 O  O   . GLU B 1 46 ? -14.74862 7.76057   19.06666  1.000 44.94175  ? 46 GLU B O   1 
ATOM   1086 C  CB  . GLU B 1 46 ? -17.02908 8.33223   21.23819  1.000 42.71100  ? 46 GLU B CB  1 
ATOM   1087 C  CG  . GLU B 1 46 ? -18.53832 8.41463   21.39721  1.000 66.13939  ? 46 GLU B CG  1 
ATOM   1088 C  CD  . GLU B 1 46 ? -18.96155 9.40817   22.46044  1.000 85.40796  ? 46 GLU B CD  1 
ATOM   1089 O  OE1 . GLU B 1 46 ? -18.08696 10.13067  22.98283  1.000 77.70546  ? 46 GLU B OE1 1 
ATOM   1090 O  OE2 . GLU B 1 46 ? -20.16938 9.46595   22.77423  1.000 96.69144  ? 46 GLU B OE2 1 
ATOM   1091 N  N   . HIS B 1 47 ? -14.18301 6.73150   20.98972  1.000 39.86475  ? 47 HIS B N   1 
ATOM   1092 C  CA  . HIS B 1 47 ? -12.76023 6.76033   20.66595  1.000 35.87409  ? 47 HIS B CA  1 
ATOM   1093 C  C   . HIS B 1 47 ? -12.41963 5.71597   19.61248  1.000 27.43493  ? 47 HIS B C   1 
ATOM   1094 O  O   . HIS B 1 47 ? -11.57248 5.95404   18.74419  1.000 28.99222  ? 47 HIS B O   1 
ATOM   1095 C  CB  . HIS B 1 47 ? -11.92620 6.54456   21.92721  1.000 35.39554  ? 47 HIS B CB  1 
ATOM   1096 C  CG  . HIS B 1 47 ? -11.70111 7.79332   22.72003  1.000 39.06783  ? 47 HIS B CG  1 
ATOM   1097 N  ND1 . HIS B 1 47 ? -11.04714 7.79762   23.93290  1.000 35.22885  ? 47 HIS B ND1 1 
ATOM   1098 C  CD2 . HIS B 1 47 ? -12.04805 9.07909   22.47489  1.000 41.87594  ? 47 HIS B CD2 1 
ATOM   1099 C  CE1 . HIS B 1 47 ? -10.99878 9.03231   24.40019  1.000 44.54294  ? 47 HIS B CE1 1 
ATOM   1100 N  NE2 . HIS B 1 47 ? -11.59881 9.82913   23.53431  1.000 53.38636  ? 47 HIS B NE2 1 
ATOM   1101 N  N   . TYR B 1 48 ? -13.06590 4.55013   19.67661  1.000 30.67011  ? 48 TYR B N   1 
ATOM   1102 C  CA  . TYR B 1 48 ? -12.85102 3.53133   18.65696  1.000 34.34999  ? 48 TYR B CA  1 
ATOM   1103 C  C   . TYR B 1 48 ? -13.45993 3.93820   17.32209  1.000 34.50689  ? 48 TYR B C   1 
ATOM   1104 O  O   . TYR B 1 48 ? -12.92845 3.57730   16.26741  1.000 26.98077  ? 48 TYR B O   1 
ATOM   1105 C  CB  . TYR B 1 48 ? -13.44188 2.19809   19.11629  1.000 32.85579  ? 48 TYR B CB  1 
ATOM   1106 C  CG  . TYR B 1 48 ? -12.43300 1.22238   19.67347  1.000 28.01132  ? 48 TYR B CG  1 
ATOM   1107 C  CD1 . TYR B 1 48 ? -12.19887 1.13806   21.03842  1.000 38.86609  ? 48 TYR B CD1 1 
ATOM   1108 C  CD2 . TYR B 1 48 ? -11.73346 0.36594   18.83459  1.000 39.85331  ? 48 TYR B CD2 1 
ATOM   1109 C  CE1 . TYR B 1 48 ? -11.28154 0.23985   21.55125  1.000 39.13267  ? 48 TYR B CE1 1 
ATOM   1110 C  CE2 . TYR B 1 48 ? -10.81784 -0.53698  19.33696  1.000 36.51591  ? 48 TYR B CE2 1 
ATOM   1111 C  CZ  . TYR B 1 48 ? -10.59457 -0.59455  20.69540  1.000 34.70352  ? 48 TYR B CZ  1 
ATOM   1112 O  OH  . TYR B 1 48 ? -9.68289  -1.49056  21.20158  1.000 38.61253  ? 48 TYR B OH  1 
ATOM   1113 N  N   . GLU B 1 49 ? -14.55711 4.70062   17.34479  1.000 34.14738  ? 49 GLU B N   1 
ATOM   1114 C  CA  . GLU B 1 49 ? -15.20177 5.10184   16.09836  1.000 28.71263  ? 49 GLU B CA  1 
ATOM   1115 C  C   . GLU B 1 49 ? -14.40050 6.17746   15.37609  1.000 32.33385  ? 49 GLU B C   1 
ATOM   1116 O  O   . GLU B 1 49 ? -14.20491 6.09703   14.15756  1.000 36.30360  ? 49 GLU B O   1 
ATOM   1117 C  CB  . GLU B 1 49 ? -16.62567 5.58689   16.37495  1.000 26.85435  ? 49 GLU B CB  1 
ATOM   1118 C  CG  . GLU B 1 49 ? -17.67202 4.47988   16.37038  1.000 47.85998  ? 49 GLU B CG  1 
ATOM   1119 C  CD  . GLU B 1 49 ? -19.08706 5.00411   16.54340  1.000 68.14220  ? 49 GLU B CD  1 
ATOM   1120 O  OE1 . GLU B 1 49 ? -19.28500 6.23439   16.45482  1.000 65.59744  ? 49 GLU B OE1 1 
ATOM   1121 O  OE2 . GLU B 1 49 ? -20.00333 4.18403   16.76463  1.000 64.45424  ? 49 GLU B OE2 1 
ATOM   1122 N  N   . LYS B 1 50 ? -13.92766 7.19183   16.10530  1.000 27.66503  ? 50 LYS B N   1 
ATOM   1123 C  CA  . LYS B 1 50 ? -13.06906 8.19362   15.48296  1.000 25.39824  ? 50 LYS B CA  1 
ATOM   1124 C  C   . LYS B 1 50 ? -11.75285 7.58475   15.02354  1.000 25.06401  ? 50 LYS B C   1 
ATOM   1125 O  O   . LYS B 1 50 ? -11.19442 8.00777   14.00525  1.000 21.78680  ? 50 LYS B O   1 
ATOM   1126 C  CB  . LYS B 1 50 ? -12.80940 9.34619   16.45383  1.000 33.71048  ? 50 LYS B CB  1 
ATOM   1127 C  CG  . LYS B 1 50 ? -14.04317 10.16642  16.79831  1.000 48.06717  ? 50 LYS B CG  1 
ATOM   1128 C  CD  . LYS B 1 50 ? -13.81243 11.00364  18.04776  1.000 58.09496  ? 50 LYS B CD  1 
ATOM   1129 C  CE  . LYS B 1 50 ? -15.09122 11.68478  18.51229  1.000 65.30997  ? 50 LYS B CE  1 
ATOM   1130 N  NZ  . LYS B 1 50 ? -16.10084 10.70241  19.00059  1.000 52.77168  ? 50 LYS B NZ  1 
ATOM   1131 N  N   . PHE B 1 51 ? -11.24821 6.58913   15.75468  1.000 32.20250  ? 51 PHE B N   1 
ATOM   1132 C  CA  . PHE B 1 51 ? -10.05397 5.87482   15.31726  1.000 24.42625  ? 51 PHE B CA  1 
ATOM   1133 C  C   . PHE B 1 51 ? -10.29538 5.16352   13.99217  1.000 21.76817  ? 51 PHE B C   1 
ATOM   1134 O  O   . PHE B 1 51 ? -9.49291  5.27606   13.05923  1.000 25.46058  ? 51 PHE B O   1 
ATOM   1135 C  CB  . PHE B 1 51 ? -9.61198  4.88253   16.39302  1.000 25.32401  ? 51 PHE B CB  1 
ATOM   1136 C  CG  . PHE B 1 51 ? -8.41652  4.06271   16.00349  1.000 29.58386  ? 51 PHE B CG  1 
ATOM   1137 C  CD1 . PHE B 1 51 ? -7.16952  4.64918   15.87985  1.000 27.48638  ? 51 PHE B CD1 1 
ATOM   1138 C  CD2 . PHE B 1 51 ? -8.53860  2.70480   15.76314  1.000 40.08426  ? 51 PHE B CD2 1 
ATOM   1139 C  CE1 . PHE B 1 51 ? -6.06835  3.89758   15.51956  1.000 20.26193  ? 51 PHE B CE1 1 
ATOM   1140 C  CE2 . PHE B 1 51 ? -7.44002  1.94956   15.40528  1.000 26.04189  ? 51 PHE B CE2 1 
ATOM   1141 C  CZ  . PHE B 1 51 ? -6.20355  2.54635   15.28406  1.000 18.95862  ? 51 PHE B CZ  1 
ATOM   1142 N  N   . GLU B 1 52 ? -11.40608 4.42745   13.89129  1.000 37.73882  ? 52 GLU B N   1 
ATOM   1143 C  CA  . GLU B 1 52 ? -11.69211 3.66791   12.67709  1.000 34.74088  ? 52 GLU B CA  1 
ATOM   1144 C  C   . GLU B 1 52 ? -11.97910 4.58661   11.49641  1.000 29.13968  ? 52 GLU B C   1 
ATOM   1145 O  O   . GLU B 1 52 ? -11.57593 4.29496   10.36425  1.000 32.88439  ? 52 GLU B O   1 
ATOM   1146 C  CB  . GLU B 1 52 ? -12.87412 2.72984   12.91606  1.000 42.49209  ? 52 GLU B CB  1 
ATOM   1147 C  CG  . GLU B 1 52 ? -12.59474 1.61020   13.90094  1.000 63.03052  ? 52 GLU B CG  1 
ATOM   1148 C  CD  . GLU B 1 52 ? -13.85776 0.89531   14.33492  1.000 86.16980  ? 52 GLU B CD  1 
ATOM   1149 O  OE1 . GLU B 1 52 ? -14.90994 1.10380   13.69443  1.000 76.69643  ? 52 GLU B OE1 1 
ATOM   1150 O  OE2 . GLU B 1 52 ? -13.80027 0.12947   15.31977  1.000 94.86594  ? 52 GLU B OE2 1 
ATOM   1151 N  N   . LYS B 1 53 ? -12.68181 5.69520   11.73642  1.000 25.02456  ? 53 LYS B N   1 
ATOM   1152 C  CA  . LYS B 1 53 ? -13.00523 6.60850   10.64563  1.000 29.17769  ? 53 LYS B CA  1 
ATOM   1153 C  C   . LYS B 1 53 ? -11.75721 7.30860   10.12270  1.000 24.68300  ? 53 LYS B C   1 
ATOM   1154 O  O   . LYS B 1 53 ? -11.61722 7.51801   8.91216   1.000 29.12408  ? 53 LYS B O   1 
ATOM   1155 C  CB  . LYS B 1 53 ? -14.04335 7.63100   11.10649  1.000 44.80784  ? 53 LYS B CB  1 
ATOM   1156 C  CG  . LYS B 1 53 ? -15.47858 7.13425   11.02598  1.000 50.88408  ? 53 LYS B CG  1 
ATOM   1157 C  CD  . LYS B 1 53 ? -16.46350 8.22353   11.41753  1.000 43.04862  ? 53 LYS B CD  1 
ATOM   1158 C  CE  . LYS B 1 53 ? -16.50509 8.42060   12.92377  1.000 48.73217  ? 53 LYS B CE  1 
ATOM   1159 N  NZ  . LYS B 1 53 ? -17.15132 9.70914   13.29753  1.000 58.05554  ? 53 LYS B NZ  1 
HETATM 1160 N  N   . MSE B 1 54 ? -10.84109 7.66934   11.01545  1.000 26.77693  ? 54 MSE B N   1 
HETATM 1161 C  CA  . MSE B 1 54 ? -9.61575  8.36061   10.63355  1.000 28.19135  ? 54 MSE B CA  1 
HETATM 1162 C  C   . MSE B 1 54 ? -8.73525  7.48332   9.75090   1.000 25.74411  ? 54 MSE B C   1 
HETATM 1163 O  O   . MSE B 1 54 ? -8.07651  7.97455   8.83391   1.000 40.51972  ? 54 MSE B O   1 
HETATM 1164 C  CB  . MSE B 1 54 ? -8.84091  8.79686   11.87781  1.000 47.03185  ? 54 MSE B CB  1 
HETATM 1165 C  CG  . MSE B 1 54 ? -7.55623  9.54919   11.58070  1.000 59.94916  ? 54 MSE B CG  1 
HETATM 1166 SE SE  . MSE B 1 54 ? -6.02741  8.81008   12.53615  1.000 123.31692 ? 54 MSE B SE  1 
HETATM 1167 C  CE  . MSE B 1 54 ? -5.73843  7.21503   11.45260  1.000 23.91229  ? 54 MSE B CE  1 
ATOM   1168 N  N   . ILE B 1 55 ? -8.72307  6.17993   10.03871  1.000 19.56833  ? 55 ILE B N   1 
ATOM   1169 C  CA  . ILE B 1 55 ? -7.94470  5.25012   9.22510   1.000 17.27964  ? 55 ILE B CA  1 
ATOM   1170 C  C   . ILE B 1 55 ? -8.48215  5.21426   7.80112   1.000 24.72448  ? 55 ILE B C   1 
ATOM   1171 O  O   . ILE B 1 55 ? -7.71371  5.20640   6.83153   1.000 27.80338  ? 55 ILE B O   1 
ATOM   1172 C  CB  . ILE B 1 55 ? -7.93600  3.85151   9.86724   1.000 20.24318  ? 55 ILE B CB  1 
ATOM   1173 C  CG1 . ILE B 1 55 ? -7.26138  3.90485   11.23656  1.000 27.06055  ? 55 ILE B CG1 1 
ATOM   1174 C  CG2 . ILE B 1 55 ? -7.21073  2.85993   8.97623   1.000 30.66638  ? 55 ILE B CG2 1 
ATOM   1175 C  CD1 . ILE B 1 55 ? -7.19057  2.56944   11.92661  1.000 34.64254  ? 55 ILE B CD1 1 
ATOM   1176 N  N   . GLN B 1 56 ? -9.80851  5.20881   7.64963   1.000 24.49814  ? 56 GLN B N   1 
ATOM   1177 C  CA  . GLN B 1 56 ? -10.38861 5.21071   6.31179   1.000 17.87380  ? 56 GLN B CA  1 
ATOM   1178 C  C   . GLN B 1 56 ? -10.14336 6.53506   5.60187   1.000 21.97109  ? 56 GLN B C   1 
ATOM   1179 O  O   . GLN B 1 56 ? -9.97012  6.55521   4.37792   1.000 31.44081  ? 56 GLN B O   1 
ATOM   1180 C  CB  . GLN B 1 56 ? -11.88575 4.91151   6.38130   1.000 24.06371  ? 56 GLN B CB  1 
ATOM   1181 C  CG  . GLN B 1 56 ? -12.45931 4.32725   5.09797   1.000 35.05419  ? 56 GLN B CG  1 
ATOM   1182 C  CD  . GLN B 1 56 ? -11.77657 3.03439   4.68771   1.000 46.49841  ? 56 GLN B CD  1 
ATOM   1183 O  OE1 . GLN B 1 56 ? -11.09053 2.97843   3.66661   1.000 45.72207  ? 56 GLN B OE1 1 
ATOM   1184 N  NE2 . GLN B 1 56 ? -11.96660 1.98549   5.48117   1.000 47.27533  ? 56 GLN B NE2 1 
ATOM   1185 N  N   . GLU B 1 57 ? -10.11879 7.64525   6.34491   1.000 21.86819  ? 57 GLU B N   1 
ATOM   1186 C  CA  . GLU B 1 57 ? -9.78476  8.92703   5.73210   1.000 30.07672  ? 57 GLU B CA  1 
ATOM   1187 C  C   . GLU B 1 57 ? -8.34736  8.92679   5.22841   1.000 29.44670  ? 57 GLU B C   1 
ATOM   1188 O  O   . GLU B 1 57 ? -8.06425  9.42524   4.13263   1.000 40.99076  ? 57 GLU B O   1 
ATOM   1189 C  CB  . GLU B 1 57 ? -10.00523 10.06634  6.72949   1.000 38.89846  ? 57 GLU B CB  1 
ATOM   1190 C  CG  . GLU B 1 57 ? -11.45149 10.24257  7.17507   1.000 54.33857  ? 57 GLU B CG  1 
ATOM   1191 C  CD  . GLU B 1 57 ? -11.62498 11.36285  8.18743   1.000 52.44744  ? 57 GLU B CD  1 
ATOM   1192 O  OE1 . GLU B 1 57 ? -10.70612 12.19973  8.31920   1.000 28.65081  ? 57 GLU B OE1 1 
ATOM   1193 O  OE2 . GLU B 1 57 ? -12.67990 11.40195  8.85661   1.000 38.38808  ? 57 GLU B OE2 1 
ATOM   1194 N  N   . HIS B 1 58 ? -7.42465  8.37084   6.01848   1.000 27.39095  ? 58 HIS B N   1 
ATOM   1195 C  CA  . HIS B 1 58 ? -6.04299  8.21985   5.57756   1.000 31.97580  ? 58 HIS B CA  1 
ATOM   1196 C  C   . HIS B 1 58 ? -5.89622  7.15210   4.50230   1.000 31.47282  ? 58 HIS B C   1 
ATOM   1197 O  O   . HIS B 1 58 ? -4.93082  7.19378   3.73200   1.000 26.21019  ? 58 HIS B O   1 
ATOM   1198 C  CB  . HIS B 1 58 ? -5.14107  7.89360   6.76763   1.000 33.84899  ? 58 HIS B CB  1 
ATOM   1199 C  CG  . HIS B 1 58 ? -4.75779  9.09179   7.57913   1.000 44.03941  ? 58 HIS B CG  1 
ATOM   1200 N  ND1 . HIS B 1 58 ? -5.68701  9.96641   8.10055   1.000 40.38874  ? 58 HIS B ND1 1 
ATOM   1201 C  CD2 . HIS B 1 58 ? -3.54560  9.55905   7.96102   1.000 32.89812  ? 58 HIS B CD2 1 
ATOM   1202 C  CE1 . HIS B 1 58 ? -5.06389  10.92236  8.76638   1.000 33.18571  ? 58 HIS B CE1 1 
ATOM   1203 N  NE2 . HIS B 1 58 ? -3.76397  10.69825  8.69741   1.000 45.45587  ? 58 HIS B NE2 1 
ATOM   1204 N  N   . THR B 1 59 ? -6.82784  6.19938   4.43438   1.000 30.65167  ? 59 THR B N   1 
ATOM   1205 C  CA  . THR B 1 59 ? -6.76426  5.16249   3.41094   1.000 21.76799  ? 59 THR B CA  1 
ATOM   1206 C  C   . THR B 1 59 ? -7.22902  5.69742   2.06299   1.000 30.17952  ? 59 THR B C   1 
ATOM   1207 O  O   . THR B 1 59 ? -6.56261  5.49290   1.04209   1.000 35.87864  ? 59 THR B O   1 
ATOM   1208 C  CB  . THR B 1 59 ? -7.60707  3.95637   3.82943   1.000 23.48954  ? 59 THR B CB  1 
ATOM   1209 O  OG1 . THR B 1 59 ? -7.03845  3.35910   5.00124   1.000 36.58884  ? 59 THR B OG1 1 
ATOM   1210 C  CG2 . THR B 1 59 ? -7.66686  2.92541   2.71076   1.000 21.12680  ? 59 THR B CG2 1 
ATOM   1211 N  N   . ASP B 1 60 ? -8.36596  6.39686   2.04225   1.000 25.74942  ? 60 ASP B N   1 
ATOM   1212 C  CA  . ASP B 1 60 ? -8.84424  6.96744   0.78952   1.000 23.09050  ? 60 ASP B CA  1 
ATOM   1213 C  C   . ASP B 1 60 ? -7.90478  8.05470   0.28736   1.000 25.56717  ? 60 ASP B C   1 
ATOM   1214 O  O   . ASP B 1 60 ? -7.77539  8.24904   -0.92636  1.000 34.52008  ? 60 ASP B O   1 
ATOM   1215 C  CB  . ASP B 1 60 ? -10.25849 7.52112   0.96454   1.000 34.48882  ? 60 ASP B CB  1 
ATOM   1216 C  CG  . ASP B 1 60 ? -11.25087 6.46094   1.40568   1.000 43.53833  ? 60 ASP B CG  1 
ATOM   1217 O  OD1 . ASP B 1 60 ? -11.20787 5.33805   0.85886   1.000 39.84422  ? 60 ASP B OD1 1 
ATOM   1218 O  OD2 . ASP B 1 60 ? -12.08317 6.75564   2.28959   1.000 31.79822  ? 60 ASP B OD2 1 
ATOM   1219 N  N   . LYS B 1 61 ? -7.23516  8.76078   1.20203   1.000 23.47677  ? 61 LYS B N   1 
ATOM   1220 C  CA  . LYS B 1 61 ? -6.29719  9.80297   0.80079   1.000 22.64812  ? 61 LYS B CA  1 
ATOM   1221 C  C   . LYS B 1 61 ? -5.08793  9.22053   0.08349   1.000 27.15710  ? 61 LYS B C   1 
ATOM   1222 O  O   . LYS B 1 61 ? -4.55951  9.84359   -0.84407  1.000 36.65438  ? 61 LYS B O   1 
ATOM   1223 C  CB  . LYS B 1 61 ? -5.84870  10.60972  2.01821   1.000 23.97582  ? 61 LYS B CB  1 
ATOM   1224 C  CG  . LYS B 1 61 ? -5.11080  11.89320  1.67408   1.000 25.38692  ? 61 LYS B CG  1 
ATOM   1225 C  CD  . LYS B 1 61 ? -5.14729  12.87388  2.83451   1.000 52.65638  ? 61 LYS B CD  1 
ATOM   1226 C  CE  . LYS B 1 61 ? -6.57649  13.18707  3.24897   1.000 56.11295  ? 61 LYS B CE  1 
ATOM   1227 N  NZ  . LYS B 1 61 ? -6.63161  13.89999  4.55554   1.000 59.15720  ? 61 LYS B NZ  1 
ATOM   1228 N  N   . PHE B 1 62 ? -4.64208  8.03245   0.48881   1.000 26.43660  ? 62 PHE B N   1 
ATOM   1229 C  CA  . PHE B 1 62 ? -3.45563  7.42661   -0.09970  1.000 24.62906  ? 62 PHE B CA  1 
ATOM   1230 C  C   . PHE B 1 62 ? -3.77962  6.59024   -1.32840  1.000 27.63312  ? 62 PHE B C   1 
ATOM   1231 O  O   . PHE B 1 62 ? -2.92028  6.43374   -2.20462  1.000 24.31878  ? 62 PHE B O   1 
ATOM   1232 C  CB  . PHE B 1 62 ? -2.75092  6.56779   0.96204   1.000 19.56538  ? 62 PHE B CB  1 
ATOM   1233 C  CG  . PHE B 1 62 ? -1.77508  5.56060   0.40937   1.000 15.43177  ? 62 PHE B CG  1 
ATOM   1234 C  CD1 . PHE B 1 62 ? -0.44447  5.89512   0.22557   1.000 36.91152  ? 62 PHE B CD1 1 
ATOM   1235 C  CD2 . PHE B 1 62 ? -2.17979  4.26665   0.11627   1.000 8.94382   ? 62 PHE B CD2 1 
ATOM   1236 C  CE1 . PHE B 1 62 ? 0.45643   4.96959   -0.26713  1.000 32.04161  ? 62 PHE B CE1 1 
ATOM   1237 C  CE2 . PHE B 1 62 ? -1.28339  3.33859   -0.37901  1.000 7.72285   ? 62 PHE B CE2 1 
ATOM   1238 C  CZ  . PHE B 1 62 ? 0.03557   3.68993   -0.56920  1.000 14.89412  ? 62 PHE B CZ  1 
ATOM   1239 N  N   . ASN B 1 63 ? -5.00674  6.07385   -1.43043  1.000 20.23398  ? 63 ASN B N   1 
ATOM   1240 C  CA  . ASN B 1 63 ? -5.44146  5.46059   -2.68083  1.000 23.54758  ? 63 ASN B CA  1 
ATOM   1241 C  C   . ASN B 1 63 ? -5.61595  6.50477   -3.77801  1.000 37.10533  ? 63 ASN B C   1 
ATOM   1242 O  O   . ASN B 1 63 ? -5.29729  6.24742   -4.94482  1.000 44.50727  ? 63 ASN B O   1 
ATOM   1243 C  CB  . ASN B 1 63 ? -6.73684  4.67928   -2.46360  1.000 38.68069  ? 63 ASN B CB  1 
ATOM   1244 C  CG  . ASN B 1 63 ? -6.49446  3.30371   -1.86560  1.000 37.49911  ? 63 ASN B CG  1 
ATOM   1245 O  OD1 . ASN B 1 63 ? -5.40776  2.74014   -1.99717  1.000 25.84871  ? 63 ASN B OD1 1 
ATOM   1246 N  ND2 . ASN B 1 63 ? -7.51425  2.75021   -1.21779  1.000 27.76697  ? 63 ASN B ND2 1 
ATOM   1247 N  N   . LYS B 1 64 ? -6.12335  7.68851   -3.42258  1.000 39.18373  ? 64 LYS B N   1 
ATOM   1248 C  CA  . LYS B 1 64 ? -6.27161  8.76015   -4.40279  1.000 35.53973  ? 64 LYS B CA  1 
ATOM   1249 C  C   . LYS B 1 64 ? -4.92024  9.33407   -4.80743  1.000 34.17022  ? 64 LYS B C   1 
ATOM   1250 O  O   . LYS B 1 64 ? -4.69161  9.62651   -5.98667  1.000 52.45875  ? 64 LYS B O   1 
ATOM   1251 C  CB  . LYS B 1 64 ? -7.17634  9.85933   -3.84414  1.000 47.25423  ? 64 LYS B CB  1 
ATOM   1252 C  CG  . LYS B 1 64 ? -7.48728  10.98368  -4.82464  1.000 63.91769  ? 64 LYS B CG  1 
ATOM   1253 C  CD  . LYS B 1 64 ? -8.49589  11.96382  -4.23692  1.000 51.00812  ? 64 LYS B CD  1 
ATOM   1254 C  CE  . LYS B 1 64 ? -9.83057  11.28491  -3.96448  1.000 58.42085  ? 64 LYS B CE  1 
ATOM   1255 N  NZ  . LYS B 1 64 ? -10.82497 12.21127  -3.35307  1.000 33.95390  ? 64 LYS B NZ  1 
ATOM   1256 N  N   . LYS B 1 65 ? -4.00827  9.49499   -3.84852  1.000 30.12395  ? 65 LYS B N   1 
ATOM   1257 C  CA  . LYS B 1 65 ? -2.69871  10.04950  -4.16271  1.000 34.55052  ? 65 LYS B CA  1 
ATOM   1258 C  C   . LYS B 1 65 ? -1.83025  9.08706   -4.95934  1.000 40.77237  ? 65 LYS B C   1 
ATOM   1259 O  O   . LYS B 1 65 ? -0.82313  9.51970   -5.52978  1.000 44.78313  ? 65 LYS B O   1 
ATOM   1260 C  CB  . LYS B 1 65 ? -1.97879  10.45648  -2.87541  1.000 35.14196  ? 65 LYS B CB  1 
ATOM   1261 C  CG  . LYS B 1 65 ? -2.39804  11.81552  -2.33413  1.000 36.49368  ? 65 LYS B CG  1 
ATOM   1262 C  CD  . LYS B 1 65 ? -1.68501  12.13639  -1.02995  1.000 44.23464  ? 65 LYS B CD  1 
ATOM   1263 C  CE  . LYS B 1 65 ? -2.14475  13.46990  -0.46292  1.000 42.26025  ? 65 LYS B CE  1 
ATOM   1264 N  NZ  . LYS B 1 65 ? -1.61753  13.70247  0.91026   1.000 33.07920  ? 65 LYS B NZ  1 
HETATM 1265 N  N   . MSE B 1 66 ? -2.19151  7.80860   -5.01887  1.000 39.96420  ? 66 MSE B N   1 
HETATM 1266 C  CA  . MSE B 1 66 ? -1.43139  6.84238   -5.80217  1.000 36.58264  ? 66 MSE B CA  1 
HETATM 1267 C  C   . MSE B 1 66 ? -1.88597  6.85015   -7.25528  1.000 31.27740  ? 66 MSE B C   1 
HETATM 1268 O  O   . MSE B 1 66 ? -1.06834  6.76168   -8.17087  1.000 33.27708  ? 66 MSE B O   1 
HETATM 1269 C  CB  . MSE B 1 66 ? -1.55679  5.43795   -5.20939  1.000 37.21764  ? 66 MSE B CB  1 
HETATM 1270 C  CG  . MSE B 1 66 ? -0.70737  4.39400   -5.92464  1.000 47.00910  ? 66 MSE B CG  1 
HETATM 1271 SE SE  . MSE B 1 66 ? -0.67411  2.67384   -5.01072  1.000 52.27007  ? 66 MSE B SE  1 
HETATM 1272 C  CE  . MSE B 1 66 ? -2.58919  2.52652   -4.64674  1.000 45.76649  ? 66 MSE B CE  1 
ATOM   1273 N  N   . ARG B 1 67 ? -3.19944  6.96121   -7.46151  1.000 34.68034  ? 67 ARG B N   1 
ATOM   1274 C  CA  . ARG B 1 67 ? -3.71759  7.10870   -8.81660  1.000 45.77502  ? 67 ARG B CA  1 
ATOM   1275 C  C   . ARG B 1 67 ? -3.29379  8.43664   -9.43055  1.000 45.03914  ? 67 ARG B C   1 
ATOM   1276 O  O   . ARG B 1 67 ? -3.07489  8.51524   -10.64465 1.000 47.14954  ? 67 ARG B O   1 
ATOM   1277 C  CB  . ARG B 1 67 ? -5.24130  6.97868   -8.81189  1.000 46.06720  ? 67 ARG B CB  1 
ATOM   1278 C  CG  . ARG B 1 67 ? -5.73808  5.62196   -8.33690  1.000 45.66540  ? 67 ARG B CG  1 
ATOM   1279 C  CD  . ARG B 1 67 ? -7.23834  5.47652   -8.52310  1.000 43.62133  ? 67 ARG B CD  1 
ATOM   1280 N  NE  . ARG B 1 67 ? -7.98290  6.29132   -7.56660  1.000 35.40561  ? 67 ARG B NE  1 
ATOM   1281 C  CZ  . ARG B 1 67 ? -8.43890  5.84553   -6.40035  1.000 40.59074  ? 67 ARG B CZ  1 
ATOM   1282 N  NH1 . ARG B 1 67 ? -8.22635  4.58706   -6.03862  1.000 33.84196  ? 67 ARG B NH1 1 
ATOM   1283 N  NH2 . ARG B 1 67 ? -9.10630  6.65871   -5.59366  1.000 42.19798  ? 67 ARG B NH2 1 
ATOM   1284 N  N   . GLU B 1 68 ? -3.16083  9.48278   -8.61101  1.000 43.45134  ? 68 GLU B N   1 
ATOM   1285 C  CA  . GLU B 1 68 ? -2.64587  10.75220  -9.11292  1.000 55.83745  ? 68 GLU B CA  1 
ATOM   1286 C  C   . GLU B 1 68 ? -1.20802  10.60656  -9.59455  1.000 55.74461  ? 68 GLU B C   1 
ATOM   1287 O  O   . GLU B 1 68 ? -0.82523  11.18494  -10.61868 1.000 67.75149  ? 68 GLU B O   1 
ATOM   1288 C  CB  . GLU B 1 68 ? -2.74842  11.82315  -8.02475  1.000 61.68376  ? 68 GLU B CB  1 
ATOM   1289 C  CG  . GLU B 1 68 ? -2.12473  13.16107  -8.39509  1.000 89.45888  ? 68 GLU B CG  1 
ATOM   1290 C  CD  . GLU B 1 68 ? -2.19563  14.17495  -7.26665  1.000 86.98686  ? 68 GLU B CD  1 
ATOM   1291 O  OE1 . GLU B 1 68 ? -2.79910  13.86218  -6.21829  1.000 71.01045  ? 68 GLU B OE1 1 
ATOM   1292 O  OE2 . GLU B 1 68 ? -1.64679  15.28583  -7.42928  1.000 83.88415  ? 68 GLU B OE2 1 
ATOM   1293 N  N   . HIS B 1 69 ? -0.39860  9.82824   -8.87306  1.000 44.95076  ? 69 HIS B N   1 
ATOM   1294 C  CA  . HIS B 1 69 ? 0.97071   9.58059   -9.30914  1.000 37.93237  ? 69 HIS B CA  1 
ATOM   1295 C  C   . HIS B 1 69 ? 1.01683   8.63778   -10.50479 1.000 37.33559  ? 69 HIS B C   1 
ATOM   1296 O  O   . HIS B 1 69 ? 1.95810   8.69900   -11.30334 1.000 40.81024  ? 69 HIS B O   1 
ATOM   1297 C  CB  . HIS B 1 69 ? 1.79674   9.02043   -8.15409  1.000 41.95944  ? 69 HIS B CB  1 
ATOM   1298 C  CG  . HIS B 1 69 ? 3.26437   8.94893   -8.43944  1.000 44.24663  ? 69 HIS B CG  1 
ATOM   1299 N  ND1 . HIS B 1 69 ? 3.95279   7.75689   -8.50389  1.000 40.60582  ? 69 HIS B ND1 1 
ATOM   1300 C  CD2 . HIS B 1 69 ? 4.17614   9.92274   -8.67291  1.000 44.57031  ? 69 HIS B CD2 1 
ATOM   1301 C  CE1 . HIS B 1 69 ? 5.22491   7.99876   -8.76477  1.000 36.85308  ? 69 HIS B CE1 1 
ATOM   1302 N  NE2 . HIS B 1 69 ? 5.38678   9.30513   -8.87350  1.000 36.21585  ? 69 HIS B NE2 1 
ATOM   1303 N  N   . SER B 1 70 ? 0.02649   7.75094   -10.63636 1.000 46.54721  ? 70 SER B N   1 
ATOM   1304 C  CA  . SER B 1 70 ? -0.01880  6.86617   -11.79649 1.000 48.24465  ? 70 SER B CA  1 
ATOM   1305 C  C   . SER B 1 70 ? -0.41197  7.62991   -13.05425 1.000 54.96662  ? 70 SER B C   1 
ATOM   1306 O  O   . SER B 1 70 ? 0.16875   7.41435   -14.12455 1.000 57.60705  ? 70 SER B O   1 
ATOM   1307 C  CB  . SER B 1 70 ? -0.99278  5.71445   -11.54543 1.000 36.93189  ? 70 SER B CB  1 
ATOM   1308 O  OG  . SER B 1 70 ? -0.51870  4.85001   -10.52693 1.000 38.08566  ? 70 SER B OG  1 
ATOM   1309 N  N   . GLU B 1 71 ? -1.39768  8.52530   -12.94383 1.000 55.18085  ? 71 GLU B N   1 
ATOM   1310 C  CA  . GLU B 1 71 ? -1.77652  9.36052   -14.07982 1.000 63.33521  ? 71 GLU B CA  1 
ATOM   1311 C  C   . GLU B 1 71 ? -0.62666  10.26572  -14.50497 1.000 50.54814  ? 71 GLU B C   1 
ATOM   1312 O  O   . GLU B 1 71 ? -0.43554  10.52171  -15.69978 1.000 46.78317  ? 71 GLU B O   1 
ATOM   1313 C  CB  . GLU B 1 71 ? -3.01695  10.18790  -13.73818 1.000 69.00344  ? 71 GLU B CB  1 
ATOM   1314 C  CG  . GLU B 1 71 ? -4.28096  9.36664   -13.51720 1.000 76.52338  ? 71 GLU B CG  1 
ATOM   1315 C  CD  . GLU B 1 71 ? -5.45497  10.21418  -13.05809 1.000 96.30438  ? 71 GLU B CD  1 
ATOM   1316 O  OE1 . GLU B 1 71 ? -5.28186  11.44279  -12.91242 1.000 95.58557  ? 71 GLU B OE1 1 
ATOM   1317 O  OE2 . GLU B 1 71 ? -6.54994  9.65244   -12.84046 1.000 79.82937  ? 71 GLU B OE2 1 
ATOM   1318 N  N   . HIS B 1 72 ? 0.15020   10.76159  -13.53824 1.000 42.87552  ? 72 HIS B N   1 
ATOM   1319 C  CA  . HIS B 1 72 ? 1.30642   11.58722  -13.86887 1.000 48.34382  ? 72 HIS B CA  1 
ATOM   1320 C  C   . HIS B 1 72 ? 2.37939   10.79177  -14.60245 1.000 59.44738  ? 72 HIS B C   1 
ATOM   1321 O  O   . HIS B 1 72 ? 3.10132   11.35218  -15.43485 1.000 66.65338  ? 72 HIS B O   1 
ATOM   1322 C  CB  . HIS B 1 72 ? 1.88089   12.20772  -12.59392 1.000 44.09252  ? 72 HIS B CB  1 
ATOM   1323 C  CG  . HIS B 1 72 ? 3.14851   12.97437  -12.80947 1.000 62.77788  ? 72 HIS B CG  1 
ATOM   1324 N  ND1 . HIS B 1 72 ? 3.16423   14.27640  -13.26115 1.000 93.54274  ? 72 HIS B ND1 1 
ATOM   1325 C  CD2 . HIS B 1 72 ? 4.44381   12.62291  -12.62982 1.000 54.85038  ? 72 HIS B CD2 1 
ATOM   1326 C  CE1 . HIS B 1 72 ? 4.41454   14.69305  -13.35339 1.000 95.88791  ? 72 HIS B CE1 1 
ATOM   1327 N  NE2 . HIS B 1 72 ? 5.21063   13.70898  -12.97583 1.000 76.09013  ? 72 HIS B NE2 1 
ATOM   1328 N  N   . PHE B 1 73 ? 2.49876   9.49363   -14.31533 1.000 64.97763  ? 73 PHE B N   1 
ATOM   1329 C  CA  . PHE B 1 73 ? 3.47285   8.66083   -15.01494 1.000 63.93703  ? 73 PHE B CA  1 
ATOM   1330 C  C   . PHE B 1 73 ? 3.00829   8.29602   -16.41970 1.000 59.81129  ? 73 PHE B C   1 
ATOM   1331 O  O   . PHE B 1 73 ? 3.82038   8.26368   -17.35114 1.000 62.35260  ? 73 PHE B O   1 
ATOM   1332 C  CB  . PHE B 1 73 ? 3.77858   7.40100   -14.20554 1.000 58.87109  ? 73 PHE B CB  1 
ATOM   1333 C  CG  . PHE B 1 73 ? 4.94423   7.55514   -13.27430 1.000 47.20563  ? 73 PHE B CG  1 
ATOM   1334 C  CD1 . PHE B 1 73 ? 5.34260   6.51096   -12.45831 1.000 52.47241  ? 73 PHE B CD1 1 
ATOM   1335 C  CD2 . PHE B 1 73 ? 5.65116   8.74548   -13.22629 1.000 43.54209  ? 73 PHE B CD2 1 
ATOM   1336 C  CE1 . PHE B 1 73 ? 6.42023   6.65377   -11.60630 1.000 56.32056  ? 73 PHE B CE1 1 
ATOM   1337 C  CE2 . PHE B 1 73 ? 6.72839   8.89491   -12.37619 1.000 45.83580  ? 73 PHE B CE2 1 
ATOM   1338 C  CZ  . PHE B 1 73 ? 7.11384   7.84793   -11.56524 1.000 53.76863  ? 73 PHE B CZ  1 
ATOM   1339 N  N   . LYS B 1 74 ? 1.71675   7.99573   -16.58709 1.000 43.78658  ? 74 LYS B N   1 
ATOM   1340 C  CA  . LYS B 1 74 ? 1.20137   7.65991   -17.91151 1.000 47.04094  ? 74 LYS B CA  1 
ATOM   1341 C  C   . LYS B 1 74 ? 1.40187   8.80992   -18.89008 1.000 61.64926  ? 74 LYS B C   1 
ATOM   1342 O  O   . LYS B 1 74 ? 1.72683   8.58813   -20.06238 1.000 60.22094  ? 74 LYS B O   1 
ATOM   1343 C  CB  . LYS B 1 74 ? -0.27758  7.28250   -17.82771 1.000 38.20945  ? 74 LYS B CB  1 
ATOM   1344 C  CG  . LYS B 1 74 ? -0.57336  6.07993   -16.94805 1.000 42.66857  ? 74 LYS B CG  1 
ATOM   1345 C  CD  . LYS B 1 74 ? -2.06886  5.81749   -16.86836 1.000 35.20373  ? 74 LYS B CD  1 
ATOM   1346 C  CE  . LYS B 1 74 ? -2.38904  4.70609   -15.88277 1.000 26.10115  ? 74 LYS B CE  1 
ATOM   1347 N  NZ  . LYS B 1 74 ? -3.84526  4.39850   -15.84941 1.000 35.99712  ? 74 LYS B NZ  1 
ATOM   1348 N  N   . ALA B 1 75 ? 1.20045   10.04643  -18.42962 1.000 64.07984  ? 75 ALA B N   1 
ATOM   1349 C  CA  . ALA B 1 75 ? 1.36992   11.19938  -19.30694 1.000 52.95550  ? 75 ALA B CA  1 
ATOM   1350 C  C   . ALA B 1 75 ? 2.81745   11.33758  -19.76002 1.000 58.37568  ? 75 ALA B C   1 
ATOM   1351 O  O   . ALA B 1 75 ? 3.08360   11.64153  -20.92884 1.000 81.16537  ? 75 ALA B O   1 
ATOM   1352 C  CB  . ALA B 1 75 ? 0.90328   12.47168  -18.60066 1.000 66.89493  ? 75 ALA B CB  1 
ATOM   1353 N  N   . LYS B 1 76 ? 3.76856   11.12276  -18.84749 1.000 52.88204  ? 76 LYS B N   1 
ATOM   1354 C  CA  . LYS B 1 76 ? 5.17610   11.21930  -19.21925 1.000 74.85044  ? 76 LYS B CA  1 
ATOM   1355 C  C   . LYS B 1 76 ? 5.59767   10.07515  -20.13349 1.000 75.13772  ? 76 LYS B C   1 
ATOM   1356 O  O   . LYS B 1 76 ? 6.51588   10.23933  -20.94495 1.000 87.00972  ? 76 LYS B O   1 
ATOM   1357 C  CB  . LYS B 1 76 ? 6.05225   11.23549  -17.96543 1.000 69.70588  ? 76 LYS B CB  1 
ATOM   1358 C  CG  . LYS B 1 76 ? 5.74911   12.36780  -16.99633 1.000 85.00744  ? 76 LYS B CG  1 
ATOM   1359 C  CD  . LYS B 1 76 ? 6.03543   13.72901  -17.60682 1.000 104.93481 ? 76 LYS B CD  1 
ATOM   1360 C  CE  . LYS B 1 76 ? 5.74822   14.84377  -16.61216 1.000 105.18087 ? 76 LYS B CE  1 
ATOM   1361 N  NZ  . LYS B 1 76 ? 5.89819   16.19392  -17.22171 1.000 129.14318 ? 76 LYS B NZ  1 
ATOM   1362 N  N   . PHE B 1 77 ? 4.94546   8.91613   -20.02068 1.000 69.02074  ? 77 PHE B N   1 
ATOM   1363 C  CA  . PHE B 1 77 ? 5.27960   7.78519   -20.88028 1.000 60.73670  ? 77 PHE B CA  1 
ATOM   1364 C  C   . PHE B 1 77 ? 4.68479   7.94022   -22.27589 1.000 60.24465  ? 77 PHE B C   1 
ATOM   1365 O  O   . PHE B 1 77 ? 5.31228   7.54862   -23.26614 1.000 65.80934  ? 77 PHE B O   1 
ATOM   1366 C  CB  . PHE B 1 77 ? 4.80365   6.48181   -20.23404 1.000 54.42468  ? 77 PHE B CB  1 
ATOM   1367 C  CG  . PHE B 1 77 ? 5.19725   5.24344   -20.99218 1.000 49.10499  ? 77 PHE B CG  1 
ATOM   1368 C  CD1 . PHE B 1 77 ? 6.52294   4.84750   -21.05968 1.000 44.06570  ? 77 PHE B CD1 1 
ATOM   1369 C  CD2 . PHE B 1 77 ? 4.24006   4.46942   -21.62704 1.000 41.54852  ? 77 PHE B CD2 1 
ATOM   1370 C  CE1 . PHE B 1 77 ? 6.88804   3.70715   -21.75216 1.000 28.57325  ? 77 PHE B CE1 1 
ATOM   1371 C  CE2 . PHE B 1 77 ? 4.59754   3.32732   -22.32201 1.000 31.85415  ? 77 PHE B CE2 1 
ATOM   1372 C  CZ  . PHE B 1 77 ? 5.92328   2.94606   -22.38442 1.000 30.85246  ? 77 PHE B CZ  1 
ATOM   1373 N  N   . ALA B 1 78 ? 3.48044   8.50991   -22.37465 1.000 67.73313  ? 78 ALA B N   1 
ATOM   1374 C  CA  . ALA B 1 78 ? 2.86043   8.71494   -23.68123 1.000 79.75426  ? 78 ALA B CA  1 
ATOM   1375 C  C   . ALA B 1 78 ? 3.58831   9.78306   -24.48866 1.000 77.49334  ? 78 ALA B C   1 
ATOM   1376 O  O   . ALA B 1 78 ? 3.70378   9.66928   -25.71498 1.000 55.16641  ? 78 ALA B O   1 
ATOM   1377 C  CB  . ALA B 1 78 ? 1.38724   9.08503   -23.51259 1.000 75.95829  ? 78 ALA B CB  1 
ATOM   1378 N  N   . GLU B 1 79 ? 4.07759   10.83255  -23.82252 1.000 80.02379  ? 79 GLU B N   1 
ATOM   1379 C  CA  . GLU B 1 79 ? 4.79798   11.88671  -24.52988 1.000 91.66855  ? 79 GLU B CA  1 
ATOM   1380 C  C   . GLU B 1 79 ? 6.12194   11.38672  -25.09584 1.000 99.43812  ? 79 GLU B C   1 
ATOM   1381 O  O   . GLU B 1 79 ? 6.60957   11.92527  -26.09647 1.000 126.91120 ? 79 GLU B O   1 
ATOM   1382 C  CB  . GLU B 1 79 ? 5.02754   13.07925  -23.60032 1.000 93.62818  ? 79 GLU B CB  1 
ATOM   1383 C  CG  . GLU B 1 79 ? 5.54471   14.32720  -24.30153 1.000 115.16699 ? 79 GLU B CG  1 
ATOM   1384 C  CD  . GLU B 1 79 ? 5.66972   15.51428  -23.36649 1.000 141.94190 ? 79 GLU B CD  1 
ATOM   1385 O  OE1 . GLU B 1 79 ? 5.89057   15.30102  -22.15559 1.000 154.34318 ? 79 GLU B OE1 1 
ATOM   1386 O  OE2 . GLU B 1 79 ? 5.54448   16.66191  -23.84396 1.000 114.70195 ? 79 GLU B OE2 1 
ATOM   1387 N  N   . LEU B 1 80 ? 6.71112   10.36568  -24.48290 1.000 82.81539  ? 80 LEU B N   1 
ATOM   1388 C  CA  . LEU B 1 80 ? 7.95709   9.79263   -24.97749 1.000 79.01242  ? 80 LEU B CA  1 
ATOM   1389 C  C   . LEU B 1 80 ? 7.71160   8.92071   -26.20570 1.000 71.21156  ? 80 LEU B C   1 
ATOM   1390 O  O   . LEU B 1 80 ? 6.56740   8.62392   -26.55120 1.000 51.70383  ? 80 LEU B O   1 
ATOM   1391 C  CB  . LEU B 1 80 ? 8.64162   8.97418   -23.88226 1.000 80.71689  ? 80 LEU B CB  1 
ATOM   1392 C  CG  . LEU B 1 80 ? 9.88969   8.19642   -24.30396 1.000 93.44323  ? 80 LEU B CG  1 
ATOM   1393 C  CD1 . LEU B 1 80 ? 11.02547  9.14236   -24.66684 1.000 96.86602  ? 80 LEU B CD1 1 
ATOM   1394 C  CD2 . LEU B 1 80 ? 10.31287  7.23371   -23.20704 1.000 76.55477  ? 80 LEU B CD2 1 
# 
